data_3WXJ
#
_entry.id   3WXJ
#
_cell.length_a   64.165
_cell.length_b   120.890
_cell.length_c   153.553
_cell.angle_alpha   90.00
_cell.angle_beta   90.02
_cell.angle_gamma   90.00
#
_symmetry.space_group_name_H-M   'P 1 21 1'
#
loop_
_entity.id
_entity.type
_entity.pdbx_description
1 polymer 'Glycerol kinase'
2 non-polymer GLYCEROL
3 non-polymer SN-GLYCEROL-3-PHOSPHATE
4 water water
#
_entity_poly.entity_id   1
_entity_poly.type   'polypeptide(L)'
_entity_poly.pdbx_seq_one_letter_code
;GIDPFTMKYVGSIDQGTTSTRFIIFDERQRPVSVHQVPHTQHTPHPGWLEHDPMEIFRSACKCMSVAIAKLRQKDASFRK
IEAIGITNQRETTVAWDRVTKEPLCYAPVWNDLRTYDITKKVTAELGGGDSMFASKITGLPVSTYFAAFKMRWMLENVPA
VADACRRGTLCFGTIDTWLMYKLSGGKAFVTDVTNASRTFLMDLRTRKWSPELCEKLKIPMETLPEIRSNSELFGYVETD
ECGVAAALNERTPIMGSIGDQQSALFGNMCFEKGEAKNTYGTGCFLLMNVGEEARFSKHGLLSTVGFQVGRDGPCYYALE
GAIACAGATVEWMRRNMNLFSHITECEKLARSVPGTQGIVFVPAFSGLLAPYWDPSARGTIVGMTLKTTRAHVIRAALQA
IALQLNDVVGSMKRDAGLNLSSLRVDGGLSKNGLLMEIQASLLGVDILVPSMHETTALGAALCAGLAAGVWTSLEEVKAV
SRRENSWKTVSPSGSAMEREAMIAEWREALKRTKWAKL
;
_entity_poly.pdbx_strand_id   A,B,C,D
#
# COMPACT_ATOMS: atom_id res chain seq x y z
N PHE A 5 -1.82 17.21 -42.38
CA PHE A 5 -0.91 16.46 -43.29
C PHE A 5 -1.39 15.03 -43.61
N THR A 6 -1.72 14.27 -42.58
CA THR A 6 -2.16 12.87 -42.73
C THR A 6 -3.51 12.66 -42.07
N MET A 7 -4.10 11.49 -42.27
CA MET A 7 -5.27 11.09 -41.51
C MET A 7 -4.81 10.49 -40.21
N LYS A 8 -5.28 11.05 -39.09
CA LYS A 8 -4.87 10.63 -37.76
C LYS A 8 -5.71 9.46 -37.25
N TYR A 9 -5.09 8.60 -36.45
CA TYR A 9 -5.78 7.46 -35.83
C TYR A 9 -5.30 7.23 -34.41
N VAL A 10 -6.25 7.04 -33.49
CA VAL A 10 -5.91 6.70 -32.10
C VAL A 10 -6.50 5.33 -31.73
N GLY A 11 -5.65 4.45 -31.19
CA GLY A 11 -6.06 3.10 -30.77
C GLY A 11 -6.43 3.05 -29.30
N SER A 12 -7.32 2.11 -28.95
CA SER A 12 -7.77 1.93 -27.57
C SER A 12 -7.88 0.45 -27.19
N ILE A 13 -7.38 0.10 -26.01
CA ILE A 13 -7.52 -1.25 -25.49
C ILE A 13 -8.62 -1.31 -24.41
N ASP A 14 -9.77 -1.84 -24.81
CA ASP A 14 -10.90 -2.02 -23.92
C ASP A 14 -10.72 -3.38 -23.28
N GLN A 15 -10.45 -3.42 -21.98
CA GLN A 15 -9.99 -4.64 -21.34
C GLN A 15 -11.03 -5.14 -20.34
N GLY A 16 -12.03 -5.84 -20.85
CA GLY A 16 -13.19 -6.14 -20.03
C GLY A 16 -12.95 -7.34 -19.14
N THR A 17 -13.85 -7.50 -18.19
CA THR A 17 -13.94 -8.73 -17.44
C THR A 17 -13.84 -9.95 -18.40
N THR A 18 -14.79 -10.09 -19.31
CA THR A 18 -14.86 -11.29 -20.14
C THR A 18 -14.04 -11.20 -21.42
N SER A 19 -14.17 -10.10 -22.16
CA SER A 19 -13.42 -9.93 -23.40
C SER A 19 -12.57 -8.68 -23.38
N THR A 20 -11.55 -8.67 -24.25
CA THR A 20 -10.69 -7.51 -24.48
C THR A 20 -10.84 -7.13 -25.94
N ARG A 21 -11.27 -5.89 -26.23
CA ARG A 21 -11.29 -5.40 -27.62
C ARG A 21 -10.13 -4.45 -27.93
N PHE A 22 -9.73 -4.37 -29.20
CA PHE A 22 -8.87 -3.29 -29.64
C PHE A 22 -9.62 -2.52 -30.68
N ILE A 23 -9.72 -1.21 -30.47
CA ILE A 23 -10.54 -0.40 -31.35
C ILE A 23 -9.74 0.75 -31.89
N ILE A 24 -9.73 0.90 -33.20
CA ILE A 24 -9.08 2.06 -33.78
C ILE A 24 -10.11 3.16 -34.17
N PHE A 25 -9.85 4.37 -33.69
CA PHE A 25 -10.63 5.55 -34.05
C PHE A 25 -9.85 6.46 -35.01
N ASP A 26 -10.53 6.95 -36.05
CA ASP A 26 -10.02 8.08 -36.81
C ASP A 26 -10.52 9.34 -36.11
N GLU A 27 -10.03 10.51 -36.53
CA GLU A 27 -10.14 11.74 -35.72
C GLU A 27 -11.52 12.35 -35.55
N ARG A 28 -12.51 11.79 -36.23
CA ARG A 28 -13.91 12.15 -35.99
C ARG A 28 -14.54 11.21 -34.96
N GLN A 29 -13.68 10.45 -34.29
CA GLN A 29 -14.04 9.51 -33.24
C GLN A 29 -14.96 8.38 -33.74
N ARG A 30 -14.77 7.98 -34.99
CA ARG A 30 -15.48 6.83 -35.57
C ARG A 30 -14.70 5.58 -35.18
N PRO A 31 -15.39 4.52 -34.77
CA PRO A 31 -14.73 3.20 -34.74
C PRO A 31 -14.57 2.65 -36.15
N VAL A 32 -13.33 2.58 -36.63
CA VAL A 32 -13.02 2.12 -37.98
C VAL A 32 -12.44 0.70 -38.03
N SER A 33 -12.11 0.12 -36.87
CA SER A 33 -11.68 -1.29 -36.86
C SER A 33 -11.70 -1.91 -35.47
N VAL A 34 -12.30 -3.08 -35.35
CA VAL A 34 -12.36 -3.77 -34.07
C VAL A 34 -11.96 -5.25 -34.14
N HIS A 35 -11.34 -5.76 -33.08
CA HIS A 35 -11.11 -7.20 -32.90
C HIS A 35 -11.23 -7.56 -31.43
N GLN A 36 -12.08 -8.57 -31.17
CA GLN A 36 -12.40 -8.99 -29.82
C GLN A 36 -11.87 -10.39 -29.59
N VAL A 37 -11.28 -10.60 -28.43
CA VAL A 37 -10.81 -11.92 -28.01
C VAL A 37 -11.20 -12.11 -26.53
N PRO A 38 -11.94 -13.19 -26.21
CA PRO A 38 -12.27 -13.45 -24.81
C PRO A 38 -11.14 -14.18 -24.11
N HIS A 39 -11.30 -14.42 -22.81
CA HIS A 39 -10.31 -15.14 -22.05
C HIS A 39 -10.98 -15.93 -20.94
N THR A 40 -10.30 -16.98 -20.48
CA THR A 40 -10.85 -17.94 -19.53
C THR A 40 -11.15 -17.35 -18.15
N GLN A 41 -12.36 -17.61 -17.69
CA GLN A 41 -12.82 -17.20 -16.37
C GLN A 41 -12.62 -18.31 -15.34
N HIS A 42 -11.36 -18.56 -14.98
CA HIS A 42 -11.01 -19.56 -13.97
C HIS A 42 -11.75 -19.25 -12.69
N THR A 43 -12.56 -20.21 -12.24
CA THR A 43 -13.27 -20.10 -10.94
C THR A 43 -12.90 -21.26 -10.00
N PRO A 44 -11.85 -21.06 -9.18
CA PRO A 44 -11.28 -22.15 -8.37
C PRO A 44 -12.20 -22.58 -7.23
N HIS A 45 -13.11 -21.69 -6.81
CA HIS A 45 -14.05 -21.93 -5.72
C HIS A 45 -15.30 -21.07 -5.95
N PRO A 46 -16.48 -21.53 -5.46
CA PRO A 46 -17.66 -20.70 -5.62
C PRO A 46 -17.48 -19.39 -4.84
N GLY A 47 -17.36 -18.28 -5.59
CA GLY A 47 -17.08 -16.96 -5.03
C GLY A 47 -15.72 -16.41 -5.49
N TRP A 48 -14.94 -17.25 -6.15
CA TRP A 48 -13.59 -16.86 -6.58
C TRP A 48 -13.55 -16.68 -8.10
N LEU A 49 -12.81 -15.66 -8.55
CA LEU A 49 -12.64 -15.41 -9.97
C LEU A 49 -11.26 -14.83 -10.24
N GLU A 50 -10.59 -15.36 -11.26
CA GLU A 50 -9.27 -14.89 -11.66
C GLU A 50 -9.08 -15.11 -13.16
N HIS A 51 -8.03 -14.51 -13.72
CA HIS A 51 -7.73 -14.63 -15.14
C HIS A 51 -6.22 -14.86 -15.29
N ASP A 52 -5.77 -15.13 -16.51
CA ASP A 52 -4.34 -15.25 -16.77
C ASP A 52 -3.83 -13.97 -17.42
N PRO A 53 -2.94 -13.24 -16.73
CA PRO A 53 -2.47 -11.95 -17.26
C PRO A 53 -1.72 -12.10 -18.59
N MET A 54 -0.88 -13.12 -18.69
CA MET A 54 -0.21 -13.44 -19.95
C MET A 54 -1.20 -13.96 -21.02
N GLU A 55 -2.42 -14.34 -20.61
CA GLU A 55 -3.46 -14.61 -21.61
C GLU A 55 -4.05 -13.29 -22.12
N ILE A 56 -4.44 -12.43 -21.18
CA ILE A 56 -4.94 -11.08 -21.48
C ILE A 56 -3.95 -10.30 -22.34
N PHE A 57 -2.71 -10.17 -21.87
CA PHE A 57 -1.67 -9.53 -22.68
C PHE A 57 -1.67 -10.10 -24.10
N ARG A 58 -1.86 -11.41 -24.21
CA ARG A 58 -1.88 -12.07 -25.52
C ARG A 58 -3.12 -11.67 -26.34
N SER A 59 -4.30 -11.85 -25.74
CA SER A 59 -5.56 -11.38 -26.31
C SER A 59 -5.40 -9.97 -26.86
N ALA A 60 -4.96 -9.06 -26.01
CA ALA A 60 -4.69 -7.68 -26.38
C ALA A 60 -3.79 -7.53 -27.63
N CYS A 61 -2.72 -8.32 -27.67
CA CYS A 61 -1.80 -8.37 -28.82
C CYS A 61 -2.46 -8.94 -30.07
N LYS A 62 -3.47 -9.78 -29.86
CA LYS A 62 -4.24 -10.37 -30.95
C LYS A 62 -5.14 -9.30 -31.53
N CYS A 63 -5.95 -8.68 -30.67
CA CYS A 63 -6.80 -7.58 -31.07
C CYS A 63 -5.99 -6.51 -31.80
N MET A 64 -4.92 -6.02 -31.17
CA MET A 64 -4.05 -5.02 -31.81
C MET A 64 -3.53 -5.49 -33.15
N SER A 65 -2.92 -6.67 -33.17
CA SER A 65 -2.47 -7.31 -34.39
C SER A 65 -3.54 -7.42 -35.48
N VAL A 66 -4.76 -7.79 -35.10
CA VAL A 66 -5.79 -8.02 -36.10
C VAL A 66 -6.49 -6.73 -36.53
N ALA A 67 -6.95 -5.94 -35.56
CA ALA A 67 -7.59 -4.66 -35.86
C ALA A 67 -6.76 -3.82 -36.83
N ILE A 68 -5.45 -3.73 -36.59
CA ILE A 68 -4.50 -3.07 -37.50
C ILE A 68 -4.45 -3.75 -38.87
N ALA A 69 -4.47 -5.07 -38.89
CA ALA A 69 -4.46 -5.79 -40.17
C ALA A 69 -5.72 -5.47 -40.96
N LYS A 70 -6.87 -5.53 -40.29
CA LYS A 70 -8.16 -5.33 -40.94
C LYS A 70 -8.30 -3.93 -41.55
N LEU A 71 -7.91 -2.92 -40.76
CA LEU A 71 -7.96 -1.51 -41.18
C LEU A 71 -7.01 -1.25 -42.34
N ARG A 72 -5.81 -1.81 -42.27
CA ARG A 72 -4.81 -1.63 -43.31
C ARG A 72 -5.36 -2.03 -44.70
N GLN A 73 -6.37 -2.91 -44.74
CA GLN A 73 -6.94 -3.44 -45.99
C GLN A 73 -8.03 -2.55 -46.59
N LYS A 74 -8.80 -1.87 -45.75
CA LYS A 74 -9.97 -1.12 -46.23
C LYS A 74 -9.83 0.43 -46.26
N ASP A 75 -8.73 0.93 -45.71
CA ASP A 75 -8.46 2.35 -45.61
C ASP A 75 -7.09 2.61 -46.23
N ALA A 76 -7.06 3.13 -47.46
CA ALA A 76 -5.77 3.35 -48.11
C ALA A 76 -4.86 4.41 -47.42
N SER A 77 -5.42 5.27 -46.57
CA SER A 77 -4.62 6.28 -45.85
C SER A 77 -4.10 5.93 -44.43
N PHE A 78 -4.67 4.90 -43.81
CA PHE A 78 -4.17 4.39 -42.53
C PHE A 78 -2.76 3.77 -42.69
N ARG A 79 -1.78 4.35 -42.00
CA ARG A 79 -0.38 3.95 -42.17
C ARG A 79 0.44 3.99 -40.87
N LYS A 80 -0.27 4.07 -39.73
CA LYS A 80 0.31 4.02 -38.35
C LYS A 80 -0.67 4.61 -37.33
N ILE A 81 -0.34 4.48 -36.04
CA ILE A 81 -1.15 5.02 -34.95
C ILE A 81 -0.40 6.10 -34.12
N GLU A 82 -1.07 7.21 -33.82
CA GLU A 82 -0.48 8.35 -33.10
C GLU A 82 -0.23 8.03 -31.65
N ALA A 83 -1.11 7.23 -31.07
CA ALA A 83 -1.07 6.92 -29.66
C ALA A 83 -2.11 5.85 -29.35
N ILE A 84 -1.88 5.16 -28.24
CA ILE A 84 -2.75 4.12 -27.79
C ILE A 84 -3.16 4.43 -26.37
N GLY A 85 -4.46 4.33 -26.11
CA GLY A 85 -4.97 4.42 -24.75
C GLY A 85 -5.37 3.07 -24.20
N ILE A 86 -5.37 2.95 -22.89
CA ILE A 86 -5.81 1.73 -22.25
C ILE A 86 -6.98 2.05 -21.32
N THR A 87 -8.00 1.22 -21.40
CA THR A 87 -9.06 1.19 -20.39
C THR A 87 -9.28 -0.26 -19.97
N ASN A 88 -9.60 -0.45 -18.72
CA ASN A 88 -9.55 -1.74 -18.14
C ASN A 88 -10.59 -1.99 -17.10
N GLN A 89 -10.84 -3.24 -16.81
CA GLN A 89 -11.72 -3.57 -15.75
C GLN A 89 -10.97 -3.18 -14.54
N ARG A 90 -11.60 -2.46 -13.67
CA ARG A 90 -10.97 -2.00 -12.47
C ARG A 90 -10.92 -3.04 -11.40
N GLU A 91 -10.04 -2.84 -10.44
CA GLU A 91 -10.00 -3.61 -9.22
C GLU A 91 -9.45 -5.02 -9.34
N THR A 92 -8.86 -5.34 -10.47
CA THR A 92 -8.32 -6.63 -10.70
C THR A 92 -6.83 -6.42 -10.54
N THR A 93 -6.20 -7.25 -9.73
CA THR A 93 -4.82 -7.11 -9.32
C THR A 93 -3.94 -8.23 -9.79
N VAL A 94 -2.77 -7.85 -10.25
CA VAL A 94 -1.79 -8.76 -10.76
C VAL A 94 -0.54 -8.73 -9.93
N ALA A 95 0.01 -9.89 -9.65
CA ALA A 95 1.29 -9.99 -8.95
C ALA A 95 2.39 -10.45 -9.91
N TRP A 96 3.55 -9.79 -9.85
CA TRP A 96 4.70 -10.20 -10.67
C TRP A 96 6.05 -9.71 -10.15
N ASP A 97 7.10 -9.89 -10.96
CA ASP A 97 8.49 -9.71 -10.56
C ASP A 97 9.29 -8.90 -11.63
N ARG A 98 10.14 -7.97 -11.17
CA ARG A 98 10.87 -7.08 -12.07
C ARG A 98 11.81 -7.83 -13.00
N VAL A 99 12.39 -8.91 -12.50
CA VAL A 99 13.52 -9.57 -13.17
C VAL A 99 13.17 -10.82 -14.01
N THR A 100 12.04 -11.45 -13.73
CA THR A 100 11.56 -12.54 -14.58
C THR A 100 10.62 -11.99 -15.64
N LYS A 101 9.79 -11.01 -15.25
CA LYS A 101 8.80 -10.37 -16.13
C LYS A 101 7.55 -11.22 -16.40
N GLU A 102 7.52 -12.43 -15.82
CA GLU A 102 6.34 -13.29 -15.84
C GLU A 102 5.41 -12.83 -14.73
N PRO A 103 4.17 -13.35 -14.66
CA PRO A 103 3.39 -13.10 -13.46
C PRO A 103 3.57 -14.23 -12.45
N LEU A 104 3.40 -13.93 -11.18
CA LEU A 104 3.64 -14.89 -10.10
C LEU A 104 2.39 -15.67 -9.66
N CYS A 105 1.22 -15.21 -10.10
CA CYS A 105 -0.03 -15.96 -9.94
C CYS A 105 -1.16 -15.40 -10.82
N TYR A 106 -2.26 -16.15 -10.91
CA TYR A 106 -3.47 -15.66 -11.56
C TYR A 106 -4.15 -14.53 -10.77
N ALA A 107 -4.61 -13.51 -11.51
CA ALA A 107 -5.13 -12.27 -10.90
C ALA A 107 -6.53 -12.41 -10.31
N PRO A 108 -6.69 -12.16 -9.00
CA PRO A 108 -8.06 -12.14 -8.46
C PRO A 108 -8.87 -10.95 -9.01
N VAL A 109 -10.03 -11.26 -9.61
CA VAL A 109 -10.86 -10.29 -10.35
C VAL A 109 -11.67 -9.41 -9.37
N TRP A 110 -12.10 -8.23 -9.82
CA TRP A 110 -12.85 -7.28 -8.96
C TRP A 110 -13.87 -7.94 -8.01
N ASN A 111 -14.91 -8.57 -8.55
CA ASN A 111 -15.95 -9.22 -7.72
C ASN A 111 -15.52 -10.52 -7.01
N ASP A 112 -14.31 -11.01 -7.30
CA ASP A 112 -13.68 -12.14 -6.59
C ASP A 112 -13.72 -11.91 -5.09
N LEU A 113 -13.95 -12.99 -4.33
CA LEU A 113 -14.30 -12.86 -2.89
C LEU A 113 -13.36 -13.54 -1.86
N ARG A 114 -12.29 -14.16 -2.33
CA ARG A 114 -11.32 -14.83 -1.45
C ARG A 114 -10.79 -13.93 -0.30
N THR A 115 -11.26 -12.68 -0.27
CA THR A 115 -10.73 -11.65 0.62
C THR A 115 -11.75 -11.13 1.65
N TYR A 116 -12.84 -11.87 1.84
CA TYR A 116 -13.88 -11.49 2.80
C TYR A 116 -13.43 -11.65 4.26
N ASP A 117 -12.45 -12.52 4.50
CA ASP A 117 -11.88 -12.63 5.84
C ASP A 117 -11.13 -11.35 6.16
N ILE A 118 -10.17 -11.01 5.30
CA ILE A 118 -9.41 -9.76 5.40
C ILE A 118 -10.32 -8.52 5.37
N THR A 119 -11.52 -8.66 4.80
CA THR A 119 -12.52 -7.60 4.89
C THR A 119 -12.83 -7.37 6.37
N LYS A 120 -13.40 -8.38 7.02
CA LYS A 120 -13.72 -8.34 8.45
C LYS A 120 -12.51 -8.14 9.34
N LYS A 121 -11.42 -8.83 9.03
CA LYS A 121 -10.18 -8.80 9.82
C LYS A 121 -9.51 -7.42 9.70
N VAL A 122 -10.27 -6.46 9.19
CA VAL A 122 -9.83 -5.09 9.02
C VAL A 122 -10.87 -4.16 9.60
N THR A 123 -12.15 -4.53 9.49
CA THR A 123 -13.22 -3.74 10.10
C THR A 123 -13.30 -3.93 11.62
N ALA A 124 -13.59 -5.16 12.05
CA ALA A 124 -13.70 -5.49 13.48
C ALA A 124 -12.45 -5.09 14.27
N GLU A 125 -11.27 -5.27 13.66
CA GLU A 125 -10.00 -4.92 14.28
C GLU A 125 -9.48 -3.53 13.87
N LEU A 126 -8.81 -3.43 12.73
CA LEU A 126 -8.22 -2.16 12.30
C LEU A 126 -9.19 -1.00 12.00
N GLY A 127 -10.49 -1.23 12.26
CA GLY A 127 -11.50 -0.22 12.01
C GLY A 127 -12.41 0.02 13.21
N GLY A 128 -12.17 -0.72 14.28
CA GLY A 128 -12.98 -0.62 15.50
C GLY A 128 -14.46 -0.88 15.25
N GLY A 129 -14.75 -1.57 14.15
CA GLY A 129 -16.12 -1.84 13.71
C GLY A 129 -16.66 -0.90 12.65
N ASP A 130 -15.83 0.02 12.15
CA ASP A 130 -16.24 0.95 11.08
C ASP A 130 -15.44 0.78 9.78
N SER A 131 -16.10 0.17 8.79
CA SER A 131 -15.54 -0.03 7.44
C SER A 131 -15.23 1.27 6.73
N MET A 132 -15.86 2.36 7.17
CA MET A 132 -15.72 3.67 6.55
C MET A 132 -14.60 4.46 7.18
N PHE A 133 -13.91 3.86 8.15
CA PHE A 133 -12.88 4.57 8.92
C PHE A 133 -11.88 5.29 8.03
N ALA A 134 -11.71 4.81 6.81
CA ALA A 134 -10.75 5.38 5.86
C ALA A 134 -11.44 6.09 4.69
N SER A 135 -12.76 6.19 4.76
CA SER A 135 -13.58 6.81 3.72
C SER A 135 -13.23 8.25 3.40
N LYS A 136 -12.37 8.86 4.23
CA LYS A 136 -11.99 10.27 4.05
C LYS A 136 -10.71 10.41 3.24
N ILE A 137 -9.84 9.41 3.34
CA ILE A 137 -8.58 9.38 2.60
C ILE A 137 -8.76 8.73 1.24
N THR A 138 -9.32 7.53 1.24
CA THR A 138 -9.43 6.71 0.03
C THR A 138 -10.63 7.08 -0.82
N GLY A 139 -11.65 7.62 -0.16
CA GLY A 139 -12.97 7.85 -0.76
C GLY A 139 -13.78 6.57 -0.91
N LEU A 140 -13.38 5.54 -0.18
CA LEU A 140 -13.91 4.18 -0.32
C LEU A 140 -14.31 3.56 1.01
N PRO A 141 -15.22 2.56 1.00
CA PRO A 141 -15.38 1.69 2.17
C PRO A 141 -14.48 0.46 2.06
N VAL A 142 -14.45 -0.34 3.12
CA VAL A 142 -13.79 -1.64 3.11
C VAL A 142 -14.70 -2.61 2.36
N SER A 143 -14.13 -3.41 1.46
CA SER A 143 -14.91 -4.45 0.77
C SER A 143 -14.07 -5.42 -0.05
N THR A 144 -14.75 -6.26 -0.84
CA THR A 144 -14.11 -7.37 -1.55
C THR A 144 -13.80 -7.00 -3.00
N TYR A 145 -13.33 -5.77 -3.19
CA TYR A 145 -13.16 -5.22 -4.54
C TYR A 145 -11.78 -4.64 -4.79
N PHE A 146 -11.29 -3.85 -3.84
CA PHE A 146 -10.11 -3.03 -4.05
C PHE A 146 -8.77 -3.74 -3.95
N ALA A 147 -7.84 -3.34 -4.80
CA ALA A 147 -6.58 -4.06 -5.00
C ALA A 147 -5.76 -4.33 -3.73
N ALA A 148 -5.93 -3.49 -2.70
CA ALA A 148 -5.23 -3.69 -1.42
C ALA A 148 -5.62 -5.02 -0.79
N PHE A 149 -6.92 -5.26 -0.71
CA PHE A 149 -7.44 -6.49 -0.12
C PHE A 149 -6.95 -7.73 -0.87
N LYS A 150 -6.91 -7.65 -2.19
CA LYS A 150 -6.51 -8.77 -3.04
C LYS A 150 -5.00 -8.99 -3.02
N MET A 151 -4.26 -7.96 -2.64
CA MET A 151 -2.82 -8.05 -2.42
C MET A 151 -2.54 -8.81 -1.13
N ARG A 152 -3.24 -8.42 -0.06
CA ARG A 152 -3.14 -9.06 1.24
C ARG A 152 -3.19 -10.58 1.09
N TRP A 153 -4.10 -11.07 0.25
CA TRP A 153 -4.32 -12.50 0.06
C TRP A 153 -3.15 -13.17 -0.65
N MET A 154 -2.64 -12.51 -1.70
CA MET A 154 -1.54 -13.06 -2.45
C MET A 154 -0.29 -13.15 -1.56
N LEU A 155 -0.17 -12.19 -0.66
CA LEU A 155 0.92 -12.17 0.33
C LEU A 155 0.78 -13.22 1.44
N GLU A 156 -0.44 -13.68 1.71
CA GLU A 156 -0.71 -14.57 2.84
C GLU A 156 -1.32 -15.93 2.45
N ASN A 157 -1.35 -16.22 1.15
CA ASN A 157 -1.94 -17.47 0.65
C ASN A 157 -1.16 -18.03 -0.53
N VAL A 158 -0.09 -17.31 -0.92
CA VAL A 158 0.81 -17.75 -1.98
C VAL A 158 2.25 -17.52 -1.50
N PRO A 159 3.04 -18.61 -1.31
CA PRO A 159 4.42 -18.38 -0.93
C PRO A 159 5.20 -17.69 -2.06
N ALA A 160 4.97 -18.14 -3.30
CA ALA A 160 5.58 -17.54 -4.49
C ALA A 160 5.43 -16.02 -4.57
N VAL A 161 4.36 -15.48 -3.96
CA VAL A 161 4.19 -14.04 -3.83
C VAL A 161 4.76 -13.54 -2.49
N ALA A 162 4.57 -14.33 -1.44
CA ALA A 162 5.17 -14.02 -0.14
C ALA A 162 6.70 -13.96 -0.25
N ASP A 163 7.28 -14.95 -0.92
CA ASP A 163 8.73 -15.03 -1.15
C ASP A 163 9.26 -13.84 -1.95
N ALA A 164 8.50 -13.45 -2.98
CA ALA A 164 8.96 -12.47 -3.97
C ALA A 164 9.04 -11.04 -3.43
N CYS A 165 8.30 -10.77 -2.36
CA CYS A 165 8.40 -9.49 -1.63
C CYS A 165 9.52 -9.55 -0.60
N ARG A 166 9.72 -10.73 -0.02
CA ARG A 166 10.87 -11.03 0.81
C ARG A 166 12.12 -10.62 0.03
N ARG A 167 12.14 -11.02 -1.25
CA ARG A 167 13.19 -10.63 -2.19
C ARG A 167 13.28 -9.11 -2.36
N GLY A 168 12.15 -8.47 -2.67
CA GLY A 168 12.13 -7.04 -2.98
C GLY A 168 12.04 -6.84 -4.48
N THR A 169 11.51 -7.86 -5.16
CA THR A 169 11.32 -7.83 -6.60
C THR A 169 9.83 -7.78 -6.97
N LEU A 170 8.99 -8.20 -6.02
CA LEU A 170 7.55 -8.30 -6.26
C LEU A 170 6.92 -6.98 -6.73
N CYS A 171 6.07 -7.10 -7.74
CA CYS A 171 5.37 -5.98 -8.37
C CYS A 171 3.88 -6.24 -8.33
N PHE A 172 3.13 -5.28 -7.81
CA PHE A 172 1.67 -5.29 -7.95
C PHE A 172 1.24 -4.34 -9.05
N GLY A 173 0.00 -4.52 -9.51
CA GLY A 173 -0.60 -3.59 -10.44
C GLY A 173 -1.97 -4.03 -10.90
N THR A 174 -2.90 -3.09 -10.90
CA THR A 174 -4.19 -3.31 -11.54
C THR A 174 -3.93 -3.45 -13.03
N ILE A 175 -4.84 -4.13 -13.73
CA ILE A 175 -4.62 -4.54 -15.12
C ILE A 175 -3.91 -3.49 -15.96
N ASP A 176 -4.37 -2.23 -15.93
CA ASP A 176 -3.71 -1.17 -16.71
C ASP A 176 -2.19 -1.22 -16.56
N THR A 177 -1.71 -1.08 -15.31
CA THR A 177 -0.30 -1.05 -14.98
C THR A 177 0.39 -2.23 -15.62
N TRP A 178 -0.25 -3.39 -15.46
CA TRP A 178 0.28 -4.65 -15.94
C TRP A 178 0.42 -4.64 -17.45
N LEU A 179 -0.56 -4.02 -18.11
CA LEU A 179 -0.65 -4.03 -19.55
C LEU A 179 0.37 -3.09 -20.15
N MET A 180 0.59 -1.97 -19.49
CA MET A 180 1.59 -1.02 -19.95
C MET A 180 2.97 -1.56 -19.61
N TYR A 181 3.05 -2.38 -18.56
CA TYR A 181 4.31 -3.02 -18.17
C TYR A 181 4.83 -3.93 -19.27
N LYS A 182 3.99 -4.87 -19.71
CA LYS A 182 4.37 -5.82 -20.78
C LYS A 182 4.44 -5.22 -22.17
N LEU A 183 3.60 -4.22 -22.42
CA LEU A 183 3.56 -3.56 -23.72
C LEU A 183 4.84 -2.78 -24.02
N SER A 184 5.46 -2.24 -22.98
CA SER A 184 6.70 -1.46 -23.12
C SER A 184 7.98 -2.30 -23.00
N GLY A 185 7.83 -3.55 -22.53
CA GLY A 185 8.94 -4.47 -22.32
C GLY A 185 9.22 -4.75 -20.85
N GLY A 186 8.91 -3.78 -20.01
CA GLY A 186 9.21 -3.83 -18.59
C GLY A 186 9.66 -2.46 -18.15
N LYS A 187 9.79 -1.57 -19.12
CA LYS A 187 10.28 -0.22 -18.89
C LYS A 187 9.41 0.56 -17.92
N ALA A 188 8.23 0.96 -18.37
CA ALA A 188 7.28 1.74 -17.56
C ALA A 188 6.58 0.84 -16.56
N PHE A 189 6.61 1.23 -15.29
CA PHE A 189 5.89 0.51 -14.23
C PHE A 189 4.98 1.52 -13.52
N VAL A 190 3.79 1.70 -14.08
CA VAL A 190 3.06 2.98 -13.93
C VAL A 190 1.53 2.81 -13.89
N THR A 191 0.83 3.82 -13.39
CA THR A 191 -0.65 3.80 -13.27
C THR A 191 -1.29 5.18 -13.41
N ASP A 192 -2.62 5.23 -13.39
CA ASP A 192 -3.35 6.50 -13.41
C ASP A 192 -4.22 6.71 -12.19
N VAL A 193 -4.75 7.93 -12.05
CA VAL A 193 -5.48 8.34 -10.85
C VAL A 193 -6.77 7.58 -10.63
N THR A 194 -7.50 7.33 -11.70
CA THR A 194 -8.77 6.61 -11.63
C THR A 194 -8.59 5.19 -11.08
N ASN A 195 -7.69 4.41 -11.68
CA ASN A 195 -7.34 3.10 -11.11
C ASN A 195 -6.83 3.22 -9.67
N ALA A 196 -5.99 4.22 -9.44
CA ALA A 196 -5.38 4.40 -8.10
C ALA A 196 -6.43 4.71 -7.02
N SER A 197 -7.47 5.43 -7.40
CA SER A 197 -8.58 5.71 -6.48
C SER A 197 -9.34 4.47 -6.03
N ARG A 198 -8.96 3.29 -6.54
CA ARG A 198 -9.69 2.02 -6.31
C ARG A 198 -8.80 0.97 -5.63
N THR A 199 -7.54 1.35 -5.37
CA THR A 199 -6.57 0.39 -4.84
C THR A 199 -6.69 0.28 -3.33
N PHE A 200 -7.36 1.24 -2.70
CA PHE A 200 -7.50 1.36 -1.23
C PHE A 200 -6.22 1.87 -0.57
N LEU A 201 -5.16 1.96 -1.36
CA LEU A 201 -3.92 2.53 -0.89
C LEU A 201 -3.78 4.01 -1.26
N MET A 202 -4.75 4.57 -1.99
CA MET A 202 -4.60 5.96 -2.46
C MET A 202 -5.44 7.02 -1.76
N ASP A 203 -5.02 8.26 -2.02
CA ASP A 203 -5.39 9.43 -1.26
C ASP A 203 -6.27 10.30 -2.12
N LEU A 204 -7.58 10.21 -1.93
CA LEU A 204 -8.46 10.99 -2.77
C LEU A 204 -7.97 12.41 -3.05
N ARG A 205 -7.77 13.23 -2.01
CA ARG A 205 -7.38 14.64 -2.19
C ARG A 205 -6.12 14.82 -3.02
N THR A 206 -5.01 14.19 -2.59
CA THR A 206 -3.68 14.47 -3.15
C THR A 206 -3.22 13.53 -4.25
N ARG A 207 -3.90 12.40 -4.40
CA ARG A 207 -3.64 11.46 -5.49
C ARG A 207 -2.18 11.01 -5.48
N LYS A 208 -1.64 10.91 -4.26
CA LYS A 208 -0.37 10.29 -3.97
C LYS A 208 -0.73 9.08 -3.11
N TRP A 209 0.18 8.13 -2.98
CA TRP A 209 -0.04 6.96 -2.12
C TRP A 209 -0.32 7.33 -0.65
N SER A 210 -0.81 6.35 0.12
CA SER A 210 -1.11 6.53 1.53
C SER A 210 -0.15 5.68 2.35
N PRO A 211 1.02 6.26 2.72
CA PRO A 211 2.03 5.49 3.43
C PRO A 211 1.40 4.96 4.71
N GLU A 212 0.59 5.82 5.32
CA GLU A 212 -0.31 5.50 6.42
C GLU A 212 -1.08 4.18 6.19
N LEU A 213 -1.80 4.06 5.07
CA LEU A 213 -2.62 2.87 4.79
C LEU A 213 -1.83 1.70 4.21
N CYS A 214 -0.84 2.01 3.38
CA CYS A 214 0.12 0.99 2.92
C CYS A 214 0.70 0.32 4.16
N GLU A 215 1.10 1.16 5.13
CA GLU A 215 1.54 0.70 6.44
C GLU A 215 0.52 -0.27 7.03
N LYS A 216 -0.59 0.27 7.55
CA LYS A 216 -1.56 -0.50 8.33
C LYS A 216 -1.94 -1.86 7.73
N LEU A 217 -2.38 -1.84 6.47
CA LEU A 217 -2.75 -3.06 5.74
C LEU A 217 -1.53 -3.79 5.16
N LYS A 218 -0.35 -3.27 5.49
CA LYS A 218 0.94 -3.92 5.23
C LYS A 218 1.23 -4.38 3.79
N ILE A 219 1.27 -3.39 2.91
CA ILE A 219 1.74 -3.56 1.54
C ILE A 219 2.89 -2.55 1.36
N PRO A 220 4.11 -3.05 1.12
CA PRO A 220 5.28 -2.17 0.98
C PRO A 220 5.05 -1.08 -0.05
N MET A 221 5.27 0.17 0.35
CA MET A 221 5.09 1.32 -0.54
C MET A 221 5.92 1.24 -1.81
N GLU A 222 6.55 0.09 -2.04
CA GLU A 222 7.35 -0.06 -3.25
C GLU A 222 7.13 -1.37 -4.02
N THR A 223 6.10 -2.14 -3.63
CA THR A 223 5.58 -3.20 -4.50
C THR A 223 4.59 -2.58 -5.49
N LEU A 224 4.61 -1.26 -5.58
CA LEU A 224 3.60 -0.51 -6.30
C LEU A 224 4.20 0.32 -7.43
N PRO A 225 3.41 0.48 -8.50
CA PRO A 225 3.76 1.39 -9.59
C PRO A 225 3.61 2.83 -9.14
N GLU A 226 4.00 3.75 -10.01
CA GLU A 226 3.86 5.18 -9.78
C GLU A 226 2.50 5.68 -10.26
N ILE A 227 1.99 6.72 -9.61
CA ILE A 227 0.70 7.30 -9.98
C ILE A 227 0.82 8.49 -10.93
N ARG A 228 0.50 8.24 -12.19
CA ARG A 228 0.54 9.29 -13.23
C ARG A 228 -0.88 9.85 -13.48
N SER A 229 -1.05 10.74 -14.46
CA SER A 229 -2.42 11.22 -14.77
C SER A 229 -3.22 10.26 -15.69
N ASN A 230 -4.29 10.77 -16.32
CA ASN A 230 -5.08 10.00 -17.27
C ASN A 230 -4.58 10.21 -18.68
N SER A 231 -4.02 11.40 -18.90
CA SER A 231 -3.67 11.86 -20.23
C SER A 231 -2.27 12.51 -20.20
N GLU A 232 -1.26 11.71 -20.54
CA GLU A 232 0.14 12.20 -20.68
C GLU A 232 0.88 11.15 -21.50
N LEU A 233 2.21 11.16 -21.44
CA LEU A 233 3.00 10.05 -21.97
C LEU A 233 3.30 9.04 -20.87
N PHE A 234 2.74 7.83 -20.98
CA PHE A 234 3.05 6.73 -20.05
C PHE A 234 4.25 5.90 -20.51
N GLY A 235 4.41 5.78 -21.83
CA GLY A 235 5.44 4.91 -22.39
C GLY A 235 5.37 4.72 -23.89
N TYR A 236 5.89 3.59 -24.36
CA TYR A 236 5.99 3.32 -25.78
C TYR A 236 5.69 1.85 -26.00
N VAL A 237 5.09 1.52 -27.14
CA VAL A 237 4.72 0.13 -27.41
C VAL A 237 5.91 -0.57 -28.06
N GLU A 238 6.70 -1.22 -27.21
CA GLU A 238 7.86 -2.02 -27.61
C GLU A 238 7.72 -3.45 -27.08
N THR A 239 6.86 -4.23 -27.72
CA THR A 239 6.73 -5.65 -27.42
C THR A 239 6.37 -6.38 -28.71
N ASP A 240 7.21 -7.31 -29.11
CA ASP A 240 7.01 -7.98 -30.40
C ASP A 240 5.94 -9.07 -30.34
N GLU A 241 5.33 -9.26 -29.16
CA GLU A 241 4.38 -10.37 -28.92
C GLU A 241 3.25 -10.40 -29.94
N CYS A 242 3.00 -11.59 -30.48
CA CYS A 242 2.15 -11.78 -31.65
C CYS A 242 2.64 -10.88 -32.79
N GLY A 243 1.74 -10.23 -33.51
CA GLY A 243 2.20 -9.30 -34.56
C GLY A 243 2.60 -7.94 -34.02
N VAL A 244 1.93 -7.55 -32.93
CA VAL A 244 1.73 -6.15 -32.57
C VAL A 244 2.88 -5.16 -32.84
N ALA A 245 4.01 -5.29 -32.13
CA ALA A 245 5.11 -4.31 -32.27
C ALA A 245 5.49 -4.08 -33.72
N ALA A 246 5.55 -5.17 -34.50
CA ALA A 246 5.79 -5.09 -35.94
C ALA A 246 4.73 -4.23 -36.61
N ALA A 247 3.45 -4.63 -36.43
CA ALA A 247 2.28 -3.99 -37.06
C ALA A 247 2.26 -2.46 -36.95
N LEU A 248 2.77 -1.96 -35.83
CA LEU A 248 3.11 -0.54 -35.66
C LEU A 248 4.50 -0.27 -36.25
N ASN A 249 4.59 0.55 -37.29
CA ASN A 249 5.86 0.70 -38.03
C ASN A 249 6.87 1.67 -37.43
N GLU A 250 6.39 2.58 -36.58
CA GLU A 250 7.27 3.44 -35.79
C GLU A 250 6.93 3.31 -34.30
N ARG A 251 7.89 3.69 -33.46
CA ARG A 251 7.75 3.57 -32.02
C ARG A 251 6.50 4.30 -31.52
N THR A 252 5.39 3.56 -31.42
CA THR A 252 4.08 4.11 -31.05
C THR A 252 3.99 4.27 -29.54
N PRO A 253 3.64 5.49 -29.05
CA PRO A 253 3.50 5.70 -27.63
C PRO A 253 2.15 5.28 -27.04
N ILE A 254 2.18 4.97 -25.74
CA ILE A 254 0.99 4.89 -24.90
C ILE A 254 0.86 6.25 -24.21
N MET A 255 -0.28 6.91 -24.42
CA MET A 255 -0.51 8.26 -23.92
C MET A 255 -1.92 8.43 -23.32
N GLY A 256 -2.46 7.36 -22.73
CA GLY A 256 -3.77 7.42 -22.06
C GLY A 256 -4.05 6.13 -21.31
N SER A 257 -4.47 6.24 -20.06
CA SER A 257 -4.75 5.06 -19.21
C SER A 257 -5.79 5.48 -18.19
N ILE A 258 -6.83 4.66 -17.99
CA ILE A 258 -8.06 5.12 -17.36
C ILE A 258 -9.01 3.96 -17.06
N GLY A 259 -9.47 3.85 -15.80
CA GLY A 259 -10.42 2.79 -15.40
C GLY A 259 -11.67 2.86 -16.26
N ASP A 260 -12.22 1.70 -16.65
CA ASP A 260 -13.32 1.69 -17.64
C ASP A 260 -14.55 2.50 -17.28
N GLN A 261 -15.04 2.35 -16.06
CA GLN A 261 -16.22 3.09 -15.65
C GLN A 261 -15.99 4.62 -15.79
N GLN A 262 -14.78 5.05 -15.45
CA GLN A 262 -14.37 6.45 -15.60
C GLN A 262 -14.17 6.80 -17.08
N SER A 263 -13.66 5.85 -17.85
CA SER A 263 -13.59 5.97 -19.30
C SER A 263 -14.97 6.05 -19.94
N ALA A 264 -15.95 5.40 -19.34
CA ALA A 264 -17.32 5.47 -19.86
C ALA A 264 -17.89 6.88 -19.69
N LEU A 265 -17.60 7.52 -18.55
CA LEU A 265 -18.01 8.89 -18.28
C LEU A 265 -17.29 9.80 -19.25
N PHE A 266 -15.96 9.77 -19.17
CA PHE A 266 -15.12 10.59 -20.04
C PHE A 266 -15.43 10.42 -21.54
N GLY A 267 -15.61 9.19 -22.00
CA GLY A 267 -15.99 8.94 -23.39
C GLY A 267 -17.40 9.41 -23.72
N ASN A 268 -18.23 9.62 -22.68
CA ASN A 268 -19.59 10.12 -22.87
C ASN A 268 -19.65 11.65 -22.88
N MET A 269 -18.46 12.26 -22.83
CA MET A 269 -18.32 13.71 -22.94
C MET A 269 -18.72 14.44 -21.66
N CYS A 270 -18.84 13.70 -20.55
CA CYS A 270 -19.13 14.32 -19.26
C CYS A 270 -17.87 14.97 -18.67
N PHE A 271 -17.52 16.18 -19.13
CA PHE A 271 -16.35 16.86 -18.55
C PHE A 271 -16.71 17.91 -17.48
N GLU A 272 -18.00 18.03 -17.18
CA GLU A 272 -18.48 19.06 -16.26
C GLU A 272 -19.54 18.54 -15.26
N LYS A 273 -19.53 19.09 -14.05
CA LYS A 273 -20.39 18.57 -12.98
C LYS A 273 -21.88 18.69 -13.27
N GLY A 274 -22.63 17.72 -12.75
CA GLY A 274 -24.04 17.54 -13.08
C GLY A 274 -24.19 16.35 -14.02
N GLU A 275 -23.45 16.40 -15.12
CA GLU A 275 -23.39 15.32 -16.10
C GLU A 275 -23.01 13.99 -15.48
N ALA A 276 -23.61 12.92 -15.99
CA ALA A 276 -23.44 11.60 -15.44
C ALA A 276 -23.63 10.57 -16.53
N LYS A 277 -22.82 9.52 -16.47
CA LYS A 277 -22.97 8.39 -17.37
C LYS A 277 -23.46 7.20 -16.58
N ASN A 278 -24.18 6.33 -17.26
CA ASN A 278 -24.72 5.12 -16.69
C ASN A 278 -24.54 4.00 -17.70
N THR A 279 -23.84 2.95 -17.28
CA THR A 279 -23.66 1.77 -18.10
C THR A 279 -24.53 0.68 -17.52
N TYR A 280 -25.34 0.08 -18.39
CA TYR A 280 -26.16 -1.06 -18.02
C TYR A 280 -25.47 -2.31 -18.52
N GLY A 281 -25.91 -3.45 -17.99
CA GLY A 281 -25.58 -4.77 -18.49
C GLY A 281 -26.40 -5.70 -17.63
N THR A 282 -25.78 -6.78 -17.18
CA THR A 282 -26.17 -7.39 -15.92
C THR A 282 -25.69 -6.36 -14.87
N GLY A 283 -26.61 -5.51 -14.44
CA GLY A 283 -26.24 -4.46 -13.49
C GLY A 283 -25.73 -3.16 -14.12
N CYS A 284 -25.44 -2.19 -13.25
CA CYS A 284 -25.12 -0.84 -13.70
C CYS A 284 -24.04 -0.15 -12.87
N PHE A 285 -23.39 0.83 -13.49
CA PHE A 285 -22.53 1.76 -12.79
C PHE A 285 -22.94 3.14 -13.20
N LEU A 286 -23.50 3.90 -12.27
CA LEU A 286 -23.81 5.29 -12.54
C LEU A 286 -22.76 6.18 -11.91
N LEU A 287 -22.01 6.86 -12.76
CA LEU A 287 -20.98 7.78 -12.33
C LEU A 287 -21.41 9.19 -12.67
N MET A 288 -21.38 10.09 -11.69
CA MET A 288 -21.67 11.50 -11.94
C MET A 288 -20.42 12.33 -11.77
N ASN A 289 -20.16 13.23 -12.73
CA ASN A 289 -19.10 14.22 -12.55
C ASN A 289 -19.53 15.18 -11.45
N VAL A 290 -18.70 15.32 -10.42
CA VAL A 290 -19.08 16.10 -9.24
C VAL A 290 -18.31 17.40 -9.01
N GLY A 291 -17.35 17.68 -9.89
CA GLY A 291 -16.61 18.94 -9.80
C GLY A 291 -15.16 18.78 -9.38
N GLU A 292 -14.55 19.90 -8.99
CA GLU A 292 -13.10 19.95 -8.74
C GLU A 292 -12.69 19.72 -7.29
N GLU A 293 -13.64 19.34 -6.45
CA GLU A 293 -13.32 18.85 -5.12
C GLU A 293 -14.04 17.54 -4.80
N ALA A 294 -13.26 16.56 -4.35
CA ALA A 294 -13.79 15.25 -3.98
C ALA A 294 -14.95 15.40 -3.01
N ARG A 295 -16.12 14.93 -3.43
CA ARG A 295 -17.35 14.96 -2.62
C ARG A 295 -17.55 13.64 -1.88
N PHE A 296 -17.88 13.73 -0.59
CA PHE A 296 -18.08 12.55 0.23
C PHE A 296 -19.56 12.23 0.45
N SER A 297 -19.84 10.98 0.78
CA SER A 297 -21.21 10.48 0.81
C SER A 297 -21.58 9.80 2.12
N LYS A 298 -22.84 10.02 2.50
CA LYS A 298 -23.44 9.40 3.68
C LYS A 298 -24.12 8.07 3.31
N HIS A 299 -24.62 7.96 2.08
CA HIS A 299 -25.34 6.75 1.63
C HIS A 299 -24.42 5.57 1.24
N GLY A 300 -23.24 5.54 1.86
CA GLY A 300 -22.19 4.52 1.57
C GLY A 300 -21.81 4.37 0.11
N LEU A 301 -21.96 5.46 -0.67
CA LEU A 301 -21.59 5.53 -2.11
C LEU A 301 -20.08 5.68 -2.28
N LEU A 302 -19.61 5.63 -3.52
CA LEU A 302 -18.16 5.69 -3.76
C LEU A 302 -17.65 7.05 -4.22
N SER A 303 -16.58 7.52 -3.57
CA SER A 303 -15.85 8.69 -4.04
C SER A 303 -14.58 8.27 -4.76
N THR A 304 -14.30 8.93 -5.87
CA THR A 304 -13.28 8.46 -6.78
C THR A 304 -12.94 9.54 -7.77
N VAL A 305 -11.81 9.40 -8.46
CA VAL A 305 -11.38 10.37 -9.45
C VAL A 305 -12.09 10.09 -10.77
N GLY A 306 -12.75 11.11 -11.33
CA GLY A 306 -13.39 10.97 -12.60
C GLY A 306 -12.34 10.90 -13.69
N PHE A 307 -11.51 11.95 -13.74
CA PHE A 307 -10.44 12.05 -14.74
C PHE A 307 -9.46 13.20 -14.49
N GLN A 308 -8.27 13.10 -15.10
CA GLN A 308 -7.23 14.12 -15.05
C GLN A 308 -6.49 14.19 -16.38
N VAL A 309 -6.83 15.18 -17.20
CA VAL A 309 -6.28 15.33 -18.56
C VAL A 309 -4.89 16.00 -18.59
N GLY A 310 -3.91 15.41 -17.91
CA GLY A 310 -2.56 15.99 -17.89
C GLY A 310 -1.96 15.96 -16.50
N ARG A 311 -0.63 15.81 -16.45
CA ARG A 311 0.10 15.49 -15.21
C ARG A 311 -0.40 16.17 -13.92
N ASP A 312 -0.75 17.45 -14.02
CA ASP A 312 -1.30 18.18 -12.89
C ASP A 312 -2.42 19.11 -13.33
N GLY A 313 -3.22 18.63 -14.28
CA GLY A 313 -4.36 19.40 -14.79
C GLY A 313 -5.56 19.37 -13.87
N PRO A 314 -6.64 20.08 -14.23
CA PRO A 314 -7.87 20.18 -13.43
C PRO A 314 -8.45 18.80 -13.13
N CYS A 315 -8.29 18.35 -11.88
CA CYS A 315 -8.66 16.99 -11.52
C CYS A 315 -10.10 16.90 -11.08
N TYR A 316 -10.95 16.46 -12.01
CA TYR A 316 -12.37 16.28 -11.74
C TYR A 316 -12.58 14.94 -11.04
N TYR A 317 -13.31 14.99 -9.93
CA TYR A 317 -13.60 13.83 -9.09
C TYR A 317 -15.02 13.38 -9.36
N ALA A 318 -15.44 12.26 -8.77
CA ALA A 318 -16.77 11.71 -9.03
C ALA A 318 -17.36 10.94 -7.84
N LEU A 319 -18.70 10.85 -7.84
CA LEU A 319 -19.41 9.82 -7.06
C LEU A 319 -19.84 8.68 -7.99
N GLU A 320 -20.16 7.54 -7.39
CA GLU A 320 -20.38 6.30 -8.11
C GLU A 320 -21.45 5.46 -7.39
N GLY A 321 -22.36 4.89 -8.18
CA GLY A 321 -23.37 3.96 -7.68
C GLY A 321 -23.55 2.72 -8.56
N ALA A 322 -24.19 1.69 -8.02
CA ALA A 322 -24.47 0.46 -8.75
C ALA A 322 -25.86 -0.11 -8.44
N ILE A 323 -26.53 -0.68 -9.45
CA ILE A 323 -27.54 -1.70 -9.18
C ILE A 323 -27.03 -3.00 -9.82
N ALA A 324 -27.58 -4.14 -9.42
CA ALA A 324 -26.98 -5.46 -9.81
C ALA A 324 -27.75 -6.30 -10.85
N CYS A 325 -29.06 -6.04 -10.98
CA CYS A 325 -29.91 -6.76 -11.91
C CYS A 325 -30.75 -5.77 -12.72
N ALA A 326 -30.19 -5.31 -13.85
CA ALA A 326 -30.87 -4.39 -14.76
C ALA A 326 -31.31 -5.13 -16.02
N GLY A 327 -30.40 -5.29 -16.97
CA GLY A 327 -30.65 -6.10 -18.16
C GLY A 327 -30.85 -7.56 -17.78
N ALA A 328 -30.35 -7.93 -16.62
CA ALA A 328 -30.49 -9.27 -16.08
C ALA A 328 -31.93 -9.55 -15.65
N THR A 329 -32.66 -8.48 -15.33
CA THR A 329 -34.09 -8.56 -15.05
C THR A 329 -34.85 -8.77 -16.35
N VAL A 330 -34.47 -8.01 -17.36
CA VAL A 330 -35.01 -8.15 -18.71
C VAL A 330 -34.65 -9.54 -19.25
N GLU A 331 -33.61 -10.15 -18.68
CA GLU A 331 -33.20 -11.51 -19.06
C GLU A 331 -34.01 -12.57 -18.32
N TRP A 332 -34.10 -12.41 -16.99
CA TRP A 332 -34.91 -13.27 -16.13
C TRP A 332 -36.38 -13.35 -16.58
N MET A 333 -36.94 -12.22 -17.00
CA MET A 333 -38.33 -12.15 -17.48
C MET A 333 -38.54 -12.89 -18.79
N ARG A 334 -37.54 -13.69 -19.17
CA ARG A 334 -37.55 -14.42 -20.42
C ARG A 334 -36.95 -15.81 -20.16
N ARG A 335 -35.65 -15.83 -19.90
CA ARG A 335 -34.87 -17.04 -19.63
C ARG A 335 -35.49 -17.88 -18.51
N ASN A 336 -36.30 -17.24 -17.66
CA ASN A 336 -36.85 -17.88 -16.44
C ASN A 336 -38.37 -17.77 -16.25
N MET A 337 -39.06 -17.06 -17.14
CA MET A 337 -40.48 -16.68 -16.89
C MET A 337 -41.50 -16.75 -18.05
N ASN A 338 -41.03 -17.07 -19.26
CA ASN A 338 -41.91 -17.25 -20.44
C ASN A 338 -42.59 -15.96 -20.92
N LEU A 339 -42.59 -14.94 -20.08
CA LEU A 339 -43.27 -13.66 -20.38
C LEU A 339 -43.00 -13.08 -21.78
N PHE A 340 -41.89 -13.47 -22.42
CA PHE A 340 -41.62 -13.09 -23.82
C PHE A 340 -40.40 -13.76 -24.46
N SER A 341 -40.23 -13.54 -25.76
CA SER A 341 -39.10 -14.11 -26.50
C SER A 341 -38.07 -13.08 -26.98
N HIS A 342 -38.31 -12.47 -28.15
CA HIS A 342 -37.39 -11.47 -28.71
C HIS A 342 -37.47 -10.14 -27.96
N ILE A 343 -36.36 -9.42 -27.95
CA ILE A 343 -36.26 -8.08 -27.33
C ILE A 343 -37.26 -7.06 -27.95
N THR A 344 -38.18 -7.56 -28.78
CA THR A 344 -39.11 -6.72 -29.54
C THR A 344 -40.58 -6.96 -29.20
N GLU A 345 -40.91 -8.14 -28.68
CA GLU A 345 -42.24 -8.35 -28.11
C GLU A 345 -42.26 -7.70 -26.73
N CYS A 346 -41.10 -7.69 -26.05
CA CYS A 346 -40.95 -7.05 -24.74
C CYS A 346 -41.45 -5.62 -24.77
N GLU A 347 -40.92 -4.83 -25.69
CA GLU A 347 -41.28 -3.41 -25.77
C GLU A 347 -42.62 -3.18 -26.47
N LYS A 348 -43.15 -4.19 -27.14
CA LYS A 348 -44.52 -4.11 -27.63
C LYS A 348 -45.50 -4.36 -26.47
N LEU A 349 -45.17 -5.34 -25.61
CA LEU A 349 -46.00 -5.70 -24.45
C LEU A 349 -46.15 -4.59 -23.41
N ALA A 350 -45.02 -3.99 -23.05
CA ALA A 350 -44.98 -2.93 -22.03
C ALA A 350 -45.75 -1.66 -22.42
N ARG A 351 -45.77 -1.36 -23.73
CA ARG A 351 -46.50 -0.19 -24.26
C ARG A 351 -47.99 -0.46 -24.42
N SER A 352 -48.37 -1.74 -24.44
CA SER A 352 -49.77 -2.18 -24.62
C SER A 352 -50.66 -1.79 -23.45
N VAL A 353 -50.02 -1.39 -22.35
CA VAL A 353 -50.73 -0.92 -21.17
C VAL A 353 -50.31 0.53 -20.86
N PRO A 354 -51.27 1.36 -20.43
CA PRO A 354 -50.99 2.77 -20.12
C PRO A 354 -50.03 2.98 -18.93
N GLY A 355 -50.34 2.35 -17.79
CA GLY A 355 -49.49 2.42 -16.60
C GLY A 355 -49.27 1.06 -15.96
N THR A 356 -48.77 1.06 -14.73
CA THR A 356 -48.54 -0.21 -14.01
C THR A 356 -49.77 -0.64 -13.24
N GLN A 357 -50.65 0.34 -12.98
CA GLN A 357 -51.96 0.12 -12.33
C GLN A 357 -51.85 -0.46 -10.91
N GLY A 358 -50.99 0.16 -10.09
CA GLY A 358 -50.92 -0.16 -8.66
C GLY A 358 -49.87 -1.17 -8.20
N ILE A 359 -49.24 -1.89 -9.14
CA ILE A 359 -48.21 -2.88 -8.79
C ILE A 359 -46.77 -2.36 -8.79
N VAL A 360 -45.93 -2.98 -7.96
CA VAL A 360 -44.50 -2.66 -7.93
C VAL A 360 -43.69 -3.95 -7.98
N PHE A 361 -42.83 -4.06 -8.98
CA PHE A 361 -41.90 -5.16 -9.09
C PHE A 361 -40.51 -4.68 -8.67
N VAL A 362 -40.13 -4.98 -7.43
CA VAL A 362 -38.78 -4.69 -6.96
C VAL A 362 -37.93 -5.90 -7.29
N PRO A 363 -37.03 -5.77 -8.29
CA PRO A 363 -36.12 -6.85 -8.62
C PRO A 363 -34.93 -6.81 -7.67
N ALA A 364 -35.19 -7.19 -6.42
CA ALA A 364 -34.16 -7.24 -5.39
C ALA A 364 -33.68 -8.67 -5.20
N PHE A 365 -33.40 -9.36 -6.31
CA PHE A 365 -33.01 -10.78 -6.31
C PHE A 365 -31.75 -11.15 -5.52
N SER A 366 -30.78 -10.23 -5.49
CA SER A 366 -29.60 -10.33 -4.64
C SER A 366 -29.68 -9.33 -3.48
N GLY A 367 -30.81 -8.71 -3.33
CA GLY A 367 -30.93 -7.65 -2.37
C GLY A 367 -30.64 -6.32 -3.01
N LEU A 368 -30.66 -5.26 -2.23
CA LEU A 368 -30.50 -3.94 -2.80
C LEU A 368 -29.12 -3.39 -2.70
N LEU A 369 -28.60 -3.02 -3.85
CA LEU A 369 -27.30 -2.39 -3.94
C LEU A 369 -27.56 -0.90 -3.99
N ALA A 370 -27.32 -0.20 -5.09
CA ALA A 370 -27.82 1.18 -5.11
C ALA A 370 -27.45 2.00 -3.90
N PRO A 371 -28.46 2.55 -3.23
CA PRO A 371 -28.22 3.37 -2.05
C PRO A 371 -28.67 2.71 -0.74
N TYR A 372 -29.45 1.63 -0.83
CA TYR A 372 -30.05 0.99 0.33
C TYR A 372 -29.24 -0.19 0.89
N TRP A 373 -28.27 -0.68 0.12
CA TRP A 373 -27.45 -1.85 0.49
C TRP A 373 -28.06 -2.70 1.61
N ASP A 374 -29.02 -3.52 1.21
CA ASP A 374 -29.83 -4.34 2.12
C ASP A 374 -29.92 -5.75 1.53
N PRO A 375 -29.10 -6.69 2.04
CA PRO A 375 -29.02 -8.08 1.57
C PRO A 375 -30.23 -8.91 1.97
N SER A 376 -30.98 -8.40 2.94
CA SER A 376 -32.20 -9.03 3.44
C SER A 376 -33.37 -8.83 2.47
N ALA A 377 -33.24 -7.89 1.53
CA ALA A 377 -34.25 -7.66 0.52
C ALA A 377 -34.28 -8.79 -0.51
N ARG A 378 -35.48 -9.15 -0.94
CA ARG A 378 -35.62 -10.14 -2.00
C ARG A 378 -36.55 -9.66 -3.10
N GLY A 379 -36.52 -10.38 -4.22
CA GLY A 379 -37.46 -10.16 -5.32
C GLY A 379 -38.87 -10.20 -4.77
N THR A 380 -39.60 -9.11 -4.98
CA THR A 380 -40.91 -8.98 -4.37
C THR A 380 -41.83 -8.12 -5.22
N ILE A 381 -43.03 -8.62 -5.46
CA ILE A 381 -44.06 -7.91 -6.21
C ILE A 381 -45.27 -7.72 -5.31
N VAL A 382 -45.76 -6.49 -5.24
CA VAL A 382 -46.91 -6.19 -4.40
C VAL A 382 -48.06 -5.61 -5.19
N GLY A 383 -49.26 -5.73 -4.63
CA GLY A 383 -50.43 -5.01 -5.10
C GLY A 383 -51.04 -5.44 -6.41
N MET A 384 -50.73 -6.68 -6.81
CA MET A 384 -51.33 -7.30 -8.01
C MET A 384 -52.84 -7.45 -7.83
N THR A 385 -53.55 -7.41 -8.95
CA THR A 385 -55.01 -7.63 -8.96
C THR A 385 -55.30 -8.77 -9.96
N LEU A 386 -56.58 -9.00 -10.26
CA LEU A 386 -56.96 -9.91 -11.34
C LEU A 386 -56.72 -9.20 -12.67
N LYS A 387 -56.76 -7.87 -12.63
CA LYS A 387 -56.55 -7.03 -13.81
C LYS A 387 -55.08 -6.96 -14.21
N THR A 388 -54.23 -7.68 -13.48
CA THR A 388 -52.80 -7.62 -13.73
C THR A 388 -52.38 -8.70 -14.71
N THR A 389 -51.93 -8.28 -15.89
CA THR A 389 -51.49 -9.21 -16.91
C THR A 389 -50.01 -9.49 -16.68
N ARG A 390 -49.36 -10.09 -17.68
CA ARG A 390 -47.90 -10.16 -17.73
C ARG A 390 -47.36 -8.87 -18.30
N ALA A 391 -48.15 -8.21 -19.14
CA ALA A 391 -47.71 -6.99 -19.81
C ALA A 391 -47.60 -5.77 -18.91
N HIS A 392 -48.02 -5.89 -17.65
CA HIS A 392 -47.88 -4.81 -16.66
C HIS A 392 -46.60 -4.97 -15.86
N VAL A 393 -46.43 -6.16 -15.28
CA VAL A 393 -45.21 -6.54 -14.55
C VAL A 393 -43.95 -6.13 -15.31
N ILE A 394 -43.95 -6.41 -16.62
CA ILE A 394 -42.84 -6.08 -17.51
C ILE A 394 -42.60 -4.56 -17.62
N ARG A 395 -43.67 -3.78 -17.60
CA ARG A 395 -43.50 -2.33 -17.55
C ARG A 395 -43.01 -1.91 -16.18
N ALA A 396 -43.56 -2.54 -15.12
CA ALA A 396 -43.14 -2.25 -13.74
C ALA A 396 -41.70 -2.66 -13.46
N ALA A 397 -41.13 -3.48 -14.35
CA ALA A 397 -39.71 -3.81 -14.33
C ALA A 397 -38.88 -2.67 -14.93
N LEU A 398 -39.34 -2.15 -16.08
CA LEU A 398 -38.76 -0.93 -16.66
C LEU A 398 -38.82 0.27 -15.71
N GLN A 399 -39.90 0.36 -14.94
CA GLN A 399 -40.03 1.42 -13.95
C GLN A 399 -38.97 1.21 -12.89
N ALA A 400 -38.86 -0.04 -12.42
CA ALA A 400 -37.92 -0.40 -11.36
C ALA A 400 -36.45 -0.05 -11.66
N ILE A 401 -35.97 -0.35 -12.87
CA ILE A 401 -34.64 0.09 -13.32
C ILE A 401 -34.48 1.61 -13.21
N ALA A 402 -35.52 2.35 -13.62
CA ALA A 402 -35.53 3.82 -13.61
C ALA A 402 -35.64 4.35 -12.19
N LEU A 403 -36.54 3.73 -11.42
CA LEU A 403 -36.80 4.16 -10.06
C LEU A 403 -35.61 3.96 -9.14
N GLN A 404 -34.98 2.78 -9.23
CA GLN A 404 -33.81 2.46 -8.39
C GLN A 404 -32.75 3.47 -8.70
N LEU A 405 -32.47 3.63 -9.98
CA LEU A 405 -31.50 4.59 -10.45
C LEU A 405 -31.74 5.97 -9.84
N ASN A 406 -32.96 6.47 -9.99
CA ASN A 406 -33.39 7.71 -9.34
C ASN A 406 -32.93 7.86 -7.87
N ASP A 407 -33.04 6.79 -7.08
CA ASP A 407 -32.50 6.79 -5.72
C ASP A 407 -31.01 7.16 -5.70
N VAL A 408 -30.22 6.44 -6.51
CA VAL A 408 -28.79 6.74 -6.67
C VAL A 408 -28.61 8.20 -7.07
N VAL A 409 -29.35 8.65 -8.08
CA VAL A 409 -29.33 10.07 -8.45
C VAL A 409 -29.68 10.94 -7.24
N GLY A 410 -30.83 10.64 -6.62
CA GLY A 410 -31.26 11.31 -5.40
C GLY A 410 -30.09 11.40 -4.45
N SER A 411 -29.56 10.25 -4.05
CA SER A 411 -28.38 10.17 -3.20
C SER A 411 -27.29 11.13 -3.63
N MET A 412 -26.84 11.03 -4.88
CA MET A 412 -25.80 11.92 -5.40
C MET A 412 -26.10 13.40 -5.19
N LYS A 413 -27.34 13.81 -5.47
CA LYS A 413 -27.77 15.20 -5.22
C LYS A 413 -27.42 15.60 -3.79
N ARG A 414 -27.91 14.83 -2.83
CA ARG A 414 -27.69 15.10 -1.41
C ARG A 414 -26.21 15.16 -1.02
N ASP A 415 -25.38 14.32 -1.63
CA ASP A 415 -23.95 14.28 -1.32
C ASP A 415 -23.05 15.10 -2.25
N ALA A 416 -23.63 15.64 -3.32
CA ALA A 416 -22.85 16.44 -4.26
C ALA A 416 -23.05 17.92 -3.98
N GLY A 417 -24.31 18.34 -3.92
CA GLY A 417 -24.66 19.74 -3.74
C GLY A 417 -24.82 20.39 -5.10
N LEU A 418 -25.52 19.69 -5.98
CA LEU A 418 -25.75 20.13 -7.35
C LEU A 418 -26.78 19.21 -8.02
N ASN A 419 -27.35 19.66 -9.13
CA ASN A 419 -28.35 18.88 -9.84
C ASN A 419 -27.79 18.14 -11.04
N LEU A 420 -28.14 16.87 -11.16
CA LEU A 420 -27.90 16.12 -12.38
C LEU A 420 -28.36 17.03 -13.51
N SER A 421 -27.43 17.31 -14.44
CA SER A 421 -27.73 18.15 -15.60
C SER A 421 -28.40 17.30 -16.67
N SER A 422 -27.67 16.31 -17.17
CA SER A 422 -28.19 15.34 -18.13
C SER A 422 -27.53 14.00 -17.88
N LEU A 423 -28.03 12.98 -18.57
CA LEU A 423 -27.54 11.63 -18.43
C LEU A 423 -27.23 11.04 -19.79
N ARG A 424 -26.04 10.46 -19.91
CA ARG A 424 -25.73 9.66 -21.08
C ARG A 424 -25.87 8.19 -20.70
N VAL A 425 -26.18 7.36 -21.69
CA VAL A 425 -26.44 5.94 -21.49
C VAL A 425 -25.73 5.12 -22.56
N ASP A 426 -25.27 3.92 -22.21
CA ASP A 426 -24.61 3.04 -23.20
C ASP A 426 -24.49 1.60 -22.70
N GLY A 427 -24.42 0.67 -23.65
CA GLY A 427 -24.03 -0.73 -23.38
C GLY A 427 -25.00 -1.58 -22.59
N GLY A 428 -26.14 -1.02 -22.22
CA GLY A 428 -27.19 -1.77 -21.55
C GLY A 428 -28.42 -1.99 -22.42
N LEU A 429 -29.24 -0.94 -22.54
CA LEU A 429 -30.48 -1.00 -23.33
C LEU A 429 -30.70 0.30 -24.13
N SER A 430 -29.80 0.56 -25.07
CA SER A 430 -29.87 1.74 -25.95
C SER A 430 -30.81 1.51 -27.13
N LYS A 431 -31.16 0.24 -27.35
CA LYS A 431 -32.22 -0.14 -28.29
C LYS A 431 -33.59 0.09 -27.66
N ASN A 432 -33.72 -0.30 -26.39
CA ASN A 432 -34.97 -0.15 -25.63
C ASN A 432 -35.46 1.30 -25.50
N GLY A 433 -36.13 1.78 -26.54
CA GLY A 433 -36.66 3.14 -26.59
C GLY A 433 -37.52 3.51 -25.40
N LEU A 434 -38.45 2.62 -25.03
CA LEU A 434 -39.40 2.87 -23.94
C LEU A 434 -38.76 3.11 -22.59
N LEU A 435 -37.76 2.29 -22.25
CA LEU A 435 -37.07 2.43 -20.97
C LEU A 435 -36.53 3.83 -20.78
N MET A 436 -35.94 4.39 -21.84
CA MET A 436 -35.39 5.75 -21.84
C MET A 436 -36.46 6.81 -21.66
N GLU A 437 -37.67 6.57 -22.17
CA GLU A 437 -38.81 7.48 -21.93
C GLU A 437 -39.40 7.36 -20.52
N ILE A 438 -39.40 6.15 -19.96
CA ILE A 438 -39.84 5.93 -18.57
C ILE A 438 -38.74 6.43 -17.61
N GLN A 439 -37.51 6.42 -18.11
CA GLN A 439 -36.34 6.84 -17.34
C GLN A 439 -36.23 8.35 -17.38
N ALA A 440 -36.33 8.92 -18.57
CA ALA A 440 -36.09 10.36 -18.82
C ALA A 440 -37.02 11.26 -18.03
N SER A 441 -38.31 10.96 -18.09
CA SER A 441 -39.32 11.70 -17.33
C SER A 441 -39.02 11.70 -15.83
N LEU A 442 -38.87 10.52 -15.25
CA LEU A 442 -38.64 10.38 -13.81
C LEU A 442 -37.50 11.26 -13.29
N LEU A 443 -36.31 11.11 -13.87
CA LEU A 443 -35.14 11.87 -13.43
C LEU A 443 -35.34 13.38 -13.61
N GLY A 444 -36.15 13.75 -14.60
CA GLY A 444 -36.48 15.15 -14.87
C GLY A 444 -35.44 15.91 -15.68
N VAL A 445 -34.45 15.17 -16.20
CA VAL A 445 -33.42 15.74 -17.06
C VAL A 445 -33.45 15.10 -18.43
N ASP A 446 -32.69 15.67 -19.37
CA ASP A 446 -32.52 15.09 -20.68
C ASP A 446 -31.63 13.84 -20.61
N ILE A 447 -32.20 12.73 -21.10
CA ILE A 447 -31.46 11.50 -21.23
C ILE A 447 -30.90 11.44 -22.65
N LEU A 448 -29.57 11.49 -22.75
CA LEU A 448 -28.88 11.42 -24.04
C LEU A 448 -28.37 10.02 -24.35
N VAL A 449 -28.62 9.57 -25.59
CA VAL A 449 -28.25 8.24 -26.07
C VAL A 449 -27.37 8.35 -27.31
N PRO A 450 -26.12 7.83 -27.22
CA PRO A 450 -25.19 7.77 -28.34
C PRO A 450 -25.54 6.75 -29.42
N SER A 451 -25.34 7.14 -30.67
CA SER A 451 -25.50 6.24 -31.80
C SER A 451 -24.29 5.32 -31.87
N MET A 452 -23.12 5.88 -31.55
CA MET A 452 -21.87 5.12 -31.62
C MET A 452 -21.69 4.22 -30.41
N HIS A 453 -21.37 2.97 -30.69
CA HIS A 453 -21.40 1.86 -29.76
C HIS A 453 -20.23 1.77 -28.73
N GLU A 454 -19.10 2.41 -29.01
CA GLU A 454 -17.87 2.16 -28.24
C GLU A 454 -17.43 3.35 -27.38
N THR A 455 -18.32 3.87 -26.57
CA THR A 455 -17.96 5.01 -25.74
C THR A 455 -16.80 4.63 -24.82
N THR A 456 -17.01 3.62 -23.96
CA THR A 456 -15.94 3.09 -23.10
C THR A 456 -14.53 3.11 -23.71
N ALA A 457 -14.38 2.55 -24.91
CA ALA A 457 -13.08 2.51 -25.57
C ALA A 457 -12.68 3.87 -26.14
N LEU A 458 -13.67 4.72 -26.38
CA LEU A 458 -13.40 6.09 -26.80
C LEU A 458 -12.84 6.90 -25.62
N GLY A 459 -13.36 6.63 -24.43
CA GLY A 459 -12.85 7.25 -23.20
C GLY A 459 -11.34 7.30 -23.17
N ALA A 460 -10.69 6.14 -23.36
CA ALA A 460 -9.22 6.05 -23.35
C ALA A 460 -8.57 6.52 -24.65
N ALA A 461 -9.36 6.50 -25.71
CA ALA A 461 -8.88 6.92 -27.01
C ALA A 461 -8.76 8.45 -27.06
N LEU A 462 -9.50 9.13 -26.17
CA LEU A 462 -9.54 10.59 -26.14
C LEU A 462 -8.50 11.12 -25.18
N CYS A 463 -8.18 10.31 -24.16
CA CYS A 463 -7.05 10.55 -23.25
C CYS A 463 -5.72 10.48 -24.01
N ALA A 464 -5.64 9.56 -24.97
CA ALA A 464 -4.43 9.39 -25.77
C ALA A 464 -4.39 10.33 -27.00
N GLY A 465 -5.54 10.87 -27.38
CA GLY A 465 -5.61 11.76 -28.54
C GLY A 465 -5.08 13.11 -28.12
N LEU A 466 -5.86 13.78 -27.27
CA LEU A 466 -5.45 14.98 -26.57
C LEU A 466 -3.93 15.03 -26.32
N ALA A 467 -3.44 14.15 -25.45
CA ALA A 467 -2.02 14.10 -25.08
C ALA A 467 -1.04 14.06 -26.26
N ALA A 468 -1.49 13.53 -27.40
CA ALA A 468 -0.66 13.46 -28.60
C ALA A 468 -0.98 14.60 -29.58
N GLY A 469 -2.06 15.32 -29.33
CA GLY A 469 -2.52 16.36 -30.24
C GLY A 469 -3.31 15.84 -31.42
N VAL A 470 -4.23 14.91 -31.16
CA VAL A 470 -5.18 14.49 -32.19
C VAL A 470 -6.40 15.41 -32.17
N TRP A 471 -6.76 15.84 -30.96
CA TRP A 471 -7.76 16.88 -30.74
C TRP A 471 -7.12 17.84 -29.77
N THR A 472 -7.38 19.13 -29.99
CA THR A 472 -6.64 20.17 -29.27
C THR A 472 -7.03 20.21 -27.78
N SER A 473 -8.31 20.46 -27.51
CA SER A 473 -8.80 20.59 -26.14
C SER A 473 -10.07 19.76 -25.96
N LEU A 474 -10.56 19.68 -24.73
CA LEU A 474 -11.86 19.04 -24.42
C LEU A 474 -13.03 19.76 -25.10
N GLU A 475 -12.88 21.07 -25.32
CA GLU A 475 -13.90 21.90 -25.98
C GLU A 475 -14.09 21.51 -27.46
N GLU A 476 -12.99 21.10 -28.11
CA GLU A 476 -13.02 20.63 -29.49
C GLU A 476 -13.49 19.18 -29.58
N VAL A 477 -13.34 18.45 -28.47
CA VAL A 477 -13.77 17.06 -28.38
C VAL A 477 -15.29 16.99 -28.33
N LYS A 478 -15.93 17.97 -27.69
CA LYS A 478 -17.39 18.04 -27.69
C LYS A 478 -17.94 18.22 -29.10
N ALA A 479 -17.35 19.17 -29.83
CA ALA A 479 -17.86 19.60 -31.14
C ALA A 479 -17.74 18.54 -32.21
N VAL A 480 -16.58 17.89 -32.25
CA VAL A 480 -16.41 16.73 -33.09
C VAL A 480 -17.51 15.70 -32.79
N SER A 481 -17.68 15.33 -31.51
CA SER A 481 -18.75 14.40 -31.15
C SER A 481 -20.12 14.99 -31.42
N ARG A 482 -20.20 16.32 -31.34
CA ARG A 482 -21.45 17.03 -31.56
C ARG A 482 -21.87 16.93 -33.03
N ARG A 483 -20.88 16.92 -33.94
CA ARG A 483 -21.11 16.95 -35.39
C ARG A 483 -21.08 15.59 -36.08
N GLU A 484 -20.15 14.73 -35.67
CA GLU A 484 -19.97 13.43 -36.33
C GLU A 484 -20.87 12.39 -35.71
N ASN A 485 -20.52 11.99 -34.49
CA ASN A 485 -21.14 10.85 -33.80
C ASN A 485 -22.47 11.16 -33.12
N SER A 486 -23.54 11.01 -33.89
CA SER A 486 -24.89 11.39 -33.48
C SER A 486 -25.37 10.84 -32.15
N TRP A 487 -26.29 11.62 -31.59
CA TRP A 487 -27.16 11.21 -30.52
C TRP A 487 -28.55 11.62 -31.00
N LYS A 488 -29.58 10.89 -30.57
CA LYS A 488 -30.90 11.50 -30.47
C LYS A 488 -31.17 11.61 -28.98
N THR A 489 -31.89 12.66 -28.59
CA THR A 489 -32.20 12.88 -27.18
C THR A 489 -33.54 12.24 -26.77
N VAL A 490 -33.65 11.88 -25.49
CA VAL A 490 -34.94 11.47 -24.92
C VAL A 490 -35.30 12.50 -23.84
N SER A 491 -36.41 13.17 -24.05
CA SER A 491 -36.83 14.31 -23.22
C SER A 491 -37.91 13.89 -22.23
N PRO A 492 -37.94 14.52 -21.04
CA PRO A 492 -39.01 14.20 -20.10
C PRO A 492 -40.41 14.34 -20.72
N SER A 493 -41.35 13.51 -20.26
CA SER A 493 -42.72 13.53 -20.81
C SER A 493 -43.84 13.25 -19.80
N GLY A 494 -43.53 13.28 -18.50
CA GLY A 494 -44.54 13.03 -17.45
C GLY A 494 -44.67 14.12 -16.41
N SER A 495 -45.61 13.95 -15.47
CA SER A 495 -45.93 14.97 -14.47
C SER A 495 -45.99 14.40 -13.05
N ALA A 496 -46.07 15.30 -12.06
CA ALA A 496 -46.03 14.93 -10.63
C ALA A 496 -47.04 13.85 -10.18
N MET A 497 -48.30 13.95 -10.60
CA MET A 497 -49.31 12.92 -10.26
C MET A 497 -48.97 11.59 -10.95
N GLU A 498 -47.74 11.51 -11.42
CA GLU A 498 -47.13 10.28 -11.89
C GLU A 498 -45.73 10.25 -11.30
N ARG A 499 -44.96 11.30 -11.59
CA ARG A 499 -43.53 11.38 -11.23
C ARG A 499 -43.28 11.23 -9.74
N GLU A 500 -44.08 11.91 -8.92
CA GLU A 500 -43.89 11.93 -7.47
C GLU A 500 -44.70 10.87 -6.73
N ALA A 501 -45.80 10.43 -7.34
CA ALA A 501 -46.63 9.36 -6.79
C ALA A 501 -45.99 7.98 -7.00
N MET A 502 -45.14 7.90 -8.01
CA MET A 502 -44.41 6.69 -8.32
C MET A 502 -43.26 6.53 -7.33
N ILE A 503 -42.64 7.63 -6.96
CA ILE A 503 -41.58 7.62 -5.96
C ILE A 503 -42.15 7.27 -4.58
N ALA A 504 -43.37 7.72 -4.29
CA ALA A 504 -44.04 7.32 -3.06
C ALA A 504 -44.32 5.82 -3.07
N GLU A 505 -44.95 5.36 -4.16
CA GLU A 505 -45.30 3.94 -4.39
C GLU A 505 -44.13 2.99 -4.18
N TRP A 506 -43.06 3.19 -4.95
CA TRP A 506 -41.77 2.53 -4.79
C TRP A 506 -41.37 2.34 -3.33
N ARG A 507 -41.29 3.44 -2.58
CA ARG A 507 -40.84 3.41 -1.20
C ARG A 507 -41.79 2.66 -0.27
N GLU A 508 -43.10 2.87 -0.46
CA GLU A 508 -44.11 2.12 0.29
C GLU A 508 -43.93 0.63 0.00
N ALA A 509 -43.61 0.32 -1.25
CA ALA A 509 -43.33 -1.05 -1.67
C ALA A 509 -41.99 -1.60 -1.18
N LEU A 510 -41.12 -0.71 -0.69
CA LEU A 510 -39.78 -1.14 -0.28
C LEU A 510 -39.72 -1.73 1.13
N LYS A 511 -40.66 -1.35 1.98
CA LYS A 511 -40.70 -1.83 3.37
C LYS A 511 -41.08 -3.32 3.42
N ARG A 512 -41.45 -3.84 2.25
CA ARG A 512 -41.94 -5.17 2.12
C ARG A 512 -40.95 -6.06 1.35
N THR A 513 -39.69 -5.64 1.30
CA THR A 513 -38.64 -6.39 0.58
C THR A 513 -37.91 -7.43 1.43
N LYS A 514 -37.71 -7.14 2.72
CA LYS A 514 -37.14 -8.06 3.71
C LYS A 514 -37.51 -9.54 3.50
N TRP A 515 -36.51 -10.43 3.49
CA TRP A 515 -36.72 -11.88 3.37
C TRP A 515 -35.43 -12.73 3.51
N ALA A 516 -34.73 -12.61 4.63
CA ALA A 516 -33.42 -13.26 4.82
C ALA A 516 -33.49 -14.77 5.11
N LYS A 517 -32.32 -15.41 5.15
CA LYS A 517 -32.16 -16.85 5.33
C LYS A 517 -33.34 -17.56 6.01
N PHE B 5 -91.24 -51.60 -8.87
CA PHE B 5 -90.62 -52.59 -9.81
C PHE B 5 -89.61 -52.00 -10.81
N THR B 6 -90.04 -51.01 -11.61
CA THR B 6 -89.11 -50.26 -12.47
C THR B 6 -88.28 -49.28 -11.61
N MET B 7 -87.23 -48.70 -12.18
CA MET B 7 -86.32 -47.82 -11.42
C MET B 7 -86.96 -46.52 -10.92
N LYS B 8 -86.74 -46.22 -9.65
CA LYS B 8 -87.27 -45.02 -9.05
C LYS B 8 -86.35 -43.85 -9.39
N TYR B 9 -86.95 -42.70 -9.70
CA TYR B 9 -86.17 -41.51 -10.10
C TYR B 9 -86.47 -40.27 -9.28
N VAL B 10 -85.51 -39.35 -9.23
CA VAL B 10 -85.67 -38.06 -8.51
C VAL B 10 -84.82 -36.95 -9.14
N GLY B 11 -85.43 -35.77 -9.30
CA GLY B 11 -84.77 -34.63 -9.94
C GLY B 11 -84.20 -33.59 -8.98
N SER B 12 -83.11 -32.96 -9.39
CA SER B 12 -82.53 -31.87 -8.64
C SER B 12 -82.13 -30.76 -9.60
N ILE B 13 -82.75 -29.59 -9.44
CA ILE B 13 -82.38 -28.40 -10.19
C ILE B 13 -81.17 -27.84 -9.48
N ASP B 14 -80.09 -27.66 -10.24
CA ASP B 14 -78.81 -27.21 -9.68
C ASP B 14 -78.50 -25.87 -10.32
N GLN B 15 -79.14 -24.83 -9.81
CA GLN B 15 -79.05 -23.49 -10.37
C GLN B 15 -77.85 -22.74 -9.83
N GLY B 16 -76.78 -22.69 -10.63
CA GLY B 16 -75.52 -22.11 -10.21
C GLY B 16 -75.46 -20.62 -10.47
N THR B 17 -74.24 -20.09 -10.46
CA THR B 17 -74.03 -18.70 -10.77
C THR B 17 -73.92 -18.55 -12.28
N THR B 18 -73.05 -19.34 -12.90
CA THR B 18 -72.88 -19.25 -14.35
C THR B 18 -73.97 -19.95 -15.14
N SER B 19 -74.52 -21.04 -14.59
CA SER B 19 -75.45 -21.88 -15.34
C SER B 19 -76.45 -22.67 -14.50
N THR B 20 -77.52 -23.10 -15.15
CA THR B 20 -78.49 -23.98 -14.53
C THR B 20 -78.26 -25.38 -15.09
N ARG B 21 -78.10 -26.34 -14.18
CA ARG B 21 -78.05 -27.73 -14.56
C ARG B 21 -79.30 -28.42 -14.03
N PHE B 22 -79.84 -29.34 -14.82
CA PHE B 22 -80.82 -30.28 -14.28
C PHE B 22 -80.33 -31.72 -14.39
N ILE B 23 -80.40 -32.43 -13.27
CA ILE B 23 -79.87 -33.79 -13.19
C ILE B 23 -80.87 -34.77 -12.55
N ILE B 24 -81.16 -35.87 -13.25
CA ILE B 24 -82.02 -36.93 -12.75
C ILE B 24 -81.17 -38.07 -12.19
N PHE B 25 -81.57 -38.54 -11.00
CA PHE B 25 -80.89 -39.59 -10.26
C PHE B 25 -81.75 -40.84 -10.18
N ASP B 26 -81.12 -42.02 -10.16
CA ASP B 26 -81.82 -43.25 -9.80
C ASP B 26 -81.46 -43.64 -8.38
N GLU B 27 -82.09 -44.69 -7.86
CA GLU B 27 -81.92 -45.08 -6.46
C GLU B 27 -80.51 -45.58 -6.13
N ARG B 28 -79.75 -45.96 -7.16
CA ARG B 28 -78.32 -46.25 -7.00
C ARG B 28 -77.54 -44.95 -6.82
N GLN B 29 -78.28 -43.85 -6.60
CA GLN B 29 -77.74 -42.48 -6.53
C GLN B 29 -76.82 -42.08 -7.67
N ARG B 30 -77.07 -42.66 -8.84
CA ARG B 30 -76.34 -42.33 -10.06
C ARG B 30 -77.08 -41.30 -10.94
N PRO B 31 -76.34 -40.30 -11.46
CA PRO B 31 -76.92 -39.36 -12.41
C PRO B 31 -77.20 -40.10 -13.70
N VAL B 32 -78.43 -39.98 -14.19
CA VAL B 32 -78.87 -40.75 -15.36
C VAL B 32 -79.33 -39.86 -16.50
N SER B 33 -79.55 -38.59 -16.18
CA SER B 33 -79.80 -37.58 -17.20
C SER B 33 -79.22 -36.26 -16.73
N VAL B 34 -78.64 -35.50 -17.66
CA VAL B 34 -78.07 -34.19 -17.34
C VAL B 34 -78.38 -33.15 -18.40
N HIS B 35 -78.65 -31.92 -17.98
CA HIS B 35 -78.65 -30.79 -18.91
C HIS B 35 -78.30 -29.44 -18.31
N GLN B 36 -77.47 -28.73 -19.08
CA GLN B 36 -76.84 -27.48 -18.71
C GLN B 36 -77.41 -26.32 -19.52
N VAL B 37 -77.90 -25.27 -18.85
CA VAL B 37 -78.22 -24.00 -19.54
C VAL B 37 -77.59 -22.75 -18.86
N PRO B 38 -76.63 -22.11 -19.55
CA PRO B 38 -75.98 -20.87 -19.09
C PRO B 38 -76.89 -19.64 -19.16
N HIS B 39 -76.55 -18.62 -18.39
CA HIS B 39 -77.28 -17.36 -18.39
C HIS B 39 -76.33 -16.17 -18.29
N THR B 40 -76.71 -15.06 -18.94
CA THR B 40 -75.88 -13.86 -19.00
C THR B 40 -75.48 -13.33 -17.63
N GLN B 41 -74.22 -12.90 -17.53
CA GLN B 41 -73.68 -12.33 -16.29
C GLN B 41 -73.48 -10.84 -16.47
N HIS B 42 -74.54 -10.08 -16.20
CA HIS B 42 -74.53 -8.62 -16.42
C HIS B 42 -73.70 -7.89 -15.37
N THR B 43 -72.78 -7.07 -15.83
CA THR B 43 -72.04 -6.17 -14.96
C THR B 43 -72.42 -4.73 -15.33
N PRO B 44 -73.65 -4.28 -14.97
CA PRO B 44 -74.10 -2.93 -15.34
C PRO B 44 -73.06 -1.85 -15.06
N HIS B 45 -72.35 -1.98 -13.95
CA HIS B 45 -71.25 -1.08 -13.60
C HIS B 45 -70.07 -1.93 -13.07
N PRO B 46 -68.89 -1.31 -12.84
CA PRO B 46 -67.76 -2.06 -12.25
C PRO B 46 -68.06 -2.60 -10.85
N GLY B 47 -67.83 -3.89 -10.62
CA GLY B 47 -68.14 -4.49 -9.31
C GLY B 47 -69.64 -4.74 -9.08
N TRP B 48 -70.43 -4.58 -10.13
CA TRP B 48 -71.82 -5.05 -10.12
C TRP B 48 -71.93 -6.40 -10.83
N LEU B 49 -73.05 -7.09 -10.59
CA LEU B 49 -73.37 -8.37 -11.22
C LEU B 49 -74.82 -8.75 -10.93
N GLU B 50 -75.60 -8.91 -11.99
CA GLU B 50 -77.01 -9.32 -11.87
C GLU B 50 -77.46 -10.27 -12.99
N HIS B 51 -78.52 -11.03 -12.73
CA HIS B 51 -79.08 -11.94 -13.73
C HIS B 51 -80.58 -11.67 -13.89
N ASP B 52 -81.15 -12.03 -15.04
CA ASP B 52 -82.61 -12.08 -15.18
C ASP B 52 -83.20 -13.28 -14.43
N PRO B 53 -84.07 -13.03 -13.43
CA PRO B 53 -84.80 -14.08 -12.72
C PRO B 53 -85.67 -14.93 -13.65
N MET B 54 -86.09 -14.34 -14.78
CA MET B 54 -86.89 -15.04 -15.78
C MET B 54 -86.01 -15.93 -16.65
N GLU B 55 -84.85 -15.40 -17.04
CA GLU B 55 -83.85 -16.18 -17.75
C GLU B 55 -83.54 -17.45 -16.95
N ILE B 56 -83.24 -17.26 -15.67
CA ILE B 56 -82.90 -18.37 -14.80
C ILE B 56 -84.06 -19.35 -14.79
N PHE B 57 -85.26 -18.84 -14.54
CA PHE B 57 -86.46 -19.67 -14.50
C PHE B 57 -86.62 -20.48 -15.78
N ARG B 58 -86.58 -19.82 -16.93
CA ARG B 58 -86.75 -20.49 -18.21
C ARG B 58 -85.65 -21.54 -18.45
N SER B 59 -84.45 -21.27 -17.94
CA SER B 59 -83.32 -22.19 -18.08
C SER B 59 -83.57 -23.46 -17.28
N ALA B 60 -84.04 -23.30 -16.04
CA ALA B 60 -84.49 -24.42 -15.20
C ALA B 60 -85.49 -25.31 -15.93
N CYS B 61 -86.35 -24.70 -16.75
CA CYS B 61 -87.40 -25.44 -17.43
C CYS B 61 -86.90 -26.18 -18.66
N LYS B 62 -86.02 -25.51 -19.42
CA LYS B 62 -85.43 -26.08 -20.63
C LYS B 62 -84.47 -27.21 -20.24
N CYS B 63 -84.04 -27.18 -18.98
CA CYS B 63 -83.14 -28.18 -18.44
C CYS B 63 -83.90 -29.44 -18.05
N MET B 64 -85.07 -29.24 -17.46
CA MET B 64 -85.96 -30.33 -17.10
C MET B 64 -86.47 -31.11 -18.33
N SER B 65 -86.99 -30.41 -19.32
CA SER B 65 -87.37 -31.03 -20.60
C SER B 65 -86.32 -32.01 -21.08
N VAL B 66 -85.16 -31.47 -21.47
CA VAL B 66 -84.09 -32.24 -22.08
C VAL B 66 -83.69 -33.41 -21.19
N ALA B 67 -83.57 -33.16 -19.89
CA ALA B 67 -83.25 -34.24 -18.97
C ALA B 67 -84.39 -35.29 -18.84
N ILE B 68 -85.64 -34.87 -18.99
CA ILE B 68 -86.76 -35.81 -19.01
C ILE B 68 -86.82 -36.55 -20.35
N ALA B 69 -86.49 -35.85 -21.44
CA ALA B 69 -86.44 -36.43 -22.79
C ALA B 69 -85.23 -37.38 -23.01
N LYS B 70 -84.03 -36.94 -22.67
CA LYS B 70 -82.84 -37.79 -22.84
C LYS B 70 -83.01 -39.13 -22.15
N LEU B 71 -83.65 -39.10 -20.97
CA LEU B 71 -83.80 -40.27 -20.11
C LEU B 71 -84.63 -41.37 -20.77
N ARG B 72 -85.68 -40.97 -21.50
CA ARG B 72 -86.43 -41.94 -22.27
C ARG B 72 -85.50 -42.71 -23.21
N GLN B 73 -84.96 -42.03 -24.22
CA GLN B 73 -83.96 -42.62 -25.12
C GLN B 73 -83.06 -43.63 -24.39
N LYS B 74 -82.42 -43.17 -23.31
CA LYS B 74 -81.42 -43.97 -22.59
C LYS B 74 -82.02 -45.18 -21.90
N ASP B 75 -83.16 -44.96 -21.24
CA ASP B 75 -83.84 -46.01 -20.50
C ASP B 75 -85.36 -45.78 -20.62
N ALA B 76 -85.98 -46.47 -21.58
CA ALA B 76 -87.37 -46.22 -21.97
C ALA B 76 -88.42 -46.55 -20.89
N SER B 77 -87.97 -47.25 -19.86
CA SER B 77 -88.78 -47.68 -18.72
C SER B 77 -89.50 -46.51 -18.06
N PHE B 78 -88.81 -45.36 -18.07
CA PHE B 78 -89.17 -44.16 -17.33
C PHE B 78 -90.59 -43.65 -17.59
N ARG B 79 -91.37 -43.54 -16.52
CA ARG B 79 -92.73 -42.98 -16.63
C ARG B 79 -92.90 -41.64 -15.89
N LYS B 80 -92.28 -41.49 -14.71
CA LYS B 80 -92.41 -40.27 -13.87
C LYS B 80 -91.26 -40.08 -12.87
N ILE B 81 -91.27 -38.96 -12.16
CA ILE B 81 -90.26 -38.63 -11.14
C ILE B 81 -90.88 -38.57 -9.73
N GLU B 82 -90.23 -39.22 -8.76
CA GLU B 82 -90.78 -39.35 -7.40
C GLU B 82 -90.95 -37.98 -6.73
N ALA B 83 -89.88 -37.19 -6.73
CA ALA B 83 -89.89 -35.86 -6.16
C ALA B 83 -88.80 -35.00 -6.81
N ILE B 84 -88.90 -33.69 -6.58
CA ILE B 84 -87.91 -32.75 -7.04
C ILE B 84 -87.21 -32.10 -5.84
N GLY B 85 -85.93 -31.83 -6.00
CA GLY B 85 -85.18 -31.01 -5.08
C GLY B 85 -84.58 -29.82 -5.80
N ILE B 86 -84.44 -28.71 -5.08
CA ILE B 86 -83.87 -27.48 -5.63
C ILE B 86 -82.61 -27.06 -4.87
N THR B 87 -81.54 -26.77 -5.62
CA THR B 87 -80.33 -26.20 -5.03
C THR B 87 -79.82 -25.01 -5.85
N ASN B 88 -79.30 -23.99 -5.16
CA ASN B 88 -79.10 -22.69 -5.78
C ASN B 88 -77.90 -21.92 -5.27
N GLN B 89 -77.55 -20.89 -6.03
CA GLN B 89 -76.60 -19.90 -5.63
C GLN B 89 -77.29 -19.14 -4.57
N ARG B 90 -76.60 -18.90 -3.50
CA ARG B 90 -77.18 -18.26 -2.36
C ARG B 90 -76.97 -16.80 -2.37
N GLU B 91 -77.89 -16.10 -1.75
CA GLU B 91 -77.73 -14.73 -1.39
C GLU B 91 -78.12 -13.84 -2.56
N THR B 92 -78.23 -14.40 -3.73
CA THR B 92 -78.62 -13.59 -4.85
C THR B 92 -80.03 -13.29 -4.55
N THR B 93 -80.46 -12.06 -4.73
CA THR B 93 -81.78 -11.73 -4.31
C THR B 93 -82.69 -11.23 -5.39
N VAL B 94 -83.91 -11.74 -5.40
CA VAL B 94 -84.86 -11.42 -6.45
C VAL B 94 -86.04 -10.61 -5.93
N ALA B 95 -86.35 -9.51 -6.63
CA ALA B 95 -87.54 -8.71 -6.37
C ALA B 95 -88.66 -9.09 -7.32
N TRP B 96 -89.77 -9.60 -6.79
CA TRP B 96 -90.95 -9.82 -7.63
C TRP B 96 -92.30 -9.42 -7.00
N ASP B 97 -93.40 -9.79 -7.66
CA ASP B 97 -94.74 -9.24 -7.39
C ASP B 97 -95.79 -10.35 -7.25
N ARG B 98 -96.54 -10.32 -6.15
CA ARG B 98 -97.50 -11.39 -5.84
C ARG B 98 -98.72 -11.40 -6.76
N VAL B 99 -98.79 -10.44 -7.68
CA VAL B 99 -99.91 -10.39 -8.63
C VAL B 99 -99.44 -10.65 -10.06
N THR B 100 -98.64 -9.73 -10.62
CA THR B 100 -98.11 -9.89 -11.97
C THR B 100 -97.20 -11.11 -12.11
N LYS B 101 -96.55 -11.49 -11.00
CA LYS B 101 -95.64 -12.64 -10.94
C LYS B 101 -94.34 -12.44 -11.74
N GLU B 102 -94.21 -11.28 -12.39
CA GLU B 102 -92.98 -10.89 -13.07
C GLU B 102 -91.96 -10.43 -12.03
N PRO B 103 -90.66 -10.42 -12.40
CA PRO B 103 -89.72 -9.74 -11.52
C PRO B 103 -89.83 -8.24 -11.72
N LEU B 104 -89.90 -7.50 -10.62
CA LEU B 104 -90.01 -6.04 -10.69
C LEU B 104 -88.74 -5.41 -11.22
N CYS B 105 -87.59 -5.99 -10.87
CA CYS B 105 -86.31 -5.64 -11.51
C CYS B 105 -85.35 -6.83 -11.46
N TYR B 106 -84.11 -6.60 -11.89
CA TYR B 106 -83.10 -7.65 -11.93
C TYR B 106 -82.68 -8.13 -10.53
N ALA B 107 -81.66 -9.00 -10.49
CA ALA B 107 -81.24 -9.64 -9.24
C ALA B 107 -79.75 -9.55 -9.03
N PRO B 108 -79.31 -8.77 -8.03
CA PRO B 108 -77.89 -8.62 -7.64
C PRO B 108 -77.33 -9.90 -7.02
N VAL B 109 -76.19 -10.35 -7.53
CA VAL B 109 -75.61 -11.65 -7.17
C VAL B 109 -74.89 -11.56 -5.82
N TRP B 110 -74.42 -12.69 -5.31
CA TRP B 110 -73.76 -12.76 -3.98
C TRP B 110 -72.46 -11.95 -3.91
N ASN B 111 -71.74 -11.87 -5.03
CA ASN B 111 -70.47 -11.16 -5.06
C ASN B 111 -70.55 -9.71 -5.56
N ASP B 112 -71.76 -9.29 -5.93
CA ASP B 112 -72.06 -7.90 -6.30
C ASP B 112 -71.74 -6.96 -5.13
N LEU B 113 -71.26 -5.75 -5.45
CA LEU B 113 -70.80 -4.79 -4.42
C LEU B 113 -71.54 -3.45 -4.46
N ARG B 114 -72.80 -3.46 -4.88
CA ARG B 114 -73.62 -2.24 -4.95
C ARG B 114 -74.20 -1.86 -3.58
N THR B 115 -73.94 -2.70 -2.57
CA THR B 115 -74.54 -2.51 -1.26
C THR B 115 -73.56 -1.92 -0.24
N TYR B 116 -72.45 -1.37 -0.75
CA TYR B 116 -71.42 -0.73 0.08
C TYR B 116 -72.04 0.29 1.05
N ASP B 117 -72.55 1.39 0.49
CA ASP B 117 -73.14 2.47 1.28
C ASP B 117 -74.07 1.91 2.33
N ILE B 118 -75.01 1.09 1.85
CA ILE B 118 -76.01 0.47 2.70
C ILE B 118 -75.37 -0.23 3.90
N THR B 119 -74.35 -1.05 3.64
CA THR B 119 -73.56 -1.69 4.70
C THR B 119 -73.11 -0.70 5.77
N LYS B 120 -72.65 0.47 5.32
CA LYS B 120 -72.05 1.47 6.21
C LYS B 120 -73.09 2.18 7.06
N LYS B 121 -74.21 2.54 6.44
CA LYS B 121 -75.39 3.05 7.14
C LYS B 121 -75.95 1.98 8.07
N VAL B 122 -75.75 0.72 7.70
CA VAL B 122 -76.24 -0.39 8.51
C VAL B 122 -75.40 -0.60 9.77
N THR B 123 -74.06 -0.69 9.62
CA THR B 123 -73.19 -0.75 10.81
C THR B 123 -73.03 0.60 11.50
N ALA B 124 -73.46 1.67 10.83
CA ALA B 124 -73.51 3.01 11.45
C ALA B 124 -74.84 3.21 12.16
N GLU B 125 -75.78 3.86 11.49
CA GLU B 125 -77.08 4.26 12.07
C GLU B 125 -77.82 3.18 12.85
N LEU B 126 -77.77 1.94 12.34
CA LEU B 126 -78.48 0.80 12.94
C LEU B 126 -77.56 -0.07 13.80
N GLY B 127 -76.36 -0.32 13.28
CA GLY B 127 -75.39 -1.19 13.95
C GLY B 127 -74.79 -0.51 15.15
N GLY B 128 -74.23 0.67 14.90
CA GLY B 128 -73.70 1.53 15.94
C GLY B 128 -72.27 1.21 16.32
N GLY B 129 -71.50 0.69 15.37
CA GLY B 129 -70.10 0.33 15.65
C GLY B 129 -69.64 -0.99 15.09
N ASP B 130 -70.07 -2.09 15.71
CA ASP B 130 -69.57 -3.44 15.38
C ASP B 130 -70.37 -4.21 14.31
N SER B 131 -69.65 -4.67 13.28
CA SER B 131 -70.25 -5.48 12.22
C SER B 131 -70.82 -6.81 12.73
N MET B 132 -70.41 -7.23 13.93
CA MET B 132 -70.96 -8.45 14.56
C MET B 132 -72.17 -8.16 15.48
N PHE B 133 -72.83 -7.01 15.30
CA PHE B 133 -73.88 -6.56 16.22
C PHE B 133 -75.17 -7.38 16.20
N ALA B 134 -75.46 -8.05 15.08
CA ALA B 134 -76.64 -8.90 14.98
C ALA B 134 -76.24 -10.36 14.80
N SER B 135 -74.93 -10.61 14.88
CA SER B 135 -74.33 -11.95 14.72
C SER B 135 -74.71 -12.99 15.78
N LYS B 136 -75.58 -12.63 16.74
CA LYS B 136 -76.11 -13.62 17.69
C LYS B 136 -77.55 -14.00 17.32
N ILE B 137 -77.95 -13.61 16.11
CA ILE B 137 -79.29 -13.86 15.57
C ILE B 137 -79.16 -14.36 14.12
N THR B 138 -78.31 -13.68 13.35
CA THR B 138 -78.11 -14.01 11.94
C THR B 138 -76.92 -14.97 11.75
N GLY B 139 -75.98 -14.94 12.69
CA GLY B 139 -74.77 -15.75 12.60
C GLY B 139 -73.82 -15.25 11.53
N LEU B 140 -73.95 -13.98 11.16
CA LEU B 140 -73.18 -13.39 10.06
C LEU B 140 -72.79 -11.92 10.34
N PRO B 141 -71.57 -11.53 9.89
CA PRO B 141 -71.14 -10.14 9.83
C PRO B 141 -72.08 -9.32 8.98
N VAL B 142 -72.02 -8.00 9.12
CA VAL B 142 -72.77 -7.10 8.26
C VAL B 142 -71.87 -6.76 7.07
N SER B 143 -72.22 -7.29 5.90
CA SER B 143 -71.45 -7.08 4.66
C SER B 143 -72.30 -7.09 3.38
N THR B 144 -71.64 -7.06 2.22
CA THR B 144 -72.35 -6.95 0.95
C THR B 144 -73.13 -8.20 0.52
N TYR B 145 -72.53 -9.39 0.68
CA TYR B 145 -73.14 -10.64 0.21
C TYR B 145 -74.63 -10.82 0.59
N PHE B 146 -74.97 -10.61 1.86
CA PHE B 146 -76.26 -11.05 2.41
C PHE B 146 -77.50 -10.29 1.90
N ALA B 147 -78.65 -10.95 1.97
CA ALA B 147 -79.82 -10.64 1.12
C ALA B 147 -80.69 -9.46 1.52
N ALA B 148 -80.77 -9.17 2.82
CA ALA B 148 -81.47 -7.98 3.30
C ALA B 148 -80.85 -6.69 2.73
N PHE B 149 -79.53 -6.59 2.81
CA PHE B 149 -78.80 -5.43 2.26
C PHE B 149 -79.20 -5.20 0.81
N LYS B 150 -79.18 -6.27 0.02
CA LYS B 150 -79.64 -6.20 -1.37
C LYS B 150 -81.16 -5.90 -1.44
N MET B 151 -81.92 -6.47 -0.50
CA MET B 151 -83.35 -6.18 -0.40
C MET B 151 -83.59 -4.67 -0.31
N ARG B 152 -82.93 -3.99 0.64
CA ARG B 152 -83.15 -2.57 0.86
C ARG B 152 -82.64 -1.70 -0.29
N TRP B 153 -81.47 -2.05 -0.82
CA TRP B 153 -80.99 -1.34 -2.00
C TRP B 153 -82.06 -1.29 -3.07
N MET B 154 -82.86 -2.35 -3.16
CA MET B 154 -83.95 -2.43 -4.14
C MET B 154 -85.19 -1.64 -3.71
N LEU B 155 -85.51 -1.67 -2.42
CA LEU B 155 -86.63 -0.87 -1.87
C LEU B 155 -86.43 0.62 -2.14
N GLU B 156 -85.18 1.08 -2.03
CA GLU B 156 -84.81 2.48 -2.23
C GLU B 156 -83.86 2.73 -3.40
N ASN B 157 -84.15 2.13 -4.56
CA ASN B 157 -83.40 2.38 -5.82
C ASN B 157 -84.16 2.03 -7.11
N VAL B 158 -85.17 1.19 -6.99
CA VAL B 158 -85.96 0.79 -8.15
C VAL B 158 -87.40 1.31 -8.00
N PRO B 159 -87.88 2.08 -8.99
CA PRO B 159 -89.19 2.72 -8.91
C PRO B 159 -90.33 1.71 -8.76
N ALA B 160 -90.25 0.62 -9.51
CA ALA B 160 -91.30 -0.41 -9.52
C ALA B 160 -91.35 -1.25 -8.25
N VAL B 161 -90.26 -1.26 -7.50
CA VAL B 161 -90.18 -2.06 -6.26
C VAL B 161 -91.07 -1.48 -5.15
N ALA B 162 -90.69 -0.31 -4.66
CA ALA B 162 -91.43 0.37 -3.57
C ALA B 162 -92.89 0.68 -3.94
N ASP B 163 -93.12 1.00 -5.22
CA ASP B 163 -94.48 1.25 -5.73
C ASP B 163 -95.35 -0.01 -5.70
N ALA B 164 -94.74 -1.16 -5.95
CA ALA B 164 -95.43 -2.44 -5.82
C ALA B 164 -95.55 -2.83 -4.35
N CYS B 165 -94.77 -2.17 -3.49
CA CYS B 165 -94.85 -2.38 -2.04
C CYS B 165 -95.93 -1.53 -1.40
N ARG B 166 -96.06 -0.28 -1.86
CA ARG B 166 -97.10 0.62 -1.37
C ARG B 166 -98.47 -0.03 -1.52
N ARG B 167 -98.60 -0.88 -2.53
CA ARG B 167 -99.84 -1.63 -2.76
C ARG B 167 -99.86 -2.96 -1.98
N GLY B 168 -98.71 -3.34 -1.40
CA GLY B 168 -98.58 -4.59 -0.65
C GLY B 168 -98.31 -5.81 -1.51
N THR B 169 -98.30 -5.62 -2.84
CA THR B 169 -98.12 -6.68 -3.83
C THR B 169 -96.73 -7.35 -3.79
N LEU B 170 -95.75 -6.66 -3.21
CA LEU B 170 -94.34 -7.05 -3.28
C LEU B 170 -94.03 -8.46 -2.73
N CYS B 171 -93.07 -9.13 -3.36
CA CYS B 171 -92.55 -10.43 -2.91
C CYS B 171 -91.02 -10.48 -3.01
N PHE B 172 -90.41 -11.09 -2.00
CA PHE B 172 -88.96 -11.27 -1.98
C PHE B 172 -88.55 -12.72 -1.80
N GLY B 173 -87.30 -13.01 -2.18
CA GLY B 173 -86.72 -14.32 -2.01
C GLY B 173 -85.41 -14.45 -2.75
N THR B 174 -84.52 -15.27 -2.19
CA THR B 174 -83.36 -15.75 -2.89
C THR B 174 -83.81 -16.74 -3.99
N ILE B 175 -82.91 -17.05 -4.92
CA ILE B 175 -83.21 -17.93 -6.08
C ILE B 175 -84.07 -19.16 -5.75
N ASP B 176 -83.81 -19.81 -4.61
CA ASP B 176 -84.53 -21.04 -4.22
C ASP B 176 -86.03 -20.84 -3.99
N THR B 177 -86.39 -19.69 -3.43
CA THR B 177 -87.78 -19.31 -3.22
C THR B 177 -88.35 -18.79 -4.51
N TRP B 178 -87.51 -18.14 -5.30
CA TRP B 178 -87.94 -17.60 -6.57
C TRP B 178 -88.25 -18.70 -7.57
N LEU B 179 -87.36 -19.68 -7.66
CA LEU B 179 -87.53 -20.78 -8.60
C LEU B 179 -88.74 -21.61 -8.17
N MET B 180 -88.89 -21.80 -6.85
CA MET B 180 -90.02 -22.53 -6.27
C MET B 180 -91.32 -21.75 -6.30
N TYR B 181 -91.29 -20.57 -6.93
CA TYR B 181 -92.48 -19.74 -7.08
C TYR B 181 -93.12 -19.95 -8.45
N LYS B 182 -92.40 -19.53 -9.50
CA LYS B 182 -92.83 -19.70 -10.89
C LYS B 182 -92.97 -21.17 -11.36
N LEU B 183 -92.39 -22.11 -10.61
CA LEU B 183 -92.62 -23.55 -10.82
C LEU B 183 -94.06 -23.96 -10.48
N SER B 184 -94.59 -23.37 -9.40
CA SER B 184 -95.95 -23.64 -8.95
C SER B 184 -96.97 -22.75 -9.67
N GLY B 185 -96.52 -21.55 -10.06
CA GLY B 185 -97.39 -20.55 -10.69
C GLY B 185 -97.79 -19.45 -9.71
N GLY B 186 -97.17 -19.48 -8.53
CA GLY B 186 -97.51 -18.57 -7.45
C GLY B 186 -97.90 -19.35 -6.22
N LYS B 187 -98.61 -20.46 -6.45
CA LYS B 187 -99.16 -21.35 -5.40
C LYS B 187 -98.30 -21.46 -4.14
N ALA B 188 -96.99 -21.59 -4.32
CA ALA B 188 -96.07 -21.74 -3.20
C ALA B 188 -95.15 -20.53 -3.07
N PHE B 189 -94.98 -20.08 -1.83
CA PHE B 189 -94.06 -19.00 -1.48
C PHE B 189 -93.34 -19.42 -0.21
N VAL B 190 -92.37 -20.30 -0.40
CA VAL B 190 -91.67 -20.95 0.68
C VAL B 190 -90.17 -20.74 0.51
N THR B 191 -89.42 -21.02 1.57
CA THR B 191 -87.98 -21.10 1.49
C THR B 191 -87.52 -22.10 2.52
N ASP B 192 -86.30 -22.59 2.39
CA ASP B 192 -85.76 -23.54 3.35
C ASP B 192 -84.79 -22.87 4.31
N VAL B 193 -84.35 -23.63 5.31
CA VAL B 193 -83.44 -23.10 6.32
C VAL B 193 -82.14 -22.53 5.74
N THR B 194 -81.47 -23.30 4.87
CA THR B 194 -80.16 -22.93 4.33
C THR B 194 -80.13 -21.58 3.62
N ASN B 195 -81.17 -21.27 2.84
CA ASN B 195 -81.20 -19.99 2.14
C ASN B 195 -81.63 -18.86 3.06
N ALA B 196 -82.63 -19.12 3.87
CA ALA B 196 -83.10 -18.13 4.80
C ALA B 196 -81.97 -17.74 5.70
N SER B 197 -81.11 -18.67 6.01
CA SER B 197 -80.05 -18.33 6.90
C SER B 197 -79.26 -17.21 6.30
N ARG B 198 -79.05 -17.26 5.01
CA ARG B 198 -78.19 -16.32 4.34
C ARG B 198 -78.69 -14.93 4.15
N THR B 199 -79.98 -14.73 4.33
CA THR B 199 -80.61 -13.43 4.16
C THR B 199 -80.24 -12.34 5.13
N PHE B 200 -80.14 -12.69 6.39
CA PHE B 200 -79.93 -11.72 7.44
C PHE B 200 -81.20 -11.21 8.03
N LEU B 201 -82.30 -11.85 7.73
CA LEU B 201 -83.53 -11.54 8.39
C LEU B 201 -84.10 -12.74 9.08
N MET B 202 -83.29 -13.65 9.53
CA MET B 202 -83.87 -14.82 10.15
C MET B 202 -83.12 -15.13 11.39
N ASP B 203 -83.79 -15.48 12.46
CA ASP B 203 -83.01 -15.88 13.60
C ASP B 203 -82.37 -17.21 13.32
N LEU B 204 -81.12 -17.37 13.68
CA LEU B 204 -80.41 -18.62 13.43
C LEU B 204 -80.96 -19.83 14.13
N ARG B 205 -81.43 -19.68 15.35
CA ARG B 205 -81.93 -20.86 16.05
C ARG B 205 -83.43 -21.13 16.00
N THR B 206 -84.24 -20.10 15.94
CA THR B 206 -85.67 -20.27 15.94
C THR B 206 -86.29 -20.30 14.57
N ARG B 207 -85.48 -20.05 13.59
CA ARG B 207 -85.86 -20.01 12.16
C ARG B 207 -87.15 -19.23 11.96
N LYS B 208 -87.17 -18.03 12.53
CA LYS B 208 -88.25 -17.09 12.34
C LYS B 208 -87.67 -15.81 11.78
N TRP B 209 -88.51 -15.01 11.15
CA TRP B 209 -88.10 -13.72 10.61
C TRP B 209 -87.90 -12.72 11.75
N SER B 210 -86.63 -12.37 11.97
CA SER B 210 -86.18 -11.68 13.19
C SER B 210 -86.96 -10.41 13.49
N PRO B 211 -87.97 -10.52 14.40
CA PRO B 211 -88.98 -9.49 14.63
C PRO B 211 -88.40 -8.08 14.73
N GLU B 212 -87.25 -7.98 15.40
CA GLU B 212 -86.54 -6.73 15.59
C GLU B 212 -85.95 -6.30 14.25
N LEU B 213 -85.06 -7.14 13.72
CA LEU B 213 -84.34 -6.88 12.46
C LEU B 213 -85.30 -6.68 11.29
N CYS B 214 -86.40 -7.43 11.31
CA CYS B 214 -87.49 -7.32 10.33
C CYS B 214 -87.90 -5.85 10.17
N GLU B 215 -88.38 -5.26 11.27
CA GLU B 215 -88.83 -3.86 11.29
C GLU B 215 -87.67 -2.86 11.35
N LYS B 216 -86.53 -3.30 11.91
CA LYS B 216 -85.32 -2.48 12.05
C LYS B 216 -84.76 -2.05 10.70
N LEU B 217 -84.55 -3.01 9.80
CA LEU B 217 -84.11 -2.71 8.43
C LEU B 217 -85.28 -2.53 7.46
N LYS B 218 -86.49 -2.70 8.00
CA LYS B 218 -87.76 -2.56 7.27
C LYS B 218 -87.94 -3.50 6.06
N ILE B 219 -88.50 -4.68 6.34
CA ILE B 219 -88.94 -5.63 5.33
C ILE B 219 -90.19 -6.32 5.91
N PRO B 220 -91.39 -5.85 5.53
CA PRO B 220 -92.66 -6.38 6.06
C PRO B 220 -92.77 -7.92 6.03
N MET B 221 -93.32 -8.50 7.10
CA MET B 221 -93.42 -9.95 7.27
C MET B 221 -93.82 -10.75 6.02
N GLU B 222 -94.94 -10.35 5.41
CA GLU B 222 -95.56 -11.13 4.31
C GLU B 222 -94.76 -11.08 3.01
N THR B 223 -93.83 -10.14 2.93
CA THR B 223 -92.94 -9.99 1.78
C THR B 223 -91.89 -11.10 1.85
N LEU B 224 -91.99 -11.91 2.89
CA LEU B 224 -91.02 -12.95 3.20
C LEU B 224 -91.70 -14.31 3.23
N PRO B 225 -91.07 -15.32 2.59
CA PRO B 225 -91.65 -16.65 2.39
C PRO B 225 -91.65 -17.51 3.66
N GLU B 226 -92.58 -18.45 3.74
CA GLU B 226 -92.65 -19.38 4.87
C GLU B 226 -91.35 -20.18 4.95
N ILE B 227 -90.84 -20.35 6.16
CA ILE B 227 -89.56 -21.03 6.38
C ILE B 227 -89.76 -22.51 6.74
N ARG B 228 -89.40 -23.37 5.81
CA ARG B 228 -89.52 -24.80 6.04
C ARG B 228 -88.18 -25.48 6.26
N SER B 229 -88.23 -26.81 6.36
CA SER B 229 -87.04 -27.64 6.41
C SER B 229 -86.44 -27.85 5.02
N ASN B 230 -85.35 -28.61 4.96
CA ASN B 230 -84.75 -28.95 3.68
C ASN B 230 -85.51 -30.05 2.97
N SER B 231 -86.17 -30.91 3.75
CA SER B 231 -86.73 -32.17 3.25
C SER B 231 -88.20 -32.33 3.60
N GLU B 232 -89.06 -31.79 2.74
CA GLU B 232 -90.52 -31.89 2.91
C GLU B 232 -91.29 -31.34 1.71
N LEU B 233 -92.60 -31.17 1.86
CA LEU B 233 -93.43 -30.64 0.79
C LEU B 233 -93.21 -29.13 0.65
N PHE B 234 -93.32 -28.60 -0.56
CA PHE B 234 -93.12 -27.16 -0.83
C PHE B 234 -94.17 -26.60 -1.78
N GLY B 235 -94.38 -27.31 -2.89
CA GLY B 235 -95.33 -26.90 -3.92
C GLY B 235 -95.44 -28.00 -4.95
N TYR B 236 -95.98 -27.65 -6.12
CA TYR B 236 -96.12 -28.60 -7.22
C TYR B 236 -95.77 -27.92 -8.54
N VAL B 237 -95.03 -28.63 -9.39
CA VAL B 237 -94.62 -28.10 -10.70
C VAL B 237 -95.83 -27.91 -11.63
N GLU B 238 -96.66 -26.91 -11.31
CA GLU B 238 -97.85 -26.60 -12.11
C GLU B 238 -97.55 -25.53 -13.17
N THR B 239 -96.28 -25.40 -13.53
CA THR B 239 -95.86 -24.52 -14.62
C THR B 239 -95.91 -25.26 -15.95
N ASP B 240 -96.11 -24.50 -17.02
CA ASP B 240 -96.20 -25.05 -18.36
C ASP B 240 -95.07 -24.57 -19.26
N GLU B 241 -94.19 -23.74 -18.70
CA GLU B 241 -92.98 -23.28 -19.40
C GLU B 241 -92.16 -24.47 -19.88
N CYS B 242 -91.88 -24.49 -21.18
CA CYS B 242 -91.22 -25.63 -21.85
C CYS B 242 -91.85 -26.97 -21.44
N GLY B 243 -93.14 -26.91 -21.07
CA GLY B 243 -93.94 -28.08 -20.70
C GLY B 243 -93.37 -29.02 -19.66
N VAL B 244 -92.99 -28.50 -18.50
CA VAL B 244 -92.44 -29.33 -17.44
C VAL B 244 -93.51 -30.17 -16.76
N ALA B 245 -94.63 -29.53 -16.37
CA ALA B 245 -95.79 -30.24 -15.83
C ALA B 245 -96.29 -31.30 -16.81
N ALA B 246 -96.13 -31.01 -18.10
CA ALA B 246 -96.47 -31.94 -19.18
C ALA B 246 -95.49 -33.10 -19.25
N ALA B 247 -94.19 -32.78 -19.32
CA ALA B 247 -93.12 -33.78 -19.47
C ALA B 247 -92.98 -34.64 -18.23
N LEU B 248 -93.06 -34.02 -17.05
CA LEU B 248 -93.27 -34.76 -15.83
C LEU B 248 -94.65 -35.39 -16.00
N ASN B 249 -94.66 -36.67 -16.39
CA ASN B 249 -95.91 -37.33 -16.80
C ASN B 249 -97.00 -37.22 -15.74
N GLU B 250 -96.59 -37.24 -14.48
CA GLU B 250 -97.49 -37.18 -13.33
C GLU B 250 -97.45 -35.81 -12.66
N ARG B 251 -98.16 -35.70 -11.54
CA ARG B 251 -98.09 -34.52 -10.69
C ARG B 251 -96.83 -34.67 -9.83
N THR B 252 -95.92 -33.72 -9.95
CA THR B 252 -94.63 -33.82 -9.28
C THR B 252 -94.50 -32.84 -8.12
N PRO B 253 -94.27 -33.38 -6.90
CA PRO B 253 -94.07 -32.54 -5.70
C PRO B 253 -92.64 -32.03 -5.56
N ILE B 254 -92.46 -30.96 -4.80
CA ILE B 254 -91.14 -30.44 -4.47
C ILE B 254 -90.86 -30.75 -3.01
N MET B 255 -89.87 -31.60 -2.79
CA MET B 255 -89.58 -32.09 -1.44
C MET B 255 -88.14 -31.79 -1.00
N GLY B 256 -87.43 -31.07 -1.86
CA GLY B 256 -86.07 -30.63 -1.55
C GLY B 256 -85.86 -29.15 -1.91
N SER B 257 -85.23 -28.44 -0.98
CA SER B 257 -84.81 -27.06 -1.17
C SER B 257 -83.61 -26.83 -0.25
N ILE B 258 -82.51 -26.38 -0.83
CA ILE B 258 -81.25 -26.19 -0.09
C ILE B 258 -80.24 -25.34 -0.88
N GLY B 259 -79.52 -24.46 -0.17
CA GLY B 259 -78.42 -23.68 -0.73
C GLY B 259 -77.29 -24.59 -1.19
N ASP B 260 -76.54 -24.16 -2.21
CA ASP B 260 -75.67 -25.09 -2.95
C ASP B 260 -74.40 -25.58 -2.25
N GLN B 261 -73.84 -24.79 -1.37
CA GLN B 261 -72.64 -25.20 -0.65
C GLN B 261 -72.98 -26.19 0.51
N GLN B 262 -74.13 -25.98 1.15
CA GLN B 262 -74.68 -26.97 2.09
C GLN B 262 -75.21 -28.23 1.41
N SER B 263 -75.74 -28.09 0.19
CA SER B 263 -76.21 -29.26 -0.55
C SER B 263 -75.03 -30.10 -1.03
N ALA B 264 -73.92 -29.43 -1.32
CA ALA B 264 -72.68 -30.11 -1.69
C ALA B 264 -71.97 -30.63 -0.44
N LEU B 265 -72.38 -30.10 0.72
CA LEU B 265 -71.96 -30.59 2.01
C LEU B 265 -72.70 -31.92 2.19
N PHE B 266 -74.03 -31.83 2.12
CA PHE B 266 -74.92 -32.96 2.28
C PHE B 266 -74.77 -34.02 1.18
N GLY B 267 -74.35 -33.60 0.00
CA GLY B 267 -74.16 -34.54 -1.10
C GLY B 267 -72.87 -35.32 -1.03
N ASN B 268 -72.01 -34.96 -0.06
CA ASN B 268 -70.72 -35.64 0.14
C ASN B 268 -70.66 -36.58 1.35
N MET B 269 -71.81 -36.80 1.99
CA MET B 269 -71.94 -37.69 3.16
C MET B 269 -71.25 -37.12 4.42
N CYS B 270 -71.50 -35.84 4.68
CA CYS B 270 -70.96 -35.16 5.87
C CYS B 270 -72.09 -34.95 6.86
N PHE B 271 -72.55 -36.05 7.44
CA PHE B 271 -73.71 -36.02 8.31
C PHE B 271 -73.33 -35.88 9.78
N GLU B 272 -72.09 -36.26 10.10
CA GLU B 272 -71.57 -36.12 11.47
C GLU B 272 -70.44 -35.06 11.56
N LYS B 273 -70.40 -34.36 12.69
CA LYS B 273 -69.45 -33.25 12.89
C LYS B 273 -68.00 -33.63 12.62
N GLY B 274 -67.17 -32.64 12.28
CA GLY B 274 -65.76 -32.88 11.99
C GLY B 274 -65.45 -33.25 10.55
N GLU B 275 -66.48 -33.49 9.75
CA GLU B 275 -66.29 -33.76 8.33
C GLU B 275 -66.60 -32.51 7.54
N ALA B 276 -65.80 -32.27 6.49
CA ALA B 276 -65.79 -31.00 5.79
C ALA B 276 -65.88 -31.15 4.26
N LYS B 277 -66.40 -30.11 3.62
CA LYS B 277 -66.52 -30.10 2.18
C LYS B 277 -65.78 -28.89 1.60
N ASN B 278 -65.06 -29.12 0.51
CA ASN B 278 -64.34 -28.08 -0.19
C ASN B 278 -64.69 -28.10 -1.67
N THR B 279 -65.39 -27.05 -2.10
CA THR B 279 -66.00 -27.00 -3.41
C THR B 279 -65.34 -25.94 -4.27
N TYR B 280 -65.42 -26.11 -5.59
CA TYR B 280 -64.83 -25.15 -6.53
C TYR B 280 -65.88 -24.70 -7.53
N GLY B 281 -65.42 -24.14 -8.64
CA GLY B 281 -66.26 -23.38 -9.56
C GLY B 281 -66.10 -21.92 -9.17
N THR B 282 -67.15 -21.12 -9.39
CA THR B 282 -67.16 -19.72 -8.99
C THR B 282 -66.95 -19.70 -7.49
N GLY B 283 -65.74 -19.35 -7.08
CA GLY B 283 -65.37 -19.31 -5.65
C GLY B 283 -64.52 -20.46 -5.12
N CYS B 284 -64.96 -20.96 -3.98
CA CYS B 284 -64.31 -21.99 -3.16
C CYS B 284 -64.72 -21.70 -1.73
N PHE B 285 -65.43 -22.64 -1.14
CA PHE B 285 -65.84 -22.52 0.25
C PHE B 285 -65.48 -23.83 0.93
N LEU B 286 -64.98 -23.73 2.15
CA LEU B 286 -64.92 -24.88 3.02
C LEU B 286 -66.10 -24.74 3.96
N LEU B 287 -66.78 -25.86 4.22
CA LEU B 287 -67.83 -25.92 5.22
C LEU B 287 -67.66 -27.20 6.02
N MET B 288 -67.43 -27.05 7.31
CA MET B 288 -67.22 -28.17 8.21
C MET B 288 -68.40 -28.31 9.16
N ASN B 289 -68.99 -29.51 9.15
CA ASN B 289 -70.01 -29.97 10.10
C ASN B 289 -69.58 -29.70 11.55
N VAL B 290 -70.24 -28.77 12.23
CA VAL B 290 -69.81 -28.43 13.60
C VAL B 290 -70.51 -29.23 14.68
N GLY B 291 -71.80 -29.49 14.49
CA GLY B 291 -72.61 -30.27 15.42
C GLY B 291 -74.06 -29.81 15.54
N GLU B 292 -74.77 -30.42 16.49
CA GLU B 292 -76.21 -30.22 16.66
C GLU B 292 -76.55 -28.89 17.35
N GLU B 293 -75.56 -28.36 18.06
CA GLU B 293 -75.66 -27.06 18.71
C GLU B 293 -74.69 -26.11 18.01
N ALA B 294 -75.24 -24.99 17.54
CA ALA B 294 -74.49 -23.99 16.79
C ALA B 294 -73.26 -23.47 17.53
N ARG B 295 -72.18 -23.32 16.79
CA ARG B 295 -70.95 -22.78 17.32
C ARG B 295 -70.61 -21.46 16.64
N PHE B 296 -70.76 -20.36 17.38
CA PHE B 296 -70.52 -19.02 16.83
C PHE B 296 -69.03 -18.72 16.79
N SER B 297 -68.62 -17.80 15.92
CA SER B 297 -67.20 -17.47 15.73
C SER B 297 -66.88 -15.97 15.87
N LYS B 298 -65.59 -15.64 15.96
CA LYS B 298 -65.13 -14.27 16.28
C LYS B 298 -64.20 -13.70 15.19
N HIS B 299 -63.95 -14.50 14.16
CA HIS B 299 -62.84 -14.25 13.22
C HIS B 299 -63.27 -13.62 11.89
N GLY B 300 -64.59 -13.53 11.69
CA GLY B 300 -65.15 -13.17 10.39
C GLY B 300 -65.72 -14.42 9.72
N LEU B 301 -65.76 -15.54 10.45
CA LEU B 301 -66.34 -16.77 9.93
C LEU B 301 -67.83 -16.81 10.11
N LEU B 302 -68.51 -17.39 9.13
CA LEU B 302 -69.96 -17.39 9.08
C LEU B 302 -70.52 -18.64 9.75
N SER B 303 -71.33 -18.43 10.77
CA SER B 303 -72.12 -19.50 11.35
C SER B 303 -73.30 -19.64 10.43
N THR B 304 -73.65 -20.87 10.10
CA THR B 304 -74.76 -21.10 9.19
C THR B 304 -75.36 -22.49 9.39
N VAL B 305 -76.54 -22.72 8.82
CA VAL B 305 -77.13 -24.06 8.83
C VAL B 305 -76.27 -25.04 8.02
N GLY B 306 -76.24 -26.29 8.46
CA GLY B 306 -75.68 -27.40 7.69
C GLY B 306 -76.80 -28.04 6.90
N PHE B 307 -77.79 -28.59 7.61
CA PHE B 307 -78.99 -29.22 7.02
C PHE B 307 -80.04 -29.63 8.08
N GLN B 308 -81.32 -29.54 7.68
CA GLN B 308 -82.44 -30.04 8.50
C GLN B 308 -83.37 -30.96 7.70
N VAL B 309 -83.24 -32.27 7.92
CA VAL B 309 -84.10 -33.28 7.29
C VAL B 309 -85.47 -33.35 7.97
N GLY B 310 -86.45 -32.66 7.39
CA GLY B 310 -87.82 -32.67 7.92
C GLY B 310 -88.12 -31.67 9.03
N ARG B 311 -89.41 -31.35 9.21
CA ARG B 311 -89.88 -30.50 10.30
C ARG B 311 -89.19 -30.74 11.65
N ASP B 312 -89.23 -31.99 12.11
CA ASP B 312 -88.84 -32.34 13.47
C ASP B 312 -87.53 -33.09 13.52
N GLY B 313 -86.58 -32.68 12.68
CA GLY B 313 -85.30 -33.37 12.60
C GLY B 313 -84.18 -32.70 13.36
N PRO B 314 -83.06 -33.41 13.52
CA PRO B 314 -81.86 -32.82 14.09
C PRO B 314 -81.25 -31.82 13.12
N CYS B 315 -81.03 -30.61 13.60
CA CYS B 315 -80.37 -29.60 12.78
C CYS B 315 -78.90 -29.45 13.14
N TYR B 316 -78.07 -30.07 12.31
CA TYR B 316 -76.63 -29.85 12.38
C TYR B 316 -76.33 -28.47 11.81
N TYR B 317 -75.62 -27.66 12.59
CA TYR B 317 -75.12 -26.39 12.13
C TYR B 317 -73.73 -26.64 11.57
N ALA B 318 -73.19 -25.66 10.87
CA ALA B 318 -71.84 -25.72 10.36
C ALA B 318 -71.24 -24.34 10.39
N LEU B 319 -69.95 -24.27 10.08
CA LEU B 319 -69.28 -23.01 9.84
C LEU B 319 -68.81 -22.97 8.40
N GLU B 320 -68.81 -21.77 7.81
CA GLU B 320 -68.36 -21.59 6.44
C GLU B 320 -66.91 -21.10 6.42
N GLY B 321 -66.61 -20.12 5.57
CA GLY B 321 -65.25 -19.68 5.35
C GLY B 321 -64.97 -19.69 3.87
N ALA B 322 -65.33 -18.59 3.22
CA ALA B 322 -65.11 -18.39 1.79
C ALA B 322 -63.63 -18.25 1.41
N ILE B 323 -63.33 -18.54 0.14
CA ILE B 323 -62.06 -18.20 -0.52
C ILE B 323 -62.33 -18.08 -2.03
N ALA B 324 -62.18 -16.87 -2.59
CA ALA B 324 -62.55 -16.61 -3.99
C ALA B 324 -61.86 -17.52 -5.01
N CYS B 325 -60.54 -17.63 -4.88
CA CYS B 325 -59.72 -18.22 -5.92
C CYS B 325 -59.35 -19.69 -5.73
N ALA B 326 -59.32 -20.41 -6.85
CA ALA B 326 -58.78 -21.75 -6.91
C ALA B 326 -58.21 -21.98 -8.32
N GLY B 327 -59.08 -22.30 -9.28
CA GLY B 327 -58.72 -22.30 -10.70
C GLY B 327 -58.62 -20.88 -11.23
N ALA B 328 -58.89 -19.91 -10.37
CA ALA B 328 -58.73 -18.51 -10.71
C ALA B 328 -57.25 -18.14 -10.72
N THR B 329 -56.52 -18.60 -9.70
CA THR B 329 -55.07 -18.42 -9.62
C THR B 329 -54.38 -19.02 -10.85
N VAL B 330 -54.81 -20.22 -11.21
CA VAL B 330 -54.24 -20.94 -12.33
C VAL B 330 -54.50 -20.24 -13.66
N GLU B 331 -55.72 -19.72 -13.83
CA GLU B 331 -56.09 -18.99 -15.05
C GLU B 331 -55.30 -17.69 -15.17
N TRP B 332 -55.04 -17.06 -14.03
CA TRP B 332 -54.22 -15.87 -14.02
C TRP B 332 -52.81 -16.22 -14.51
N MET B 333 -52.13 -17.10 -13.78
CA MET B 333 -50.81 -17.60 -14.20
C MET B 333 -50.77 -18.01 -15.67
N ARG B 334 -51.83 -18.66 -16.16
CA ARG B 334 -51.90 -19.02 -17.59
C ARG B 334 -52.21 -17.85 -18.51
N ARG B 335 -53.40 -17.28 -18.39
CA ARG B 335 -53.89 -16.23 -19.28
C ARG B 335 -53.06 -14.99 -19.09
N ASN B 336 -53.25 -14.34 -17.94
CA ASN B 336 -52.61 -13.07 -17.65
C ASN B 336 -51.11 -13.13 -17.76
N MET B 337 -50.49 -14.12 -17.13
CA MET B 337 -49.04 -14.16 -17.04
C MET B 337 -48.33 -14.85 -18.20
N ASN B 338 -49.06 -15.61 -19.01
CA ASN B 338 -48.45 -16.38 -20.08
C ASN B 338 -47.34 -17.29 -19.56
N LEU B 339 -47.52 -17.77 -18.33
CA LEU B 339 -46.50 -18.58 -17.65
C LEU B 339 -46.43 -19.97 -18.24
N PHE B 340 -47.49 -20.36 -18.92
CA PHE B 340 -47.59 -21.64 -19.61
C PHE B 340 -48.76 -21.57 -20.57
N SER B 341 -49.06 -22.66 -21.26
CA SER B 341 -50.18 -22.68 -22.19
C SER B 341 -51.37 -23.51 -21.69
N HIS B 342 -51.13 -24.75 -21.30
CA HIS B 342 -52.23 -25.64 -20.92
C HIS B 342 -52.20 -26.08 -19.47
N ILE B 343 -53.40 -26.17 -18.87
CA ILE B 343 -53.60 -26.65 -17.50
C ILE B 343 -52.93 -28.00 -17.26
N THR B 344 -52.40 -28.60 -18.34
CA THR B 344 -51.57 -29.79 -18.22
C THR B 344 -50.20 -29.43 -17.67
N GLU B 345 -49.71 -28.25 -18.06
CA GLU B 345 -48.35 -27.79 -17.73
C GLU B 345 -48.27 -27.20 -16.32
N CYS B 346 -49.42 -26.83 -15.74
CA CYS B 346 -49.46 -26.32 -14.36
C CYS B 346 -48.87 -27.35 -13.40
N GLU B 347 -49.58 -28.48 -13.25
CA GLU B 347 -49.14 -29.53 -12.34
C GLU B 347 -47.81 -30.12 -12.80
N LYS B 348 -47.60 -30.17 -14.10
CA LYS B 348 -46.32 -30.59 -14.68
C LYS B 348 -45.20 -29.75 -14.06
N LEU B 349 -45.09 -28.50 -14.48
CA LEU B 349 -44.05 -27.58 -14.01
C LEU B 349 -43.95 -27.49 -12.49
N ALA B 350 -45.10 -27.53 -11.81
CA ALA B 350 -45.13 -27.43 -10.35
C ALA B 350 -44.53 -28.66 -9.68
N ARG B 351 -44.84 -29.84 -10.22
CA ARG B 351 -44.23 -31.10 -9.78
C ARG B 351 -42.76 -31.12 -10.19
N SER B 352 -42.48 -30.53 -11.37
CA SER B 352 -41.17 -30.56 -12.00
C SER B 352 -40.06 -29.83 -11.24
N VAL B 353 -40.34 -29.42 -10.00
CA VAL B 353 -39.37 -28.76 -9.14
C VAL B 353 -39.48 -29.29 -7.71
N PRO B 354 -38.38 -29.22 -6.94
CA PRO B 354 -38.42 -29.65 -5.53
C PRO B 354 -39.32 -28.80 -4.62
N GLY B 355 -39.11 -27.49 -4.63
CA GLY B 355 -39.81 -26.58 -3.70
C GLY B 355 -39.83 -25.13 -4.17
N THR B 356 -40.15 -24.21 -3.26
CA THR B 356 -40.33 -22.79 -3.58
C THR B 356 -39.10 -21.89 -3.31
N GLN B 357 -37.98 -22.48 -2.92
CA GLN B 357 -36.73 -21.74 -2.63
C GLN B 357 -36.91 -20.51 -1.72
N GLY B 358 -37.89 -20.58 -0.81
CA GLY B 358 -38.16 -19.48 0.10
C GLY B 358 -39.05 -18.38 -0.45
N ILE B 359 -39.69 -18.59 -1.59
CA ILE B 359 -40.73 -17.66 -2.03
C ILE B 359 -42.08 -18.04 -1.43
N VAL B 360 -43.00 -17.07 -1.40
CA VAL B 360 -44.41 -17.35 -1.19
C VAL B 360 -45.23 -16.49 -2.14
N PHE B 361 -46.09 -17.13 -2.92
CA PHE B 361 -47.13 -16.44 -3.66
C PHE B 361 -48.27 -16.17 -2.69
N VAL B 362 -48.87 -14.99 -2.80
CA VAL B 362 -50.12 -14.73 -2.12
C VAL B 362 -51.07 -14.28 -3.23
N PRO B 363 -51.98 -15.17 -3.67
CA PRO B 363 -52.88 -14.87 -4.78
C PRO B 363 -54.15 -14.18 -4.27
N ALA B 364 -53.96 -13.23 -3.37
CA ALA B 364 -55.03 -12.47 -2.74
C ALA B 364 -55.46 -11.34 -3.66
N PHE B 365 -55.79 -11.71 -4.90
CA PHE B 365 -55.95 -10.78 -6.00
C PHE B 365 -57.02 -9.72 -5.78
N SER B 366 -58.12 -10.11 -5.15
CA SER B 366 -59.25 -9.21 -4.84
C SER B 366 -59.44 -9.10 -3.33
N GLY B 367 -58.33 -9.05 -2.60
CA GLY B 367 -58.37 -9.00 -1.14
C GLY B 367 -58.01 -10.34 -0.51
N LEU B 368 -58.01 -10.36 0.82
CA LEU B 368 -57.67 -11.53 1.57
C LEU B 368 -58.90 -11.93 2.39
N LEU B 369 -59.39 -13.14 2.16
CA LEU B 369 -60.70 -13.57 2.67
C LEU B 369 -60.51 -14.33 3.96
N ALA B 370 -61.12 -15.51 4.09
CA ALA B 370 -60.78 -16.48 5.13
C ALA B 370 -60.77 -15.89 6.56
N PRO B 371 -59.92 -16.42 7.47
CA PRO B 371 -59.99 -15.90 8.84
C PRO B 371 -59.27 -14.57 9.01
N TYR B 372 -58.38 -14.24 8.08
CA TYR B 372 -57.71 -12.94 8.08
C TYR B 372 -58.52 -12.01 7.21
N TRP B 373 -59.47 -11.28 7.81
CA TRP B 373 -60.38 -10.49 6.97
C TRP B 373 -59.78 -9.15 6.54
N ASP B 374 -59.06 -9.15 5.42
CA ASP B 374 -58.25 -7.99 5.00
C ASP B 374 -58.42 -7.58 3.53
N PRO B 375 -59.33 -6.62 3.24
CA PRO B 375 -59.56 -6.09 1.88
C PRO B 375 -58.40 -5.29 1.25
N SER B 376 -57.52 -4.72 2.07
CA SER B 376 -56.37 -3.97 1.54
C SER B 376 -55.32 -4.88 0.92
N ALA B 377 -55.39 -6.17 1.22
CA ALA B 377 -54.45 -7.16 0.74
C ALA B 377 -54.63 -7.36 -0.74
N ARG B 378 -53.50 -7.50 -1.43
CA ARG B 378 -53.50 -7.69 -2.87
C ARG B 378 -52.60 -8.88 -3.21
N GLY B 379 -52.61 -9.30 -4.47
CA GLY B 379 -51.73 -10.36 -4.93
C GLY B 379 -50.28 -9.95 -4.73
N THR B 380 -49.54 -10.73 -3.97
CA THR B 380 -48.11 -10.44 -3.79
C THR B 380 -47.20 -11.66 -3.91
N ILE B 381 -45.95 -11.42 -4.29
CA ILE B 381 -44.91 -12.44 -4.25
C ILE B 381 -43.70 -11.88 -3.52
N VAL B 382 -43.21 -12.63 -2.53
CA VAL B 382 -42.06 -12.23 -1.73
C VAL B 382 -41.01 -13.34 -1.67
N GLY B 383 -39.75 -12.96 -1.84
CA GLY B 383 -38.62 -13.86 -1.63
C GLY B 383 -37.96 -14.42 -2.87
N MET B 384 -38.07 -13.71 -3.99
CA MET B 384 -37.52 -14.18 -5.26
C MET B 384 -35.99 -14.04 -5.37
N THR B 385 -35.38 -14.90 -6.20
CA THR B 385 -33.93 -14.92 -6.45
C THR B 385 -33.72 -15.19 -7.95
N LEU B 386 -32.54 -14.87 -8.49
CA LEU B 386 -32.27 -15.11 -9.92
C LEU B 386 -32.36 -16.59 -10.31
N LYS B 387 -32.52 -17.44 -9.29
CA LYS B 387 -32.68 -18.89 -9.48
C LYS B 387 -34.16 -19.32 -9.41
N THR B 388 -35.03 -18.44 -8.91
CA THR B 388 -36.51 -18.65 -8.94
C THR B 388 -36.98 -18.61 -10.40
N THR B 389 -37.87 -19.54 -10.76
CA THR B 389 -38.33 -19.64 -12.15
C THR B 389 -39.85 -19.79 -12.23
N ARG B 390 -40.37 -19.80 -13.46
CA ARG B 390 -41.81 -19.84 -13.71
C ARG B 390 -42.55 -21.04 -13.11
N ALA B 391 -41.81 -22.03 -12.63
CA ALA B 391 -42.41 -23.24 -12.07
C ALA B 391 -42.37 -23.22 -10.54
N HIS B 392 -41.36 -22.56 -10.00
CA HIS B 392 -41.28 -22.27 -8.57
C HIS B 392 -42.48 -21.40 -8.18
N VAL B 393 -42.91 -20.54 -9.10
CA VAL B 393 -44.09 -19.69 -8.89
C VAL B 393 -45.34 -20.53 -8.87
N ILE B 394 -45.57 -21.28 -9.95
CA ILE B 394 -46.72 -22.17 -10.07
C ILE B 394 -46.82 -23.12 -8.88
N ARG B 395 -45.66 -23.54 -8.37
CA ARG B 395 -45.60 -24.34 -7.15
C ARG B 395 -46.10 -23.54 -5.98
N ALA B 396 -45.46 -22.41 -5.73
CA ALA B 396 -45.84 -21.48 -4.66
C ALA B 396 -47.33 -21.15 -4.66
N ALA B 397 -47.88 -20.95 -5.87
CA ALA B 397 -49.27 -20.62 -6.05
C ALA B 397 -50.17 -21.61 -5.33
N LEU B 398 -50.09 -22.87 -5.73
CA LEU B 398 -50.93 -23.93 -5.19
C LEU B 398 -50.69 -24.21 -3.69
N GLN B 399 -49.63 -23.65 -3.14
CA GLN B 399 -49.32 -23.83 -1.73
C GLN B 399 -49.98 -22.74 -0.88
N ALA B 400 -50.26 -21.61 -1.52
CA ALA B 400 -50.95 -20.50 -0.89
C ALA B 400 -52.42 -20.83 -0.67
N ILE B 401 -52.92 -21.77 -1.48
CA ILE B 401 -54.30 -22.22 -1.39
C ILE B 401 -54.53 -22.99 -0.09
N ALA B 402 -53.94 -24.17 0.02
CA ALA B 402 -54.07 -25.03 1.21
C ALA B 402 -53.65 -24.33 2.51
N LEU B 403 -52.57 -23.54 2.45
CA LEU B 403 -52.14 -22.82 3.65
C LEU B 403 -53.27 -21.93 4.15
N GLN B 404 -54.05 -21.38 3.21
CA GLN B 404 -55.22 -20.56 3.55
C GLN B 404 -56.36 -21.41 4.10
N LEU B 405 -56.60 -22.57 3.48
CA LEU B 405 -57.56 -23.56 3.97
C LEU B 405 -57.26 -23.90 5.42
N ASN B 406 -56.02 -24.34 5.66
CA ASN B 406 -55.47 -24.58 6.98
C ASN B 406 -56.01 -23.65 8.07
N ASP B 407 -55.95 -22.34 7.83
CA ASP B 407 -56.29 -21.36 8.85
C ASP B 407 -57.79 -21.30 9.14
N VAL B 408 -58.60 -21.52 8.11
CA VAL B 408 -60.05 -21.62 8.26
C VAL B 408 -60.40 -22.87 9.07
N VAL B 409 -59.69 -23.95 8.80
CA VAL B 409 -59.85 -25.19 9.53
C VAL B 409 -59.40 -25.02 10.98
N GLY B 410 -58.31 -24.27 11.17
CA GLY B 410 -57.84 -23.91 12.49
C GLY B 410 -58.81 -23.01 13.24
N SER B 411 -59.54 -22.19 12.49
CA SER B 411 -60.55 -21.31 13.07
C SER B 411 -61.75 -22.12 13.56
N MET B 412 -62.11 -23.16 12.82
CA MET B 412 -63.19 -24.06 13.18
C MET B 412 -62.72 -24.98 14.30
N LYS B 413 -61.67 -25.76 14.04
CA LYS B 413 -61.08 -26.63 15.07
C LYS B 413 -61.12 -25.95 16.43
N ARG B 414 -60.74 -24.68 16.46
CA ARG B 414 -60.91 -23.83 17.63
C ARG B 414 -62.37 -23.76 18.04
N ASP B 415 -63.16 -23.02 17.26
CA ASP B 415 -64.53 -22.63 17.64
C ASP B 415 -65.56 -23.76 17.59
N ALA B 416 -65.29 -24.79 16.79
CA ALA B 416 -66.17 -25.95 16.69
C ALA B 416 -66.04 -26.86 17.92
N GLY B 417 -64.80 -27.17 18.30
CA GLY B 417 -64.53 -27.99 19.47
C GLY B 417 -63.93 -29.37 19.20
N LEU B 418 -63.72 -29.69 17.93
CA LEU B 418 -63.15 -30.99 17.55
C LEU B 418 -62.09 -30.89 16.45
N ASN B 419 -61.41 -32.01 16.18
CA ASN B 419 -60.46 -32.08 15.07
C ASN B 419 -61.11 -32.45 13.74
N LEU B 420 -60.31 -33.03 12.85
CA LEU B 420 -60.74 -33.25 11.47
C LEU B 420 -60.73 -34.73 11.10
N SER B 421 -61.90 -35.23 10.75
CA SER B 421 -62.06 -36.60 10.32
C SER B 421 -61.56 -36.72 8.90
N SER B 422 -62.38 -36.26 7.95
CA SER B 422 -62.06 -36.36 6.54
C SER B 422 -62.64 -35.19 5.73
N LEU B 423 -62.08 -34.97 4.55
CA LEU B 423 -62.46 -33.86 3.68
C LEU B 423 -62.45 -34.29 2.21
N ARG B 424 -63.55 -33.98 1.51
CA ARG B 424 -63.71 -34.32 0.08
C ARG B 424 -63.71 -33.08 -0.80
N VAL B 425 -63.38 -33.24 -2.08
CA VAL B 425 -63.21 -32.12 -3.02
C VAL B 425 -63.97 -32.27 -4.35
N ASP B 426 -64.54 -31.17 -4.83
CA ASP B 426 -65.26 -31.18 -6.12
C ASP B 426 -65.22 -29.81 -6.80
N GLY B 427 -65.12 -29.83 -8.13
CA GLY B 427 -64.99 -28.61 -8.93
C GLY B 427 -63.77 -28.68 -9.83
N GLY B 428 -63.57 -27.65 -10.64
CA GLY B 428 -62.50 -27.60 -11.65
C GLY B 428 -61.15 -28.24 -11.30
N LEU B 429 -60.64 -27.92 -10.11
CA LEU B 429 -59.32 -28.40 -9.71
C LEU B 429 -59.29 -29.54 -8.68
N SER B 430 -60.42 -30.23 -8.51
CA SER B 430 -60.45 -31.43 -7.64
C SER B 430 -59.57 -32.52 -8.28
N LYS B 431 -59.69 -32.64 -9.60
CA LYS B 431 -58.76 -33.41 -10.42
C LYS B 431 -57.42 -32.67 -10.47
N ASN B 432 -56.69 -32.72 -9.35
CA ASN B 432 -55.35 -32.16 -9.23
C ASN B 432 -54.63 -32.82 -8.05
N GLY B 433 -53.83 -33.84 -8.36
CA GLY B 433 -53.07 -34.56 -7.35
C GLY B 433 -52.35 -33.67 -6.35
N LEU B 434 -51.38 -32.91 -6.86
CA LEU B 434 -50.49 -32.09 -6.04
C LEU B 434 -51.24 -31.18 -5.06
N LEU B 435 -52.36 -30.65 -5.51
CA LEU B 435 -53.18 -29.72 -4.71
C LEU B 435 -53.71 -30.39 -3.44
N MET B 436 -54.20 -31.62 -3.59
CA MET B 436 -54.77 -32.38 -2.47
C MET B 436 -53.63 -33.03 -1.70
N GLU B 437 -52.50 -33.23 -2.38
CA GLU B 437 -51.27 -33.71 -1.75
C GLU B 437 -50.77 -32.76 -0.67
N ILE B 438 -50.62 -31.48 -1.00
CA ILE B 438 -50.19 -30.44 -0.06
C ILE B 438 -51.24 -30.23 1.03
N GLN B 439 -52.50 -30.31 0.63
CA GLN B 439 -53.61 -30.13 1.55
C GLN B 439 -53.67 -31.27 2.56
N ALA B 440 -53.32 -32.47 2.10
CA ALA B 440 -53.25 -33.65 2.96
C ALA B 440 -52.12 -33.47 3.95
N SER B 441 -50.95 -33.10 3.43
CA SER B 441 -49.82 -32.69 4.24
C SER B 441 -50.22 -31.64 5.27
N LEU B 442 -50.44 -30.40 4.80
CA LEU B 442 -50.58 -29.25 5.68
C LEU B 442 -51.61 -29.41 6.79
N LEU B 443 -52.80 -29.86 6.46
CA LEU B 443 -53.88 -30.03 7.44
C LEU B 443 -53.71 -31.24 8.37
N GLY B 444 -53.07 -32.27 7.84
CA GLY B 444 -52.92 -33.53 8.55
C GLY B 444 -54.24 -34.27 8.57
N VAL B 445 -54.68 -34.71 7.39
CA VAL B 445 -55.85 -35.58 7.23
C VAL B 445 -55.86 -36.29 5.89
N ASP B 446 -56.77 -37.26 5.77
CA ASP B 446 -57.09 -37.92 4.52
C ASP B 446 -57.98 -37.02 3.66
N ILE B 447 -57.72 -37.02 2.34
CA ILE B 447 -58.53 -36.28 1.38
C ILE B 447 -59.04 -37.24 0.30
N LEU B 448 -60.36 -37.41 0.26
CA LEU B 448 -61.00 -38.28 -0.73
C LEU B 448 -61.39 -37.48 -1.97
N VAL B 449 -60.92 -37.94 -3.13
CA VAL B 449 -61.35 -37.41 -4.43
C VAL B 449 -62.37 -38.41 -4.99
N PRO B 450 -63.63 -37.96 -5.16
CA PRO B 450 -64.75 -38.84 -5.49
C PRO B 450 -64.97 -39.03 -6.99
N SER B 451 -65.36 -40.24 -7.38
CA SER B 451 -65.58 -40.61 -8.77
C SER B 451 -66.81 -39.95 -9.39
N MET B 452 -67.97 -40.08 -8.74
CA MET B 452 -69.15 -39.34 -9.19
C MET B 452 -68.87 -37.86 -8.96
N HIS B 453 -68.80 -37.11 -10.06
CA HIS B 453 -68.36 -35.71 -10.04
C HIS B 453 -69.40 -34.80 -9.39
N GLU B 454 -70.56 -34.69 -10.04
CA GLU B 454 -71.60 -33.75 -9.64
C GLU B 454 -72.39 -34.16 -8.37
N THR B 455 -71.81 -33.80 -7.23
CA THR B 455 -72.32 -34.16 -5.91
C THR B 455 -73.15 -33.05 -5.26
N THR B 456 -73.07 -31.86 -5.81
CA THR B 456 -73.86 -30.73 -5.35
C THR B 456 -75.34 -30.97 -5.69
N ALA B 457 -75.58 -31.44 -6.92
CA ALA B 457 -76.92 -31.76 -7.36
C ALA B 457 -77.50 -32.91 -6.52
N LEU B 458 -76.68 -33.93 -6.27
CA LEU B 458 -77.06 -35.05 -5.41
C LEU B 458 -77.74 -34.58 -4.13
N GLY B 459 -77.11 -33.62 -3.45
CA GLY B 459 -77.61 -33.06 -2.19
C GLY B 459 -79.10 -32.82 -2.18
N ALA B 460 -79.59 -32.03 -3.14
CA ALA B 460 -81.00 -31.65 -3.18
C ALA B 460 -81.93 -32.84 -3.43
N ALA B 461 -81.50 -33.75 -4.30
CA ALA B 461 -82.25 -34.98 -4.58
C ALA B 461 -82.34 -35.82 -3.32
N LEU B 462 -81.25 -35.85 -2.55
CA LEU B 462 -81.22 -36.57 -1.31
C LEU B 462 -82.25 -36.00 -0.33
N CYS B 463 -82.44 -34.68 -0.34
CA CYS B 463 -83.50 -34.06 0.46
C CYS B 463 -84.87 -34.40 -0.11
N ALA B 464 -84.93 -34.61 -1.42
CA ALA B 464 -86.17 -34.98 -2.09
C ALA B 464 -86.48 -36.47 -1.95
N GLY B 465 -85.43 -37.26 -1.72
CA GLY B 465 -85.56 -38.72 -1.70
C GLY B 465 -85.81 -39.30 -0.32
N LEU B 466 -85.36 -38.61 0.72
CA LEU B 466 -85.61 -39.01 2.09
C LEU B 466 -87.03 -38.65 2.43
N ALA B 467 -87.41 -37.42 2.11
CA ALA B 467 -88.75 -36.90 2.33
C ALA B 467 -89.82 -37.74 1.65
N ALA B 468 -89.46 -38.34 0.52
CA ALA B 468 -90.39 -39.14 -0.28
C ALA B 468 -90.15 -40.66 -0.14
N GLY B 469 -89.43 -41.04 0.90
CA GLY B 469 -89.30 -42.45 1.28
C GLY B 469 -88.48 -43.30 0.34
N VAL B 470 -88.12 -42.73 -0.81
CA VAL B 470 -87.21 -43.36 -1.77
C VAL B 470 -85.99 -43.91 -1.02
N TRP B 471 -85.44 -43.09 -0.13
CA TRP B 471 -84.41 -43.53 0.82
C TRP B 471 -84.91 -43.35 2.25
N THR B 472 -84.46 -44.23 3.14
CA THR B 472 -85.01 -44.35 4.50
C THR B 472 -84.22 -43.59 5.58
N SER B 473 -82.89 -43.63 5.49
CA SER B 473 -82.02 -42.90 6.42
C SER B 473 -80.68 -42.53 5.78
N LEU B 474 -79.97 -41.61 6.41
CA LEU B 474 -78.69 -41.13 5.92
C LEU B 474 -77.61 -42.21 5.96
N GLU B 475 -77.66 -43.07 6.99
CA GLU B 475 -76.75 -44.20 7.14
C GLU B 475 -77.03 -45.28 6.09
N GLU B 476 -78.30 -45.37 5.67
CA GLU B 476 -78.68 -46.19 4.53
C GLU B 476 -78.19 -45.50 3.27
N VAL B 477 -78.42 -44.18 3.20
CA VAL B 477 -77.91 -43.35 2.10
C VAL B 477 -76.39 -43.43 2.02
N LYS B 478 -75.73 -43.50 3.17
CA LYS B 478 -74.29 -43.81 3.24
C LYS B 478 -73.96 -45.17 2.62
N ALA B 479 -74.76 -46.18 2.92
CA ALA B 479 -74.54 -47.54 2.40
C ALA B 479 -74.81 -47.62 0.91
N VAL B 480 -75.84 -46.90 0.45
CA VAL B 480 -76.17 -46.84 -0.97
C VAL B 480 -74.99 -46.21 -1.73
N SER B 481 -74.57 -45.03 -1.28
CA SER B 481 -73.43 -44.32 -1.85
C SER B 481 -72.17 -45.18 -1.85
N ARG B 482 -71.97 -45.93 -0.77
CA ARG B 482 -70.84 -46.83 -0.61
C ARG B 482 -70.82 -47.89 -1.71
N ARG B 483 -72.01 -48.35 -2.11
CA ARG B 483 -72.14 -49.41 -3.12
C ARG B 483 -71.92 -48.89 -4.54
N GLU B 484 -71.44 -47.66 -4.67
CA GLU B 484 -71.18 -47.03 -5.98
C GLU B 484 -69.87 -46.21 -6.09
N ASN B 485 -69.32 -45.79 -4.95
CA ASN B 485 -68.20 -44.83 -4.92
C ASN B 485 -66.81 -45.40 -4.64
N SER B 486 -65.80 -44.72 -5.19
CA SER B 486 -64.40 -45.15 -5.12
C SER B 486 -63.47 -44.10 -4.48
N TRP B 487 -62.86 -44.48 -3.35
CA TRP B 487 -62.02 -43.58 -2.56
C TRP B 487 -60.64 -43.38 -3.17
N LYS B 488 -60.49 -42.35 -4.00
CA LYS B 488 -59.19 -41.98 -4.51
C LYS B 488 -58.62 -40.97 -3.52
N THR B 489 -57.82 -41.46 -2.57
CA THR B 489 -57.42 -40.67 -1.40
C THR B 489 -55.97 -40.15 -1.41
N VAL B 490 -55.74 -39.14 -0.56
CA VAL B 490 -54.40 -38.62 -0.30
C VAL B 490 -54.27 -38.37 1.20
N SER B 491 -53.16 -38.81 1.77
CA SER B 491 -52.89 -38.68 3.22
C SER B 491 -51.69 -37.74 3.47
N PRO B 492 -51.53 -37.28 4.73
CA PRO B 492 -50.46 -36.34 5.14
C PRO B 492 -49.04 -36.84 4.88
N SER B 493 -48.14 -35.93 4.54
CA SER B 493 -46.71 -36.26 4.31
C SER B 493 -45.75 -35.18 4.83
N GLY B 494 -44.93 -35.54 5.83
CA GLY B 494 -44.01 -34.61 6.49
C GLY B 494 -44.25 -34.50 7.99
N SER B 495 -43.29 -33.91 8.70
CA SER B 495 -43.38 -33.69 10.15
C SER B 495 -43.44 -32.19 10.46
N ALA B 496 -42.75 -31.77 11.53
CA ALA B 496 -42.55 -30.33 11.80
C ALA B 496 -41.41 -29.78 10.93
N MET B 497 -40.59 -30.69 10.41
CA MET B 497 -39.52 -30.41 9.45
C MET B 497 -40.04 -29.72 8.19
N GLU B 498 -41.27 -30.03 7.81
CA GLU B 498 -41.84 -29.53 6.55
C GLU B 498 -43.08 -28.67 6.77
N ARG B 499 -43.94 -29.07 7.71
CA ARG B 499 -45.22 -28.39 7.95
C ARG B 499 -45.00 -26.97 8.43
N GLU B 500 -44.44 -26.82 9.62
CA GLU B 500 -44.22 -25.51 10.25
C GLU B 500 -43.16 -24.67 9.52
N ALA B 501 -42.71 -25.15 8.36
CA ALA B 501 -41.74 -24.43 7.53
C ALA B 501 -42.44 -23.46 6.58
N MET B 502 -43.19 -24.00 5.62
CA MET B 502 -43.88 -23.16 4.62
C MET B 502 -44.98 -22.33 5.24
N ILE B 503 -45.41 -22.73 6.44
CA ILE B 503 -46.34 -21.94 7.25
C ILE B 503 -45.60 -20.73 7.79
N ALA B 504 -44.41 -20.95 8.36
CA ALA B 504 -43.59 -19.88 8.91
C ALA B 504 -43.36 -18.81 7.86
N GLU B 505 -43.05 -19.25 6.64
CA GLU B 505 -43.01 -18.37 5.48
C GLU B 505 -44.36 -17.65 5.34
N TRP B 506 -45.43 -18.44 5.22
CA TRP B 506 -46.78 -17.92 5.10
C TRP B 506 -47.05 -16.75 6.03
N ARG B 507 -46.87 -16.92 7.34
CA ARG B 507 -47.18 -15.85 8.29
C ARG B 507 -46.53 -14.52 7.92
N GLU B 508 -45.21 -14.51 7.85
CA GLU B 508 -44.47 -13.29 7.49
C GLU B 508 -44.76 -12.84 6.03
N ALA B 509 -44.84 -13.81 5.11
CA ALA B 509 -45.29 -13.53 3.75
C ALA B 509 -46.54 -12.64 3.74
N LEU B 510 -47.59 -13.10 4.42
CA LEU B 510 -48.83 -12.36 4.56
C LEU B 510 -48.62 -10.97 5.13
N LYS B 511 -47.66 -10.83 6.06
CA LYS B 511 -47.37 -9.55 6.73
C LYS B 511 -46.84 -8.46 5.77
N ARG B 512 -46.90 -8.72 4.47
CA ARG B 512 -46.39 -7.79 3.49
C ARG B 512 -47.39 -7.62 2.34
N THR B 513 -48.69 -7.81 2.64
CA THR B 513 -49.73 -7.88 1.61
C THR B 513 -50.60 -6.64 1.52
N LYS B 514 -50.74 -5.91 2.62
CA LYS B 514 -51.58 -4.73 2.69
C LYS B 514 -51.13 -3.68 1.69
N TRP B 515 -51.91 -3.44 0.68
CA TRP B 515 -51.50 -2.50 -0.30
C TRP B 515 -52.64 -1.67 -0.71
N ALA B 516 -53.77 -2.30 -0.87
CA ALA B 516 -54.77 -1.54 -1.55
C ALA B 516 -55.04 -0.29 -0.83
N LYS B 517 -54.85 0.76 -1.62
CA LYS B 517 -55.05 2.12 -1.26
C LYS B 517 -54.09 2.57 -0.18
N PHE C 5 19.05 67.94 13.46
CA PHE C 5 18.64 67.98 14.89
C PHE C 5 19.24 66.85 15.75
N THR C 6 18.95 65.60 15.41
CA THR C 6 19.31 64.44 16.26
C THR C 6 19.75 63.16 15.52
N MET C 7 20.25 62.18 16.28
CA MET C 7 20.85 60.94 15.77
C MET C 7 19.85 60.03 15.05
N LYS C 8 20.33 59.25 14.10
CA LYS C 8 19.48 58.38 13.30
C LYS C 8 19.86 56.91 13.47
N TYR C 9 18.86 56.04 13.60
CA TYR C 9 19.11 54.62 13.84
C TYR C 9 18.44 53.71 12.82
N VAL C 10 19.16 52.68 12.42
CA VAL C 10 18.63 51.68 11.51
C VAL C 10 18.59 50.33 12.21
N GLY C 11 17.52 49.56 11.96
CA GLY C 11 17.35 48.22 12.50
C GLY C 11 17.40 47.13 11.43
N SER C 12 18.01 46.00 11.81
CA SER C 12 18.11 44.85 10.94
C SER C 12 17.56 43.58 11.61
N ILE C 13 16.44 43.08 11.10
CA ILE C 13 15.90 41.79 11.50
C ILE C 13 16.71 40.72 10.78
N ASP C 14 17.52 39.99 11.54
CA ASP C 14 18.31 38.91 10.99
C ASP C 14 17.65 37.58 11.39
N GLN C 15 17.20 36.83 10.39
CA GLN C 15 16.51 35.57 10.62
C GLN C 15 17.23 34.45 9.92
N GLY C 16 18.04 33.72 10.68
CA GLY C 16 18.87 32.66 10.13
C GLY C 16 18.37 31.27 10.47
N THR C 17 19.12 30.26 10.01
CA THR C 17 18.70 28.88 10.07
C THR C 17 18.36 28.47 11.47
N THR C 18 19.23 28.85 12.42
CA THR C 18 19.14 28.31 13.78
C THR C 18 18.56 29.27 14.82
N SER C 19 18.50 30.55 14.49
CA SER C 19 18.04 31.58 15.43
C SER C 19 17.57 32.87 14.75
N THR C 20 17.13 33.84 15.54
CA THR C 20 16.70 35.13 14.99
C THR C 20 17.25 36.25 15.86
N ARG C 21 17.61 37.36 15.22
CA ARG C 21 18.33 38.41 15.90
C ARG C 21 17.85 39.74 15.39
N PHE C 22 17.74 40.70 16.29
CA PHE C 22 17.50 42.07 15.88
C PHE C 22 18.66 42.93 16.32
N ILE C 23 19.17 43.73 15.39
CA ILE C 23 20.36 44.56 15.63
C ILE C 23 20.10 45.98 15.17
N ILE C 24 20.28 46.91 16.11
CA ILE C 24 20.15 48.32 15.81
C ILE C 24 21.53 48.90 15.57
N PHE C 25 21.71 49.52 14.42
CA PHE C 25 22.95 50.21 14.10
C PHE C 25 22.85 51.73 14.32
N ASP C 26 23.97 52.36 14.67
CA ASP C 26 24.03 53.84 14.68
C ASP C 26 24.30 54.36 13.27
N GLU C 27 24.21 55.66 13.08
CA GLU C 27 24.59 56.30 11.82
C GLU C 27 26.09 56.15 11.52
N ARG C 28 26.86 55.87 12.56
CA ARG C 28 28.28 55.59 12.43
C ARG C 28 28.57 54.10 12.21
N GLN C 29 27.55 53.33 11.84
CA GLN C 29 27.64 51.89 11.46
C GLN C 29 27.97 50.88 12.58
N ARG C 30 27.81 51.29 13.82
CA ARG C 30 28.05 50.42 14.95
C ARG C 30 26.74 49.81 15.48
N PRO C 31 26.79 48.52 15.84
CA PRO C 31 25.66 47.76 16.36
C PRO C 31 25.44 48.01 17.86
N VAL C 32 24.70 49.06 18.19
CA VAL C 32 24.59 49.53 19.57
C VAL C 32 23.68 48.68 20.46
N SER C 33 22.65 48.07 19.85
CA SER C 33 21.80 47.11 20.55
C SER C 33 21.54 45.85 19.71
N VAL C 34 21.22 44.77 20.41
CA VAL C 34 21.06 43.43 19.82
C VAL C 34 20.25 42.50 20.77
N HIS C 35 19.62 41.48 20.20
CA HIS C 35 18.97 40.40 20.97
C HIS C 35 18.72 39.24 20.04
N GLN C 36 19.00 38.03 20.53
CA GLN C 36 18.86 36.81 19.76
C GLN C 36 17.83 35.87 20.40
N VAL C 37 16.79 35.51 19.66
CA VAL C 37 15.81 34.47 20.07
C VAL C 37 15.88 33.23 19.14
N PRO C 38 16.16 32.06 19.73
CA PRO C 38 16.30 30.82 18.95
C PRO C 38 14.95 30.26 18.51
N HIS C 39 14.95 29.27 17.61
CA HIS C 39 13.71 28.64 17.15
C HIS C 39 13.89 27.16 16.85
N THR C 40 12.77 26.42 16.97
CA THR C 40 12.76 24.95 16.96
C THR C 40 13.14 24.33 15.64
N GLN C 41 14.07 23.38 15.72
CA GLN C 41 14.54 22.60 14.57
C GLN C 41 13.80 21.27 14.55
N HIS C 42 12.86 21.12 13.62
CA HIS C 42 12.00 19.94 13.58
C HIS C 42 12.57 18.81 12.70
N THR C 43 12.04 17.59 12.84
CA THR C 43 12.65 16.43 12.21
C THR C 43 11.68 15.32 11.74
N PRO C 44 10.51 15.69 11.17
CA PRO C 44 9.41 14.72 11.02
C PRO C 44 9.91 13.30 10.66
N HIS C 45 10.72 13.19 9.61
CA HIS C 45 11.38 11.95 9.19
C HIS C 45 12.87 12.23 8.88
N PRO C 46 13.69 11.17 8.72
CA PRO C 46 15.09 11.27 8.26
C PRO C 46 15.38 12.28 7.15
N GLY C 47 16.40 13.12 7.39
CA GLY C 47 16.90 14.07 6.38
C GLY C 47 15.97 15.23 6.09
N TRP C 48 14.82 15.23 6.75
CA TRP C 48 13.86 16.33 6.72
C TRP C 48 14.22 17.39 7.76
N LEU C 49 13.81 18.63 7.52
CA LEU C 49 13.99 19.74 8.45
C LEU C 49 13.01 20.85 8.12
N GLU C 50 12.29 21.35 9.13
CA GLU C 50 11.37 22.47 8.90
C GLU C 50 11.22 23.45 10.05
N HIS C 51 10.88 24.68 9.69
CA HIS C 51 10.73 25.74 10.65
C HIS C 51 9.29 26.09 10.84
N ASP C 52 8.93 26.33 12.11
CA ASP C 52 7.58 26.72 12.47
C ASP C 52 7.44 28.20 12.10
N PRO C 53 6.75 28.50 11.00
CA PRO C 53 6.69 29.84 10.41
C PRO C 53 6.17 30.90 11.36
N MET C 54 5.29 30.50 12.27
CA MET C 54 4.79 31.45 13.28
C MET C 54 5.83 31.68 14.38
N GLU C 55 6.45 30.60 14.87
CA GLU C 55 7.51 30.73 15.85
C GLU C 55 8.57 31.74 15.38
N ILE C 56 8.87 31.68 14.08
CA ILE C 56 9.91 32.50 13.44
C ILE C 56 9.52 33.97 13.36
N PHE C 57 8.22 34.25 13.42
CA PHE C 57 7.66 35.61 13.35
C PHE C 57 7.64 36.30 14.69
N ARG C 58 7.13 35.61 15.71
CA ARG C 58 7.05 36.16 17.06
C ARG C 58 8.45 36.40 17.60
N SER C 59 9.40 35.59 17.15
CA SER C 59 10.82 35.77 17.46
C SER C 59 11.32 37.14 16.97
N ALA C 60 10.94 37.52 15.76
CA ALA C 60 11.39 38.76 15.16
C ALA C 60 10.80 39.98 15.85
N CYS C 61 9.49 39.91 16.12
CA CYS C 61 8.77 40.97 16.80
C CYS C 61 9.25 41.08 18.24
N LYS C 62 9.55 39.94 18.85
CA LYS C 62 10.06 39.90 20.22
C LYS C 62 11.46 40.51 20.27
N CYS C 63 12.40 39.95 19.52
CA CYS C 63 13.74 40.51 19.38
C CYS C 63 13.72 42.02 19.22
N MET C 64 12.83 42.50 18.34
CA MET C 64 12.73 43.93 18.08
C MET C 64 12.49 44.70 19.36
N SER C 65 11.30 44.52 19.94
CA SER C 65 10.93 45.17 21.19
C SER C 65 12.06 45.18 22.21
N VAL C 66 12.59 43.99 22.55
CA VAL C 66 13.60 43.87 23.60
C VAL C 66 14.83 44.75 23.36
N ALA C 67 15.32 44.78 22.11
CA ALA C 67 16.48 45.60 21.75
C ALA C 67 16.18 47.10 21.64
N ILE C 68 14.90 47.47 21.52
CA ILE C 68 14.53 48.88 21.57
C ILE C 68 14.62 49.40 23.02
N ALA C 69 13.88 48.73 23.92
CA ALA C 69 13.83 49.08 25.34
C ALA C 69 15.21 49.03 26.01
N LYS C 70 16.13 48.22 25.47
CA LYS C 70 17.50 48.23 25.95
C LYS C 70 18.24 49.51 25.55
N LEU C 71 18.19 49.86 24.26
CA LEU C 71 18.82 51.09 23.77
C LEU C 71 18.15 52.28 24.43
N ARG C 72 16.86 52.18 24.70
CA ARG C 72 16.16 53.25 25.44
C ARG C 72 16.66 53.36 26.87
N GLN C 73 17.35 52.33 27.35
CA GLN C 73 17.99 52.39 28.65
C GLN C 73 19.41 52.91 28.60
N LYS C 74 20.14 52.60 27.52
CA LYS C 74 21.56 52.96 27.45
C LYS C 74 21.93 54.00 26.39
N ASP C 75 20.90 54.57 25.76
CA ASP C 75 21.06 55.68 24.80
C ASP C 75 19.85 56.60 24.82
N ALA C 76 20.02 57.76 25.44
CA ALA C 76 18.98 58.79 25.51
C ALA C 76 18.85 59.65 24.24
N SER C 77 19.61 59.33 23.19
CA SER C 77 19.47 60.04 21.91
C SER C 77 18.80 59.17 20.83
N PHE C 78 18.53 57.91 21.18
CA PHE C 78 17.69 57.07 20.35
C PHE C 78 16.23 57.46 20.59
N ARG C 79 15.64 58.17 19.63
CA ARG C 79 14.26 58.57 19.78
C ARG C 79 13.30 57.72 18.94
N LYS C 80 13.65 57.47 17.67
CA LYS C 80 12.93 56.50 16.83
C LYS C 80 13.91 55.71 15.98
N ILE C 81 13.41 54.68 15.30
CA ILE C 81 14.18 53.92 14.30
C ILE C 81 13.74 54.35 12.90
N GLU C 82 14.70 54.70 12.05
CA GLU C 82 14.41 55.33 10.78
C GLU C 82 13.79 54.36 9.77
N ALA C 83 14.37 53.18 9.66
CA ALA C 83 13.84 52.17 8.76
C ALA C 83 14.25 50.78 9.20
N ILE C 84 13.79 49.78 8.47
CA ILE C 84 14.12 48.40 8.79
C ILE C 84 14.63 47.71 7.54
N GLY C 85 15.67 46.90 7.73
CA GLY C 85 16.14 45.97 6.71
C GLY C 85 15.85 44.56 7.20
N ILE C 86 15.64 43.65 6.25
CA ILE C 86 15.35 42.24 6.54
C ILE C 86 16.33 41.31 5.84
N THR C 87 17.13 40.58 6.62
CA THR C 87 18.05 39.59 6.06
C THR C 87 17.65 38.23 6.60
N ASN C 88 17.81 37.20 5.80
CA ASN C 88 17.10 35.95 6.02
C ASN C 88 17.83 34.74 5.43
N GLN C 89 17.62 33.57 6.00
CA GLN C 89 18.02 32.34 5.34
C GLN C 89 17.28 32.27 4.00
N ARG C 90 17.94 31.73 2.98
CA ARG C 90 17.36 31.70 1.66
C ARG C 90 16.74 30.33 1.38
N GLU C 91 16.12 30.21 0.21
CA GLU C 91 15.45 28.97 -0.26
C GLU C 91 14.25 28.52 0.58
N THR C 92 14.47 28.29 1.88
CA THR C 92 13.43 27.97 2.87
C THR C 92 12.12 28.65 2.50
N THR C 93 11.02 27.89 2.48
CA THR C 93 9.77 28.34 1.82
C THR C 93 8.49 28.22 2.66
N VAL C 94 7.67 29.26 2.63
CA VAL C 94 6.40 29.27 3.35
C VAL C 94 5.19 29.44 2.40
N ALA C 95 4.17 28.61 2.63
CA ALA C 95 2.83 28.85 2.10
C ALA C 95 1.89 29.24 3.24
N TRP C 96 1.42 30.48 3.24
CA TRP C 96 0.35 30.88 4.13
C TRP C 96 -0.94 31.09 3.35
N ASP C 97 -2.03 31.32 4.09
CA ASP C 97 -3.37 31.42 3.51
C ASP C 97 -3.89 32.86 3.65
N ARG C 98 -4.41 33.39 2.55
CA ARG C 98 -4.83 34.78 2.45
C ARG C 98 -5.75 35.23 3.59
N VAL C 99 -6.80 34.44 3.85
CA VAL C 99 -7.84 34.86 4.82
C VAL C 99 -7.37 34.80 6.28
N THR C 100 -7.13 33.59 6.78
CA THR C 100 -6.66 33.42 8.16
C THR C 100 -5.46 34.32 8.47
N LYS C 101 -4.61 34.49 7.46
CA LYS C 101 -3.26 35.07 7.58
C LYS C 101 -2.32 34.04 8.20
N GLU C 102 -2.53 32.75 7.89
CA GLU C 102 -1.82 31.67 8.61
C GLU C 102 -1.14 30.61 7.74
N PRO C 103 -0.02 30.02 8.24
CA PRO C 103 0.70 28.93 7.58
C PRO C 103 -0.11 27.65 7.40
N LEU C 104 -0.16 27.16 6.15
CA LEU C 104 -0.94 25.96 5.80
C LEU C 104 -0.26 24.65 6.19
N CYS C 105 0.99 24.75 6.65
CA CYS C 105 1.70 23.67 7.32
C CYS C 105 2.92 24.20 8.09
N TYR C 106 4.08 23.63 7.83
CA TYR C 106 5.33 24.12 8.37
C TYR C 106 6.17 24.72 7.23
N ALA C 107 7.41 25.10 7.53
CA ALA C 107 8.30 25.62 6.47
C ALA C 107 9.55 24.76 6.27
N PRO C 108 9.59 23.98 5.17
CA PRO C 108 10.72 23.08 4.94
C PRO C 108 11.98 23.85 4.57
N VAL C 109 13.07 23.53 5.27
CA VAL C 109 14.30 24.35 5.29
C VAL C 109 15.26 24.03 4.13
N TRP C 110 15.90 25.07 3.58
CA TRP C 110 16.84 24.94 2.46
C TRP C 110 17.53 23.58 2.29
N ASN C 111 18.13 23.07 3.37
CA ASN C 111 18.89 21.81 3.31
C ASN C 111 18.10 20.54 3.63
N ASP C 112 16.78 20.62 3.51
CA ASP C 112 15.88 19.48 3.71
C ASP C 112 15.77 18.71 2.40
N LEU C 113 15.86 17.38 2.47
CA LEU C 113 15.90 16.53 1.27
C LEU C 113 14.63 15.71 1.02
N ARG C 114 13.47 16.28 1.35
CA ARG C 114 12.18 15.66 1.03
C ARG C 114 11.87 15.87 -0.47
N THR C 115 12.19 17.06 -0.97
CA THR C 115 11.90 17.43 -2.35
C THR C 115 12.84 16.69 -3.29
N TYR C 116 13.51 15.65 -2.75
CA TYR C 116 14.44 14.83 -3.53
C TYR C 116 13.79 14.12 -4.72
N ASP C 117 12.86 13.20 -4.47
CA ASP C 117 12.26 12.41 -5.57
C ASP C 117 11.59 13.32 -6.60
N ILE C 118 11.08 14.46 -6.14
CA ILE C 118 10.63 15.52 -7.03
C ILE C 118 11.78 16.11 -7.88
N THR C 119 13.01 16.07 -7.37
CA THR C 119 14.17 16.60 -8.10
C THR C 119 14.49 15.78 -9.35
N LYS C 120 14.69 14.48 -9.17
CA LYS C 120 14.99 13.56 -10.26
C LYS C 120 13.91 13.61 -11.33
N LYS C 121 12.66 13.71 -10.87
CA LYS C 121 11.49 13.90 -11.74
C LYS C 121 11.66 15.09 -12.66
N VAL C 122 12.23 16.18 -12.12
CA VAL C 122 12.34 17.44 -12.86
C VAL C 122 13.48 17.44 -13.88
N THR C 123 14.63 16.89 -13.51
CA THR C 123 15.78 16.90 -14.42
C THR C 123 15.53 15.97 -15.60
N ALA C 124 14.62 15.00 -15.41
CA ALA C 124 14.31 14.01 -16.43
C ALA C 124 13.07 14.35 -17.24
N GLU C 125 12.00 14.80 -16.56
CA GLU C 125 10.75 15.09 -17.28
C GLU C 125 10.76 16.44 -17.95
N LEU C 126 11.43 17.43 -17.34
CA LEU C 126 11.44 18.78 -17.88
C LEU C 126 12.65 19.14 -18.73
N GLY C 127 13.74 18.38 -18.57
CA GLY C 127 14.99 18.71 -19.27
C GLY C 127 15.87 17.52 -19.64
N GLY C 128 15.21 16.45 -20.10
CA GLY C 128 15.85 15.24 -20.62
C GLY C 128 17.12 14.75 -19.95
N GLY C 129 17.05 14.56 -18.62
CA GLY C 129 18.18 14.03 -17.85
C GLY C 129 19.39 14.95 -17.68
N ASP C 130 19.26 16.20 -18.14
CA ASP C 130 20.31 17.21 -18.03
C ASP C 130 19.98 18.21 -16.91
N SER C 131 20.71 18.09 -15.81
CA SER C 131 20.48 18.88 -14.59
C SER C 131 20.56 20.39 -14.80
N MET C 132 21.28 20.82 -15.83
CA MET C 132 21.53 22.24 -16.07
C MET C 132 20.54 22.83 -17.07
N PHE C 133 19.47 22.08 -17.34
CA PHE C 133 18.52 22.36 -18.42
C PHE C 133 17.82 23.70 -18.35
N ALA C 134 17.75 24.29 -17.15
CA ALA C 134 17.15 25.62 -16.98
C ALA C 134 18.10 26.63 -16.36
N SER C 135 19.25 26.16 -15.88
CA SER C 135 20.28 27.04 -15.30
C SER C 135 20.43 28.33 -16.08
N LYS C 136 20.67 28.22 -17.38
CA LYS C 136 20.87 29.40 -18.23
C LYS C 136 19.72 30.40 -18.19
N ILE C 137 18.68 30.08 -17.43
CA ILE C 137 17.59 30.99 -17.12
C ILE C 137 17.71 31.43 -15.64
N THR C 138 17.78 30.46 -14.74
CA THR C 138 17.69 30.74 -13.31
C THR C 138 19.04 31.13 -12.74
N GLY C 139 20.10 30.66 -13.40
CA GLY C 139 21.45 30.65 -12.85
C GLY C 139 21.70 29.35 -12.09
N LEU C 140 20.65 28.53 -11.94
CA LEU C 140 20.64 27.39 -11.01
C LEU C 140 20.43 26.06 -11.67
N PRO C 141 21.07 25.01 -11.15
CA PRO C 141 20.76 23.65 -11.54
C PRO C 141 19.51 23.16 -10.81
N VAL C 142 19.18 21.90 -11.00
CA VAL C 142 18.18 21.28 -10.15
C VAL C 142 18.90 20.74 -8.92
N SER C 143 18.45 21.21 -7.75
CA SER C 143 18.89 20.69 -6.48
C SER C 143 17.74 20.86 -5.49
N THR C 144 17.68 19.98 -4.49
CA THR C 144 16.60 20.02 -3.50
C THR C 144 16.47 21.35 -2.76
N TYR C 145 17.44 22.23 -2.96
CA TYR C 145 17.53 23.46 -2.17
C TYR C 145 16.53 24.51 -2.56
N PHE C 146 16.33 24.70 -3.85
CA PHE C 146 15.64 25.89 -4.31
C PHE C 146 14.12 25.86 -4.12
N ALA C 147 13.57 27.03 -3.87
CA ALA C 147 12.24 27.18 -3.32
C ALA C 147 11.13 26.59 -4.19
N ALA C 148 11.23 26.79 -5.51
CA ALA C 148 10.22 26.30 -6.43
C ALA C 148 9.83 24.86 -6.12
N PHE C 149 10.86 24.02 -5.90
CA PHE C 149 10.69 22.60 -5.70
C PHE C 149 10.03 22.27 -4.37
N LYS C 150 10.16 23.18 -3.41
CA LYS C 150 9.48 23.07 -2.11
C LYS C 150 8.01 23.35 -2.31
N MET C 151 7.74 24.37 -3.12
CA MET C 151 6.39 24.84 -3.40
C MET C 151 5.59 23.79 -4.16
N ARG C 152 6.19 23.22 -5.20
CA ARG C 152 5.62 22.07 -5.90
C ARG C 152 5.38 20.88 -4.92
N TRP C 153 6.35 20.62 -4.03
CA TRP C 153 6.21 19.50 -3.11
C TRP C 153 5.12 19.73 -2.07
N MET C 154 5.01 20.95 -1.57
CA MET C 154 3.98 21.25 -0.59
C MET C 154 2.60 21.07 -1.21
N LEU C 155 2.49 21.40 -2.50
CA LEU C 155 1.26 21.21 -3.25
C LEU C 155 0.96 19.72 -3.40
N GLU C 156 2.01 18.92 -3.59
CA GLU C 156 1.90 17.47 -3.62
C GLU C 156 1.39 16.93 -2.29
N ASN C 157 2.25 16.98 -1.27
CA ASN C 157 2.06 16.19 -0.04
C ASN C 157 1.32 16.84 1.13
N VAL C 158 0.95 18.11 0.98
CA VAL C 158 0.18 18.79 2.01
C VAL C 158 -1.20 19.10 1.48
N PRO C 159 -2.19 18.25 1.85
CA PRO C 159 -3.59 18.41 1.47
C PRO C 159 -4.04 19.86 1.56
N ALA C 160 -3.68 20.53 2.66
CA ALA C 160 -4.11 21.92 2.96
C ALA C 160 -3.79 22.99 1.91
N VAL C 161 -2.71 22.81 1.17
CA VAL C 161 -2.22 23.85 0.24
C VAL C 161 -3.07 23.97 -1.02
N ALA C 162 -3.37 22.84 -1.65
CA ALA C 162 -4.13 22.77 -2.90
C ALA C 162 -5.49 23.47 -2.87
N ASP C 163 -6.14 23.48 -1.70
CA ASP C 163 -7.45 24.11 -1.54
C ASP C 163 -7.42 25.63 -1.81
N ALA C 164 -6.51 26.33 -1.13
CA ALA C 164 -6.33 27.78 -1.30
C ALA C 164 -5.78 28.08 -2.69
N CYS C 165 -4.95 27.17 -3.17
CA CYS C 165 -4.37 27.19 -4.52
C CYS C 165 -5.48 27.29 -5.55
N ARG C 166 -6.59 26.61 -5.26
CA ARG C 166 -7.77 26.63 -6.12
C ARG C 166 -8.70 27.80 -5.79
N ARG C 167 -8.80 28.13 -4.49
CA ARG C 167 -9.60 29.26 -4.01
C ARG C 167 -8.99 30.60 -4.40
N GLY C 168 -7.77 30.57 -4.94
CA GLY C 168 -7.00 31.79 -5.23
C GLY C 168 -6.62 32.56 -3.98
N THR C 169 -6.55 31.86 -2.85
CA THR C 169 -6.21 32.47 -1.56
C THR C 169 -4.77 32.19 -1.12
N LEU C 170 -4.14 31.18 -1.74
CA LEU C 170 -2.77 30.80 -1.43
C LEU C 170 -1.72 31.87 -1.72
N CYS C 171 -0.75 31.99 -0.80
CA CYS C 171 0.44 32.83 -0.96
C CYS C 171 1.68 31.99 -0.67
N PHE C 172 2.53 31.84 -1.68
CA PHE C 172 3.85 31.21 -1.49
C PHE C 172 4.88 32.29 -1.26
N GLY C 173 5.90 32.00 -0.47
CA GLY C 173 7.01 32.95 -0.29
C GLY C 173 8.26 32.41 0.40
N THR C 174 9.34 33.19 0.32
CA THR C 174 10.49 32.95 1.18
C THR C 174 10.32 33.73 2.49
N ILE C 175 11.26 33.54 3.40
CA ILE C 175 11.17 34.08 4.76
C ILE C 175 11.20 35.59 4.73
N ASP C 176 11.89 36.15 3.74
CA ASP C 176 11.90 37.59 3.56
C ASP C 176 10.47 38.08 3.37
N THR C 177 9.75 37.45 2.43
CA THR C 177 8.36 37.77 2.13
C THR C 177 7.46 37.47 3.33
N TRP C 178 7.60 36.28 3.91
CA TRP C 178 6.74 35.86 5.01
C TRP C 178 6.69 36.91 6.13
N LEU C 179 7.86 37.25 6.67
CA LEU C 179 7.99 38.34 7.63
C LEU C 179 7.38 39.63 7.09
N MET C 180 7.85 40.09 5.92
CA MET C 180 7.33 41.33 5.36
C MET C 180 5.79 41.31 5.28
N TYR C 181 5.23 40.22 4.75
CA TYR C 181 3.77 40.01 4.80
C TYR C 181 3.22 40.19 6.21
N LYS C 182 3.71 39.36 7.12
CA LYS C 182 3.21 39.33 8.49
C LYS C 182 3.51 40.59 9.29
N LEU C 183 4.69 41.18 9.04
CA LEU C 183 5.11 42.40 9.73
C LEU C 183 4.20 43.56 9.39
N SER C 184 3.69 43.56 8.17
CA SER C 184 2.83 44.61 7.63
C SER C 184 1.33 44.42 7.96
N GLY C 185 1.05 43.53 8.91
CA GLY C 185 -0.33 43.16 9.24
C GLY C 185 -1.04 42.44 8.09
N GLY C 186 -0.26 41.93 7.14
CA GLY C 186 -0.79 41.13 6.03
C GLY C 186 -0.95 41.93 4.76
N LYS C 187 -0.60 43.21 4.84
CA LYS C 187 -0.82 44.13 3.75
C LYS C 187 0.34 44.24 2.74
N ALA C 188 1.36 43.37 2.85
CA ALA C 188 2.48 43.40 1.90
C ALA C 188 2.84 42.03 1.36
N PHE C 189 2.90 41.92 0.03
CA PHE C 189 3.30 40.64 -0.62
C PHE C 189 4.46 40.90 -1.58
N VAL C 190 5.66 40.95 -1.00
CA VAL C 190 6.83 41.43 -1.70
C VAL C 190 7.99 40.49 -1.46
N THR C 191 8.73 40.18 -2.53
CA THR C 191 10.03 39.52 -2.38
C THR C 191 11.08 40.45 -2.94
N ASP C 192 12.22 40.49 -2.29
CA ASP C 192 13.32 41.27 -2.79
C ASP C 192 13.99 40.44 -3.85
N VAL C 193 14.83 41.07 -4.66
CA VAL C 193 15.51 40.46 -5.80
C VAL C 193 16.41 39.27 -5.46
N THR C 194 17.18 39.38 -4.38
CA THR C 194 18.16 38.33 -4.01
C THR C 194 17.51 37.02 -3.59
N ASN C 195 16.41 37.10 -2.84
CA ASN C 195 15.68 35.89 -2.41
C ASN C 195 14.90 35.18 -3.52
N ALA C 196 14.27 35.94 -4.40
CA ALA C 196 13.52 35.37 -5.53
C ALA C 196 14.38 34.44 -6.38
N SER C 197 15.66 34.81 -6.55
CA SER C 197 16.56 34.09 -7.44
C SER C 197 17.10 32.81 -6.82
N ARG C 198 16.55 32.44 -5.66
CA ARG C 198 16.89 31.20 -5.00
C ARG C 198 15.70 30.24 -5.06
N THR C 199 14.76 30.55 -5.95
CA THR C 199 13.53 29.76 -6.08
C THR C 199 13.53 28.92 -7.36
N PHE C 200 14.25 29.37 -8.39
CA PHE C 200 14.20 28.66 -9.66
C PHE C 200 12.93 29.07 -10.41
N LEU C 201 12.61 30.36 -10.38
CA LEU C 201 11.40 30.89 -10.98
C LEU C 201 11.62 32.29 -11.52
N MET C 202 12.79 32.85 -11.25
CA MET C 202 13.12 34.20 -11.67
C MET C 202 14.07 34.14 -12.85
N ASP C 203 13.88 35.06 -13.79
CA ASP C 203 14.84 35.26 -14.87
C ASP C 203 15.82 36.31 -14.38
N LEU C 204 17.08 35.91 -14.22
CA LEU C 204 18.12 36.82 -13.75
C LEU C 204 18.03 38.17 -14.46
N ARG C 205 18.13 38.14 -15.79
CA ARG C 205 18.42 39.33 -16.60
C ARG C 205 17.33 40.41 -16.65
N THR C 206 16.10 40.04 -16.32
CA THR C 206 15.00 41.01 -16.20
C THR C 206 14.59 41.11 -14.73
N ARG C 207 14.92 40.05 -13.98
CA ARG C 207 14.63 39.92 -12.56
C ARG C 207 13.16 39.58 -12.29
N LYS C 208 12.49 39.04 -13.31
CA LYS C 208 11.04 38.81 -13.25
C LYS C 208 10.70 37.33 -13.21
N TRP C 209 9.51 37.01 -12.68
CA TRP C 209 9.02 35.63 -12.68
C TRP C 209 8.81 35.13 -14.12
N SER C 210 9.28 33.92 -14.40
CA SER C 210 9.12 33.30 -15.72
C SER C 210 7.80 32.54 -15.83
N PRO C 211 6.91 32.97 -16.73
CA PRO C 211 5.60 32.31 -16.85
C PRO C 211 5.75 30.90 -17.41
N GLU C 212 6.80 30.70 -18.20
CA GLU C 212 7.14 29.39 -18.75
C GLU C 212 7.52 28.38 -17.67
N LEU C 213 8.58 28.70 -16.91
CA LEU C 213 9.08 27.83 -15.83
C LEU C 213 8.01 27.56 -14.79
N CYS C 214 7.22 28.60 -14.50
CA CYS C 214 6.06 28.47 -13.63
C CYS C 214 5.03 27.50 -14.18
N GLU C 215 4.69 27.64 -15.47
CA GLU C 215 3.79 26.66 -16.07
C GLU C 215 4.38 25.26 -16.03
N LYS C 216 5.68 25.15 -16.30
CA LYS C 216 6.41 23.89 -16.23
C LYS C 216 6.43 23.31 -14.81
N LEU C 217 6.59 24.18 -13.82
CA LEU C 217 6.67 23.77 -12.42
C LEU C 217 5.31 23.84 -11.74
N LYS C 218 4.28 24.10 -12.53
CA LYS C 218 2.89 24.22 -12.07
C LYS C 218 2.75 25.16 -10.87
N ILE C 219 3.38 26.33 -11.01
CA ILE C 219 3.26 27.38 -10.01
C ILE C 219 2.63 28.60 -10.69
N PRO C 220 1.55 29.14 -10.09
CA PRO C 220 0.88 30.30 -10.66
C PRO C 220 1.40 31.63 -10.12
N MET C 221 1.49 32.62 -11.01
CA MET C 221 1.96 33.97 -10.69
C MET C 221 1.26 34.69 -9.53
N GLU C 222 0.02 34.30 -9.23
CA GLU C 222 -0.81 35.00 -8.23
C GLU C 222 -0.35 34.78 -6.79
N THR C 223 0.28 33.61 -6.56
CA THR C 223 0.83 33.27 -5.25
C THR C 223 2.31 33.63 -5.16
N LEU C 224 2.77 34.47 -6.08
CA LEU C 224 4.15 34.87 -6.15
C LEU C 224 4.27 36.38 -5.95
N PRO C 225 5.00 36.78 -4.89
CA PRO C 225 5.05 38.15 -4.38
C PRO C 225 5.59 39.10 -5.42
N GLU C 226 5.25 40.38 -5.30
CA GLU C 226 5.74 41.39 -6.22
C GLU C 226 7.22 41.58 -5.97
N ILE C 227 8.03 41.60 -7.03
CA ILE C 227 9.48 41.73 -6.90
C ILE C 227 9.88 43.19 -6.85
N ARG C 228 10.58 43.57 -5.77
CA ARG C 228 11.26 44.86 -5.68
C ARG C 228 12.77 44.65 -5.62
N SER C 229 13.52 45.74 -5.47
CA SER C 229 14.95 45.69 -5.26
C SER C 229 15.28 45.49 -3.76
N ASN C 230 16.54 45.63 -3.39
CA ASN C 230 16.95 45.40 -2.01
C ASN C 230 16.68 46.57 -1.10
N SER C 231 16.28 47.71 -1.68
CA SER C 231 16.35 48.99 -0.96
C SER C 231 15.28 50.05 -1.32
N GLU C 232 14.12 49.96 -0.67
CA GLU C 232 12.97 50.86 -0.91
C GLU C 232 11.79 50.54 0.02
N LEU C 233 10.66 51.23 -0.18
CA LEU C 233 9.49 51.05 0.69
C LEU C 233 8.72 49.76 0.42
N PHE C 234 9.05 48.70 1.15
CA PHE C 234 8.36 47.41 1.04
C PHE C 234 7.00 47.45 1.73
N GLY C 235 6.84 48.42 2.63
CA GLY C 235 5.68 48.48 3.51
C GLY C 235 6.08 48.96 4.89
N TYR C 236 5.20 48.71 5.86
CA TYR C 236 5.37 49.23 7.21
C TYR C 236 5.15 48.13 8.23
N VAL C 237 5.55 48.40 9.47
CA VAL C 237 5.27 47.50 10.59
C VAL C 237 4.05 48.04 11.30
N GLU C 238 3.12 47.15 11.67
CA GLU C 238 1.82 47.57 12.22
C GLU C 238 1.23 46.62 13.26
N THR C 239 1.64 45.35 13.19
CA THR C 239 1.12 44.29 14.06
C THR C 239 1.27 44.59 15.56
N ASP C 240 0.57 43.83 16.38
CA ASP C 240 0.57 44.06 17.83
C ASP C 240 1.43 43.07 18.62
N GLU C 241 2.00 42.07 17.94
CA GLU C 241 2.85 41.06 18.59
C GLU C 241 4.00 41.70 19.38
N CYS C 242 4.04 41.43 20.67
CA CYS C 242 5.00 42.04 21.62
C CYS C 242 4.88 43.56 21.74
N GLY C 243 3.94 44.14 21.01
CA GLY C 243 3.79 45.58 20.99
C GLY C 243 4.78 46.25 20.08
N VAL C 244 5.11 45.57 19.00
CA VAL C 244 6.05 46.12 18.07
C VAL C 244 5.52 47.41 17.53
N ALA C 245 4.23 47.51 17.32
CA ALA C 245 3.76 48.77 16.84
C ALA C 245 4.09 49.78 17.89
N ALA C 246 3.84 49.43 19.13
CA ALA C 246 4.11 50.35 20.22
C ALA C 246 5.53 50.69 20.49
N ALA C 247 6.39 49.70 20.53
CA ALA C 247 7.77 49.91 20.96
C ALA C 247 8.49 50.80 20.01
N LEU C 248 8.22 50.62 18.76
CA LEU C 248 8.86 51.43 17.78
C LEU C 248 7.98 52.60 17.83
N ASN C 249 8.30 53.63 18.57
CA ASN C 249 7.33 54.67 18.68
C ASN C 249 7.03 54.91 17.25
N GLU C 250 5.77 55.02 16.88
CA GLU C 250 5.42 55.28 15.51
C GLU C 250 5.28 54.07 14.66
N ARG C 251 5.25 54.31 13.37
CA ARG C 251 5.12 53.28 12.40
C ARG C 251 6.40 53.33 11.64
N THR C 252 6.98 52.17 11.41
CA THR C 252 8.31 52.08 10.85
C THR C 252 8.37 51.47 9.48
N PRO C 253 9.01 52.14 8.55
CA PRO C 253 9.03 51.66 7.18
C PRO C 253 10.09 50.58 6.93
N ILE C 254 9.65 49.44 6.41
CA ILE C 254 10.53 48.37 6.00
C ILE C 254 11.07 48.74 4.63
N MET C 255 12.39 48.94 4.55
CA MET C 255 13.02 49.53 3.38
C MET C 255 14.26 48.77 2.89
N GLY C 256 14.54 47.65 3.54
CA GLY C 256 15.64 46.79 3.07
C GLY C 256 15.27 45.33 3.12
N SER C 257 15.67 44.57 2.09
CA SER C 257 15.47 43.11 2.08
C SER C 257 16.56 42.42 1.23
N ILE C 258 17.14 41.35 1.76
CA ILE C 258 18.32 40.74 1.16
C ILE C 258 18.66 39.43 1.85
N GLY C 259 18.90 38.36 1.07
CA GLY C 259 19.21 37.03 1.62
C GLY C 259 20.58 36.96 2.28
N ASP C 260 20.73 36.16 3.34
CA ASP C 260 21.84 36.35 4.28
C ASP C 260 23.24 36.36 3.67
N GLN C 261 23.52 35.55 2.66
CA GLN C 261 24.85 35.58 2.07
C GLN C 261 25.15 36.89 1.31
N GLN C 262 24.24 37.26 0.40
CA GLN C 262 24.26 38.55 -0.28
C GLN C 262 24.27 39.74 0.68
N SER C 263 23.55 39.63 1.80
CA SER C 263 23.56 40.67 2.83
C SER C 263 24.96 40.87 3.43
N ALA C 264 25.62 39.77 3.79
CA ALA C 264 27.01 39.77 4.27
C ALA C 264 27.94 40.35 3.19
N LEU C 265 27.70 39.99 1.94
CA LEU C 265 28.40 40.55 0.80
C LEU C 265 28.26 42.08 0.72
N PHE C 266 27.15 42.63 1.20
CA PHE C 266 26.91 44.09 1.17
C PHE C 266 27.59 44.80 2.36
N GLY C 267 27.33 44.32 3.58
CA GLY C 267 28.00 44.84 4.78
C GLY C 267 29.50 44.53 4.87
N ASN C 268 30.08 43.98 3.80
CA ASN C 268 31.51 43.82 3.68
C ASN C 268 32.08 44.60 2.51
N MET C 269 31.31 45.59 2.04
CA MET C 269 31.79 46.56 1.05
C MET C 269 32.26 45.98 -0.28
N CYS C 270 31.79 44.78 -0.62
CA CYS C 270 32.15 44.16 -1.89
C CYS C 270 31.35 44.75 -3.04
N PHE C 271 31.70 45.98 -3.43
CA PHE C 271 30.95 46.74 -4.44
C PHE C 271 31.56 46.75 -5.85
N GLU C 272 32.89 46.72 -5.94
CA GLU C 272 33.54 46.78 -7.25
C GLU C 272 33.57 45.37 -7.88
N LYS C 273 33.94 45.31 -9.17
CA LYS C 273 33.93 44.05 -9.90
C LYS C 273 35.08 43.17 -9.43
N GLY C 274 34.74 42.13 -8.66
CA GLY C 274 35.71 41.14 -8.22
C GLY C 274 35.93 41.07 -6.73
N GLU C 275 35.15 41.83 -5.97
CA GLU C 275 35.31 41.87 -4.51
C GLU C 275 34.52 40.76 -3.83
N ALA C 276 35.21 39.84 -3.16
CA ALA C 276 34.56 38.63 -2.66
C ALA C 276 34.48 38.53 -1.15
N LYS C 277 33.53 37.74 -0.68
CA LYS C 277 33.25 37.53 0.74
C LYS C 277 33.18 36.04 1.08
N ASN C 278 33.58 35.66 2.30
CA ASN C 278 33.46 34.27 2.79
C ASN C 278 32.89 34.21 4.22
N THR C 279 31.96 33.30 4.45
CA THR C 279 31.02 33.42 5.58
C THR C 279 30.74 32.10 6.29
N TYR C 280 31.12 32.03 7.57
CA TYR C 280 31.20 30.75 8.31
C TYR C 280 30.04 30.52 9.28
N GLY C 281 28.82 30.41 8.72
CA GLY C 281 27.65 30.01 9.50
C GLY C 281 27.40 28.51 9.33
N THR C 282 26.14 28.13 9.36
CA THR C 282 25.73 26.80 8.97
C THR C 282 26.33 26.55 7.59
N GLY C 283 26.94 25.38 7.41
CA GLY C 283 27.79 25.16 6.25
C GLY C 283 28.90 26.20 6.22
N CYS C 284 28.89 26.99 5.14
CA CYS C 284 29.90 28.01 4.78
C CYS C 284 29.70 28.37 3.30
N PHE C 285 29.94 29.63 2.97
CA PHE C 285 29.67 30.11 1.61
C PHE C 285 30.74 31.03 1.12
N LEU C 286 30.87 31.10 -0.20
CA LEU C 286 31.74 32.08 -0.85
C LEU C 286 30.99 32.73 -2.00
N LEU C 287 31.00 34.05 -2.03
CA LEU C 287 30.33 34.80 -3.08
C LEU C 287 31.25 35.86 -3.63
N MET C 288 31.25 36.02 -4.96
CA MET C 288 31.99 37.08 -5.63
C MET C 288 31.11 37.90 -6.58
N ASN C 289 31.06 39.20 -6.34
CA ASN C 289 30.49 40.22 -7.25
C ASN C 289 31.13 40.18 -8.65
N VAL C 290 30.28 40.15 -9.68
CA VAL C 290 30.70 40.15 -11.10
C VAL C 290 30.12 41.33 -11.91
N GLY C 291 29.63 42.36 -11.21
CA GLY C 291 29.19 43.60 -11.85
C GLY C 291 27.79 43.53 -12.42
N GLU C 292 27.39 44.57 -13.14
CA GLU C 292 26.08 44.63 -13.81
C GLU C 292 25.86 43.49 -14.80
N GLU C 293 26.92 42.71 -15.09
CA GLU C 293 26.94 41.77 -16.22
C GLU C 293 26.84 40.30 -15.82
N ALA C 294 25.74 39.68 -16.24
CA ALA C 294 25.41 38.30 -15.87
C ALA C 294 26.41 37.25 -16.38
N ARG C 295 27.07 36.59 -15.41
CA ARG C 295 27.95 35.45 -15.66
C ARG C 295 27.22 34.16 -15.30
N PHE C 296 27.45 33.10 -16.08
CA PHE C 296 26.92 31.78 -15.79
C PHE C 296 28.04 30.77 -15.61
N SER C 297 27.87 29.84 -14.68
CA SER C 297 29.00 29.04 -14.18
C SER C 297 29.33 27.81 -15.01
N LYS C 298 30.60 27.72 -15.41
CA LYS C 298 31.10 26.63 -16.22
C LYS C 298 31.71 25.50 -15.39
N HIS C 299 31.76 25.69 -14.07
CA HIS C 299 32.39 24.71 -13.17
C HIS C 299 31.59 24.40 -11.88
N GLY C 300 30.29 24.66 -11.88
CA GLY C 300 29.41 24.24 -10.77
C GLY C 300 29.32 25.18 -9.58
N LEU C 301 29.44 26.47 -9.84
CA LEU C 301 29.11 27.48 -8.86
C LEU C 301 27.72 27.93 -9.27
N LEU C 302 27.03 28.65 -8.41
CA LEU C 302 25.73 29.16 -8.75
C LEU C 302 25.88 30.57 -9.30
N SER C 303 24.98 30.94 -10.21
CA SER C 303 24.87 32.33 -10.63
C SER C 303 23.67 32.93 -9.92
N THR C 304 23.87 34.12 -9.35
CA THR C 304 22.88 34.69 -8.45
C THR C 304 22.96 36.21 -8.55
N VAL C 305 22.00 36.89 -7.92
CA VAL C 305 22.02 38.35 -7.85
C VAL C 305 22.83 38.74 -6.62
N GLY C 306 23.81 39.62 -6.82
CA GLY C 306 24.51 40.23 -5.71
C GLY C 306 23.53 41.14 -5.00
N PHE C 307 23.15 42.22 -5.67
CA PHE C 307 22.27 43.25 -5.09
C PHE C 307 21.81 44.34 -6.07
N GLN C 308 20.65 44.92 -5.77
CA GLN C 308 20.13 46.07 -6.52
C GLN C 308 19.59 47.11 -5.56
N VAL C 309 20.01 48.36 -5.76
CA VAL C 309 19.64 49.46 -4.88
C VAL C 309 18.60 50.40 -5.51
N GLY C 310 17.45 50.52 -4.86
CA GLY C 310 16.41 51.45 -5.29
C GLY C 310 15.48 50.82 -6.31
N ARG C 311 14.19 51.14 -6.20
CA ARG C 311 13.16 50.60 -7.11
C ARG C 311 13.66 50.52 -8.55
N ASP C 312 14.04 51.67 -9.10
CA ASP C 312 14.79 51.68 -10.33
C ASP C 312 16.24 51.52 -9.91
N GLY C 313 16.81 50.34 -10.11
CA GLY C 313 18.16 50.09 -9.64
C GLY C 313 19.03 49.29 -10.57
N PRO C 314 20.34 49.59 -10.58
CA PRO C 314 21.29 48.73 -11.26
C PRO C 314 21.40 47.41 -10.50
N CYS C 315 21.56 46.30 -11.22
CA CYS C 315 21.71 45.00 -10.57
C CYS C 315 23.09 44.43 -10.74
N TYR C 316 23.76 44.19 -9.61
CA TYR C 316 25.07 43.54 -9.61
C TYR C 316 24.90 42.04 -9.35
N TYR C 317 25.41 41.20 -10.24
CA TYR C 317 25.31 39.75 -10.09
C TYR C 317 26.50 39.17 -9.31
N ALA C 318 26.31 37.99 -8.74
CA ALA C 318 27.39 37.32 -8.03
C ALA C 318 27.55 35.87 -8.46
N LEU C 319 28.70 35.29 -8.10
CA LEU C 319 28.92 33.86 -8.22
C LEU C 319 29.08 33.29 -6.83
N GLU C 320 28.23 32.32 -6.50
CA GLU C 320 28.33 31.61 -5.23
C GLU C 320 28.87 30.18 -5.38
N GLY C 321 29.82 29.86 -4.50
CA GLY C 321 30.22 28.49 -4.25
C GLY C 321 29.86 28.12 -2.82
N ALA C 322 28.99 27.12 -2.69
CA ALA C 322 28.55 26.59 -1.40
C ALA C 322 29.46 25.45 -0.92
N ILE C 323 30.34 25.78 0.01
CA ILE C 323 31.32 24.82 0.52
C ILE C 323 31.10 24.61 2.02
N ALA C 324 30.98 23.34 2.41
CA ALA C 324 30.43 23.03 3.73
C ALA C 324 31.45 22.87 4.85
N CYS C 325 32.23 21.78 4.78
CA CYS C 325 32.97 21.28 5.95
C CYS C 325 34.12 22.19 6.43
N ALA C 326 33.81 23.46 6.68
CA ALA C 326 34.79 24.43 7.19
C ALA C 326 34.95 24.29 8.71
N GLY C 327 33.98 24.79 9.47
CA GLY C 327 33.96 24.62 10.94
C GLY C 327 33.85 23.16 11.41
N ALA C 328 33.07 22.36 10.69
CA ALA C 328 32.84 20.94 11.02
C ALA C 328 34.12 20.15 11.21
N THR C 329 35.21 20.68 10.65
CA THR C 329 36.50 20.00 10.64
C THR C 329 37.29 20.25 11.93
N VAL C 330 37.30 21.50 12.39
CA VAL C 330 37.98 21.86 13.64
C VAL C 330 37.38 21.07 14.80
N GLU C 331 36.05 21.11 14.92
CA GLU C 331 35.35 20.34 15.95
C GLU C 331 35.58 18.84 15.77
N TRP C 332 35.49 18.34 14.54
CA TRP C 332 35.70 16.91 14.30
C TRP C 332 37.01 16.40 14.91
N MET C 333 38.09 17.15 14.70
CA MET C 333 39.35 16.84 15.36
C MET C 333 39.24 16.99 16.89
N ARG C 334 38.64 18.09 17.33
CA ARG C 334 38.43 18.36 18.75
C ARG C 334 37.51 17.34 19.43
N ARG C 335 36.52 16.84 18.69
CA ARG C 335 35.50 15.94 19.23
C ARG C 335 35.86 14.48 18.94
N ASN C 336 35.67 14.07 17.69
CA ASN C 336 35.91 12.69 17.28
C ASN C 336 37.32 12.18 17.55
N MET C 337 38.31 13.03 17.31
CA MET C 337 39.72 12.63 17.32
C MET C 337 40.55 13.21 18.48
N ASN C 338 39.88 13.84 19.44
CA ASN C 338 40.53 14.50 20.58
C ASN C 338 41.99 14.86 20.28
N LEU C 339 42.18 15.71 19.27
CA LEU C 339 43.50 16.13 18.83
C LEU C 339 43.92 17.38 19.61
N PHE C 340 42.93 18.06 20.15
CA PHE C 340 43.10 19.13 21.11
C PHE C 340 41.86 19.22 22.00
N SER C 341 41.91 20.08 23.00
CA SER C 341 40.82 20.20 23.97
C SER C 341 40.11 21.57 23.87
N HIS C 342 40.91 22.62 23.79
CA HIS C 342 40.44 24.00 23.73
C HIS C 342 40.52 24.49 22.28
N ILE C 343 39.43 25.06 21.77
CA ILE C 343 39.36 25.56 20.37
C ILE C 343 40.44 26.63 20.05
N THR C 344 41.19 27.02 21.08
CA THR C 344 42.23 28.04 20.94
C THR C 344 43.57 27.39 20.62
N GLU C 345 43.70 26.11 20.96
CA GLU C 345 44.89 25.32 20.66
C GLU C 345 45.02 25.03 19.17
N CYS C 346 43.91 25.19 18.44
CA CYS C 346 43.85 24.85 17.01
C CYS C 346 44.92 25.55 16.19
N GLU C 347 44.98 26.88 16.24
CA GLU C 347 46.06 27.62 15.58
C GLU C 347 47.36 27.42 16.34
N LYS C 348 47.26 27.51 17.67
CA LYS C 348 48.42 27.47 18.56
C LYS C 348 49.28 26.20 18.39
N LEU C 349 48.67 25.09 17.98
CA LEU C 349 49.39 23.83 17.68
C LEU C 349 49.86 23.77 16.24
N ALA C 350 49.02 24.26 15.33
CA ALA C 350 49.38 24.37 13.92
C ALA C 350 50.63 25.24 13.72
N ARG C 351 50.76 26.28 14.54
CA ARG C 351 51.93 27.17 14.52
C ARG C 351 53.23 26.48 15.00
N SER C 352 53.09 25.40 15.76
CA SER C 352 54.24 24.61 16.26
C SER C 352 55.20 24.18 15.16
N VAL C 353 54.66 23.96 13.96
CA VAL C 353 55.43 23.45 12.82
C VAL C 353 55.36 24.38 11.62
N PRO C 354 56.49 24.54 10.89
CA PRO C 354 56.52 25.48 9.76
C PRO C 354 55.78 24.95 8.53
N GLY C 355 55.09 23.83 8.69
CA GLY C 355 54.39 23.17 7.58
C GLY C 355 54.13 21.73 7.91
N THR C 356 53.77 20.97 6.89
CA THR C 356 53.13 19.66 7.09
C THR C 356 54.03 18.43 6.92
N GLN C 357 55.28 18.62 6.49
CA GLN C 357 56.24 17.52 6.27
C GLN C 357 55.83 16.55 5.15
N GLY C 358 54.92 16.97 4.27
CA GLY C 358 54.46 16.12 3.18
C GLY C 358 53.25 15.26 3.48
N ILE C 359 52.24 15.85 4.12
CA ILE C 359 50.92 15.23 4.31
C ILE C 359 49.80 16.20 3.90
N VAL C 360 48.82 15.69 3.15
CA VAL C 360 47.69 16.51 2.69
C VAL C 360 46.37 15.93 3.17
N PHE C 361 45.80 16.54 4.20
CA PHE C 361 44.57 16.05 4.83
C PHE C 361 43.31 16.60 4.17
N VAL C 362 42.67 15.76 3.36
CA VAL C 362 41.42 16.11 2.67
C VAL C 362 40.22 15.80 3.57
N PRO C 363 39.56 16.85 4.08
CA PRO C 363 38.49 16.74 5.08
C PRO C 363 37.10 16.65 4.44
N ALA C 364 36.96 15.73 3.48
CA ALA C 364 35.76 15.63 2.67
C ALA C 364 34.75 14.65 3.26
N PHE C 365 34.65 14.64 4.58
CA PHE C 365 33.75 13.79 5.34
C PHE C 365 32.44 13.57 4.60
N SER C 366 31.83 14.66 4.12
CA SER C 366 30.53 14.60 3.46
C SER C 366 30.62 14.96 1.96
N GLY C 367 31.56 14.36 1.24
CA GLY C 367 31.69 14.59 -0.21
C GLY C 367 32.66 15.71 -0.56
N LEU C 368 32.66 16.12 -1.83
CA LEU C 368 33.71 17.00 -2.34
C LEU C 368 33.31 18.43 -2.72
N LEU C 369 32.04 18.61 -3.10
CA LEU C 369 31.45 19.95 -3.38
C LEU C 369 32.13 20.76 -4.49
N ALA C 370 31.79 22.05 -4.54
CA ALA C 370 32.42 23.07 -5.40
C ALA C 370 32.84 22.57 -6.81
N PRO C 371 34.05 22.92 -7.28
CA PRO C 371 34.29 22.77 -8.74
C PRO C 371 34.49 21.34 -9.25
N TYR C 372 35.08 20.47 -8.44
CA TYR C 372 35.37 19.10 -8.85
C TYR C 372 34.13 18.20 -8.72
N TRP C 373 33.42 18.40 -7.61
CA TRP C 373 32.16 17.72 -7.27
C TRP C 373 32.20 16.20 -7.29
N ASP C 374 32.18 15.62 -6.10
CA ASP C 374 32.23 14.19 -5.90
C ASP C 374 31.62 13.90 -4.53
N PRO C 375 30.29 13.65 -4.48
CA PRO C 375 29.61 13.31 -3.21
C PRO C 375 30.08 11.97 -2.64
N SER C 376 30.97 11.32 -3.38
CA SER C 376 31.49 9.99 -3.08
C SER C 376 32.87 10.05 -2.40
N ALA C 377 33.36 11.28 -2.16
CA ALA C 377 34.63 11.49 -1.50
C ALA C 377 34.44 11.45 0.02
N ARG C 378 35.44 10.95 0.73
CA ARG C 378 35.42 10.94 2.20
C ARG C 378 36.60 11.70 2.83
N GLY C 379 36.76 11.55 4.15
CA GLY C 379 37.87 12.14 4.88
C GLY C 379 39.12 11.30 4.74
N THR C 380 40.19 11.90 4.22
CA THR C 380 41.42 11.16 3.90
C THR C 380 42.72 11.88 4.32
N ILE C 381 43.69 11.12 4.80
CA ILE C 381 45.02 11.65 5.12
C ILE C 381 46.07 10.81 4.41
N VAL C 382 47.11 11.47 3.89
CA VAL C 382 48.20 10.77 3.19
C VAL C 382 49.57 11.27 3.62
N GLY C 383 50.59 10.45 3.37
CA GLY C 383 51.99 10.88 3.52
C GLY C 383 52.60 10.81 4.90
N MET C 384 51.89 10.22 5.85
CA MET C 384 52.31 10.24 7.24
C MET C 384 53.53 9.35 7.55
N THR C 385 54.41 9.85 8.42
CA THR C 385 55.62 9.13 8.87
C THR C 385 55.62 9.03 10.41
N LEU C 386 56.60 8.34 10.97
CA LEU C 386 56.78 8.30 12.43
C LEU C 386 57.22 9.64 13.03
N LYS C 387 57.26 10.68 12.21
CA LYS C 387 57.58 12.01 12.67
C LYS C 387 56.42 12.98 12.40
N THR C 388 55.25 12.43 12.07
CA THR C 388 54.05 13.22 11.82
C THR C 388 53.27 13.40 13.12
N THR C 389 52.86 14.63 13.39
CA THR C 389 52.19 14.93 14.65
C THR C 389 50.82 15.62 14.47
N ARG C 390 50.01 15.62 15.53
CA ARG C 390 48.69 16.26 15.52
C ARG C 390 48.76 17.68 14.97
N ALA C 391 49.79 18.41 15.39
CA ALA C 391 50.06 19.75 14.89
C ALA C 391 50.14 19.76 13.36
N HIS C 392 50.79 18.75 12.79
CA HIS C 392 50.86 18.59 11.33
C HIS C 392 49.50 18.33 10.72
N VAL C 393 48.70 17.49 11.41
CA VAL C 393 47.35 17.15 10.96
C VAL C 393 46.42 18.36 11.05
N ILE C 394 46.55 19.13 12.13
CA ILE C 394 45.82 20.39 12.27
C ILE C 394 46.16 21.38 11.15
N ARG C 395 47.45 21.53 10.86
CA ARG C 395 47.87 22.47 9.84
C ARG C 395 47.50 22.04 8.43
N ALA C 396 47.57 20.73 8.16
CA ALA C 396 47.21 20.20 6.85
C ALA C 396 45.72 20.46 6.60
N ALA C 397 44.94 20.28 7.66
CA ALA C 397 43.51 20.52 7.64
C ALA C 397 43.19 21.96 7.27
N LEU C 398 44.00 22.88 7.79
CA LEU C 398 43.78 24.32 7.61
C LEU C 398 44.14 24.78 6.19
N GLN C 399 45.31 24.35 5.71
CA GLN C 399 45.68 24.56 4.31
C GLN C 399 44.65 23.89 3.39
N ALA C 400 44.21 22.69 3.77
CA ALA C 400 43.12 21.98 3.08
C ALA C 400 41.90 22.86 2.91
N ILE C 401 41.48 23.54 3.98
CA ILE C 401 40.36 24.49 3.95
C ILE C 401 40.66 25.61 2.98
N ALA C 402 41.90 26.09 3.02
CA ALA C 402 42.33 27.19 2.19
C ALA C 402 42.45 26.75 0.74
N LEU C 403 42.81 25.48 0.56
CA LEU C 403 42.93 24.89 -0.76
C LEU C 403 41.57 24.72 -1.45
N GLN C 404 40.53 24.39 -0.68
CA GLN C 404 39.16 24.31 -1.21
C GLN C 404 38.70 25.69 -1.66
N LEU C 405 38.86 26.65 -0.74
CA LEU C 405 38.55 28.05 -0.98
C LEU C 405 39.27 28.55 -2.23
N ASN C 406 40.52 28.14 -2.38
CA ASN C 406 41.35 28.52 -3.51
C ASN C 406 40.79 27.97 -4.83
N ASP C 407 40.38 26.70 -4.81
CA ASP C 407 39.75 26.05 -5.97
C ASP C 407 38.48 26.77 -6.41
N VAL C 408 37.59 27.07 -5.47
CA VAL C 408 36.37 27.83 -5.74
C VAL C 408 36.68 29.09 -6.53
N VAL C 409 37.67 29.85 -6.07
CA VAL C 409 38.13 31.08 -6.72
C VAL C 409 38.63 30.87 -8.15
N GLY C 410 39.47 29.85 -8.36
CA GLY C 410 39.90 29.48 -9.71
C GLY C 410 38.76 29.35 -10.70
N SER C 411 37.70 28.66 -10.30
CA SER C 411 36.50 28.48 -11.10
C SER C 411 35.70 29.77 -11.30
N MET C 412 35.82 30.72 -10.38
CA MET C 412 35.13 32.02 -10.47
C MET C 412 35.85 33.01 -11.39
N LYS C 413 37.15 33.19 -11.16
CA LYS C 413 37.95 34.11 -11.96
C LYS C 413 37.90 33.72 -13.43
N ARG C 414 37.92 32.43 -13.71
CA ARG C 414 37.83 31.91 -15.07
C ARG C 414 36.43 32.04 -15.63
N ASP C 415 35.43 31.78 -14.78
CA ASP C 415 34.02 32.01 -15.15
C ASP C 415 33.75 33.44 -15.62
N ALA C 416 33.98 34.41 -14.75
CA ALA C 416 33.76 35.82 -15.07
C ALA C 416 34.79 36.36 -16.06
N GLY C 417 36.06 36.35 -15.63
CA GLY C 417 37.17 36.81 -16.45
C GLY C 417 38.06 37.68 -15.60
N LEU C 418 37.51 38.11 -14.46
CA LEU C 418 38.18 39.07 -13.59
C LEU C 418 39.00 38.42 -12.48
N ASN C 419 39.73 39.27 -11.76
CA ASN C 419 40.69 38.82 -10.79
C ASN C 419 40.28 39.29 -9.41
N LEU C 420 40.46 38.44 -8.42
CA LEU C 420 40.04 38.72 -7.05
C LEU C 420 40.69 40.02 -6.51
N SER C 421 39.86 41.08 -6.42
CA SER C 421 40.29 42.38 -5.88
C SER C 421 40.66 42.32 -4.41
N SER C 422 40.01 41.39 -3.69
CA SER C 422 40.18 41.21 -2.25
C SER C 422 39.19 40.16 -1.80
N LEU C 423 39.51 39.48 -0.71
CA LEU C 423 38.54 38.63 -0.06
C LEU C 423 38.36 39.11 1.38
N ARG C 424 37.11 39.11 1.83
CA ARG C 424 36.75 39.47 3.21
C ARG C 424 36.19 38.27 3.93
N VAL C 425 36.67 38.05 5.14
CA VAL C 425 36.26 36.90 5.89
C VAL C 425 35.57 37.35 7.17
N ASP C 426 34.32 36.94 7.31
CA ASP C 426 33.59 37.10 8.55
C ASP C 426 33.56 35.68 9.12
N GLY C 427 32.57 35.37 9.96
CA GLY C 427 32.48 34.04 10.54
C GLY C 427 33.63 33.74 11.49
N GLY C 428 33.38 32.84 12.44
CA GLY C 428 34.34 32.47 13.48
C GLY C 428 35.80 32.36 13.02
N LEU C 429 36.00 31.72 11.88
CA LEU C 429 37.33 31.48 11.32
C LEU C 429 38.02 32.75 10.77
N SER C 430 37.53 33.91 11.18
CA SER C 430 38.20 35.19 10.98
C SER C 430 39.30 35.32 12.03
N LYS C 431 38.99 34.80 13.22
CA LYS C 431 39.92 34.73 14.33
C LYS C 431 41.22 34.00 13.96
N ASN C 432 41.12 32.89 13.22
CA ASN C 432 42.28 32.06 12.91
C ASN C 432 43.27 32.72 11.93
N GLY C 433 44.14 33.58 12.47
CA GLY C 433 45.14 34.30 11.69
C GLY C 433 45.99 33.39 10.83
N LEU C 434 46.38 32.23 11.37
CA LEU C 434 47.18 31.26 10.62
C LEU C 434 46.47 30.77 9.37
N LEU C 435 45.17 30.50 9.50
CA LEU C 435 44.35 30.10 8.37
C LEU C 435 44.25 31.23 7.35
N MET C 436 44.18 32.46 7.86
CA MET C 436 44.01 33.65 7.03
C MET C 436 45.27 33.98 6.23
N GLU C 437 46.42 33.95 6.89
CA GLU C 437 47.71 34.08 6.20
C GLU C 437 47.88 32.98 5.14
N ILE C 438 47.50 31.75 5.47
CA ILE C 438 47.54 30.65 4.50
C ILE C 438 46.70 30.98 3.28
N GLN C 439 45.44 31.35 3.53
CA GLN C 439 44.51 31.75 2.47
C GLN C 439 45.12 32.89 1.64
N ALA C 440 45.53 33.95 2.33
CA ALA C 440 46.29 35.04 1.71
C ALA C 440 47.45 34.47 0.88
N SER C 441 48.33 33.72 1.53
CA SER C 441 49.46 33.07 0.86
C SER C 441 48.99 32.27 -0.37
N LEU C 442 47.96 31.44 -0.19
CA LEU C 442 47.44 30.63 -1.28
C LEU C 442 46.88 31.42 -2.45
N LEU C 443 46.04 32.41 -2.16
CA LEU C 443 45.38 33.15 -3.23
C LEU C 443 46.19 34.38 -3.67
N GLY C 444 47.11 34.80 -2.82
CA GLY C 444 47.98 35.95 -3.11
C GLY C 444 47.24 37.27 -3.03
N VAL C 445 46.37 37.39 -2.04
CA VAL C 445 45.56 38.59 -1.84
C VAL C 445 45.40 38.91 -0.36
N ASP C 446 45.05 40.17 -0.08
CA ASP C 446 44.78 40.60 1.28
C ASP C 446 43.49 39.99 1.77
N ILE C 447 43.43 39.71 3.06
CA ILE C 447 42.14 39.41 3.68
C ILE C 447 41.80 40.42 4.76
N LEU C 448 40.82 41.26 4.47
CA LEU C 448 40.29 42.18 5.46
C LEU C 448 39.48 41.37 6.48
N VAL C 449 39.78 41.58 7.76
CA VAL C 449 39.15 40.82 8.85
C VAL C 449 38.50 41.84 9.76
N PRO C 450 37.19 42.10 9.55
CA PRO C 450 36.44 43.17 10.23
C PRO C 450 36.46 43.02 11.74
N SER C 451 36.69 44.13 12.43
CA SER C 451 36.73 44.16 13.89
C SER C 451 35.30 44.39 14.38
N MET C 452 34.36 44.18 13.49
CA MET C 452 32.94 44.32 13.80
C MET C 452 32.21 43.12 13.24
N HIS C 453 31.81 42.20 14.11
CA HIS C 453 30.94 41.09 13.68
C HIS C 453 29.47 41.58 13.64
N GLU C 454 28.68 41.00 12.75
CA GLU C 454 27.31 41.47 12.39
C GLU C 454 27.30 42.19 11.03
N THR C 455 28.16 41.71 10.14
CA THR C 455 28.27 42.25 8.81
C THR C 455 27.18 41.63 7.95
N THR C 456 26.58 40.56 8.45
CA THR C 456 25.34 40.03 7.89
C THR C 456 24.18 40.99 8.17
N ALA C 457 24.04 41.42 9.41
CA ALA C 457 22.95 42.35 9.75
C ALA C 457 23.12 43.70 9.05
N LEU C 458 24.36 44.17 8.98
CA LEU C 458 24.70 45.47 8.40
C LEU C 458 24.28 45.57 6.92
N GLY C 459 24.49 44.50 6.17
CA GLY C 459 23.91 44.39 4.82
C GLY C 459 22.46 44.83 4.84
N ALA C 460 21.60 44.11 5.56
CA ALA C 460 20.20 44.51 5.71
C ALA C 460 20.06 45.98 6.11
N ALA C 461 20.84 46.42 7.10
CA ALA C 461 20.79 47.81 7.57
C ALA C 461 21.15 48.85 6.50
N LEU C 462 22.33 48.69 5.86
CA LEU C 462 22.81 49.62 4.82
C LEU C 462 21.80 49.86 3.71
N CYS C 463 21.16 48.79 3.24
CA CYS C 463 20.08 48.89 2.27
C CYS C 463 18.96 49.80 2.82
N ALA C 464 18.45 49.45 4.00
CA ALA C 464 17.38 50.20 4.62
C ALA C 464 17.75 51.68 4.67
N GLY C 465 18.91 51.98 5.26
CA GLY C 465 19.37 53.36 5.45
C GLY C 465 19.60 54.13 4.16
N LEU C 466 20.21 53.46 3.18
CA LEU C 466 20.40 54.04 1.85
C LEU C 466 19.08 54.63 1.36
N ALA C 467 18.02 53.82 1.46
CA ALA C 467 16.71 54.17 0.97
C ALA C 467 16.04 55.16 1.91
N ALA C 468 16.27 54.97 3.20
CA ALA C 468 15.67 55.82 4.24
C ALA C 468 16.36 57.15 4.40
N GLY C 469 17.37 57.43 3.56
CA GLY C 469 18.08 58.70 3.58
C GLY C 469 19.19 58.80 4.62
N VAL C 470 19.25 57.82 5.52
CA VAL C 470 20.29 57.82 6.58
C VAL C 470 21.67 58.00 5.97
N TRP C 471 22.02 57.13 5.01
CA TRP C 471 23.23 57.31 4.18
C TRP C 471 22.83 57.52 2.73
N THR C 472 23.38 58.58 2.13
CA THR C 472 22.91 59.05 0.82
C THR C 472 23.63 58.46 -0.39
N SER C 473 24.68 57.67 -0.17
CA SER C 473 25.36 56.95 -1.26
C SER C 473 26.18 55.76 -0.78
N LEU C 474 26.60 54.92 -1.72
CA LEU C 474 27.58 53.85 -1.44
C LEU C 474 28.90 54.44 -0.98
N GLU C 475 29.28 55.56 -1.59
CA GLU C 475 30.50 56.29 -1.26
C GLU C 475 30.58 56.45 0.25
N GLU C 476 29.54 57.07 0.82
CA GLU C 476 29.45 57.37 2.24
C GLU C 476 29.64 56.09 3.06
N VAL C 477 28.79 55.09 2.81
CA VAL C 477 28.86 53.82 3.54
C VAL C 477 30.32 53.38 3.71
N LYS C 478 31.07 53.37 2.61
CA LYS C 478 32.49 52.99 2.63
C LYS C 478 33.36 53.99 3.41
N ALA C 479 32.97 55.26 3.39
CA ALA C 479 33.70 56.27 4.15
C ALA C 479 33.45 56.12 5.63
N VAL C 480 32.20 55.81 5.99
CA VAL C 480 31.85 55.67 7.39
C VAL C 480 32.51 54.43 8.00
N SER C 481 32.54 53.35 7.22
CA SER C 481 33.07 52.07 7.65
C SER C 481 34.57 52.15 7.98
N ARG C 482 35.34 52.70 7.05
CA ARG C 482 36.78 52.85 7.16
C ARG C 482 37.15 53.72 8.38
N ARG C 483 36.31 54.72 8.64
CA ARG C 483 36.47 55.59 9.79
C ARG C 483 36.28 54.83 11.10
N GLU C 484 35.34 53.89 11.10
CA GLU C 484 34.83 53.29 12.34
C GLU C 484 35.27 51.84 12.56
N ASN C 485 34.78 50.94 11.69
CA ASN C 485 35.07 49.51 11.80
C ASN C 485 36.22 49.11 10.89
N SER C 486 37.42 49.14 11.46
CA SER C 486 38.67 49.02 10.68
C SER C 486 39.04 47.59 10.23
N TRP C 487 39.72 47.52 9.07
CA TRP C 487 40.17 46.28 8.43
C TRP C 487 41.49 45.81 9.00
N LYS C 488 41.46 44.71 9.76
CA LYS C 488 42.70 44.13 10.28
C LYS C 488 43.38 43.31 9.19
N THR C 489 43.58 43.94 8.03
CA THR C 489 44.07 43.31 6.79
C THR C 489 45.30 42.40 6.98
N VAL C 490 45.29 41.28 6.25
CA VAL C 490 46.27 40.20 6.36
C VAL C 490 46.89 39.89 4.98
N SER C 491 48.18 40.20 4.84
CA SER C 491 48.88 40.09 3.55
C SER C 491 49.51 38.71 3.30
N PRO C 492 49.59 38.30 2.02
CA PRO C 492 50.23 37.04 1.60
C PRO C 492 51.76 36.98 1.76
N SER C 493 52.23 36.25 2.77
CA SER C 493 53.63 35.88 2.88
C SER C 493 53.95 34.63 2.00
N GLY C 494 55.18 34.14 2.05
CA GLY C 494 55.55 32.92 1.32
C GLY C 494 55.73 33.13 -0.16
N SER C 495 56.49 32.23 -0.79
CA SER C 495 56.83 32.36 -2.21
C SER C 495 55.74 31.90 -3.18
N ALA C 496 56.09 31.91 -4.46
CA ALA C 496 55.22 31.44 -5.52
C ALA C 496 55.39 29.94 -5.69
N MET C 497 56.62 29.46 -5.50
CA MET C 497 56.93 28.02 -5.56
C MET C 497 56.29 27.29 -4.39
N GLU C 498 56.28 27.92 -3.22
CA GLU C 498 55.57 27.40 -2.03
C GLU C 498 54.05 27.34 -2.20
N ARG C 499 53.50 28.21 -3.05
CA ARG C 499 52.07 28.22 -3.38
C ARG C 499 51.69 27.05 -4.26
N GLU C 500 52.46 26.85 -5.34
CA GLU C 500 52.26 25.75 -6.28
C GLU C 500 52.82 24.42 -5.75
N ALA C 501 53.51 24.46 -4.61
CA ALA C 501 53.88 23.21 -3.94
C ALA C 501 52.65 22.65 -3.21
N MET C 502 52.00 23.50 -2.42
CA MET C 502 50.74 23.15 -1.75
C MET C 502 49.69 22.63 -2.72
N ILE C 503 49.54 23.31 -3.86
CA ILE C 503 48.49 22.99 -4.84
C ILE C 503 48.77 21.71 -5.63
N ALA C 504 49.98 21.56 -6.16
CA ALA C 504 50.35 20.34 -6.90
C ALA C 504 50.30 19.12 -5.99
N GLU C 505 50.44 19.36 -4.69
CA GLU C 505 50.31 18.35 -3.65
C GLU C 505 48.84 18.08 -3.26
N TRP C 506 48.02 19.14 -3.35
CA TRP C 506 46.54 19.09 -3.23
C TRP C 506 45.90 18.39 -4.42
N ARG C 507 46.29 18.77 -5.64
CA ARG C 507 45.78 18.14 -6.86
C ARG C 507 45.98 16.62 -6.83
N GLU C 508 47.15 16.18 -6.37
CA GLU C 508 47.44 14.75 -6.18
C GLU C 508 46.58 14.14 -5.09
N ALA C 509 46.66 14.70 -3.90
CA ALA C 509 45.96 14.14 -2.75
C ALA C 509 44.52 13.76 -3.06
N LEU C 510 43.85 14.58 -3.87
CA LEU C 510 42.41 14.41 -4.16
C LEU C 510 42.12 13.11 -4.90
N LYS C 511 42.99 12.79 -5.86
CA LYS C 511 42.97 11.54 -6.60
C LYS C 511 42.79 10.32 -5.69
N ARG C 512 43.46 10.37 -4.53
CA ARG C 512 43.41 9.32 -3.53
C ARG C 512 42.09 9.27 -2.74
N THR C 513 41.24 10.28 -2.89
CA THR C 513 40.04 10.39 -2.03
C THR C 513 38.80 9.62 -2.51
N LYS C 514 38.99 8.58 -3.30
CA LYS C 514 37.84 7.88 -3.84
C LYS C 514 37.49 6.59 -3.07
N TRP C 515 36.53 6.69 -2.17
CA TRP C 515 36.19 5.57 -1.33
C TRP C 515 34.77 5.02 -1.38
N ALA C 516 33.78 5.88 -1.54
CA ALA C 516 32.40 5.45 -1.42
C ALA C 516 31.91 4.51 -2.51
N LYS C 517 31.25 3.46 -2.03
CA LYS C 517 30.71 2.36 -2.80
C LYS C 517 31.71 1.70 -3.69
N PHE D 5 70.04 -34.66 41.68
CA PHE D 5 70.73 -33.71 42.62
C PHE D 5 71.45 -32.55 41.89
N THR D 6 72.51 -32.86 41.14
CA THR D 6 73.21 -31.86 40.32
C THR D 6 72.34 -31.37 39.16
N MET D 7 71.68 -30.23 39.36
CA MET D 7 70.88 -29.60 38.32
C MET D 7 71.72 -28.88 37.27
N LYS D 8 71.38 -29.11 36.02
CA LYS D 8 72.21 -28.73 34.87
C LYS D 8 71.77 -27.38 34.32
N TYR D 9 72.74 -26.48 34.13
CA TYR D 9 72.47 -25.12 33.66
C TYR D 9 73.01 -24.74 32.27
N VAL D 10 72.17 -24.07 31.50
CA VAL D 10 72.52 -23.57 30.17
C VAL D 10 72.38 -22.03 30.13
N GLY D 11 73.38 -21.37 29.55
CA GLY D 11 73.42 -19.92 29.48
C GLY D 11 73.12 -19.43 28.08
N SER D 12 72.30 -18.39 27.98
CA SER D 12 71.93 -17.82 26.70
C SER D 12 72.21 -16.33 26.64
N ILE D 13 73.00 -15.92 25.66
CA ILE D 13 73.27 -14.52 25.40
C ILE D 13 72.35 -14.03 24.30
N ASP D 14 71.52 -13.05 24.63
CA ASP D 14 70.58 -12.47 23.68
C ASP D 14 71.02 -11.06 23.32
N GLN D 15 71.51 -10.89 22.10
CA GLN D 15 72.09 -9.61 21.71
C GLN D 15 71.13 -8.87 20.77
N GLY D 16 70.15 -8.20 21.36
CA GLY D 16 69.14 -7.49 20.59
C GLY D 16 69.65 -6.16 20.09
N THR D 17 68.75 -5.45 19.40
CA THR D 17 69.03 -4.15 18.80
C THR D 17 69.26 -3.06 19.84
N THR D 18 68.54 -3.11 20.95
CA THR D 18 68.58 -2.02 21.91
C THR D 18 69.03 -2.44 23.29
N SER D 19 69.38 -3.72 23.44
CA SER D 19 69.79 -4.28 24.71
C SER D 19 70.38 -5.67 24.51
N THR D 20 71.22 -6.05 25.46
CA THR D 20 71.73 -7.40 25.57
C THR D 20 71.15 -8.01 26.85
N ARG D 21 71.00 -9.33 26.86
CA ARG D 21 70.73 -10.04 28.12
C ARG D 21 71.39 -11.41 28.22
N PHE D 22 71.53 -11.88 29.46
CA PHE D 22 71.93 -13.26 29.71
C PHE D 22 70.87 -13.97 30.52
N ILE D 23 70.28 -15.02 29.96
CA ILE D 23 69.30 -15.80 30.70
C ILE D 23 69.86 -17.20 30.99
N ILE D 24 69.66 -17.64 32.22
CA ILE D 24 70.01 -18.99 32.59
C ILE D 24 68.73 -19.82 32.70
N PHE D 25 68.65 -20.81 31.83
CA PHE D 25 67.59 -21.78 31.87
C PHE D 25 68.07 -23.01 32.64
N ASP D 26 67.22 -23.53 33.52
CA ASP D 26 67.47 -24.84 34.11
C ASP D 26 67.08 -25.93 33.10
N GLU D 27 67.30 -27.20 33.46
CA GLU D 27 67.03 -28.29 32.51
C GLU D 27 65.54 -28.53 32.26
N ARG D 28 64.71 -27.78 32.99
CA ARG D 28 63.26 -27.79 32.83
C ARG D 28 62.75 -26.65 31.95
N GLN D 29 63.67 -25.91 31.34
CA GLN D 29 63.35 -24.75 30.48
C GLN D 29 62.86 -23.49 31.21
N ARG D 30 63.04 -23.46 32.53
CA ARG D 30 62.69 -22.31 33.34
C ARG D 30 63.78 -21.23 33.19
N PRO D 31 63.38 -19.96 32.99
CA PRO D 31 64.39 -18.89 33.07
C PRO D 31 64.65 -18.56 34.53
N VAL D 32 65.67 -19.20 35.12
CA VAL D 32 65.93 -19.09 36.58
C VAL D 32 66.74 -17.87 37.06
N SER D 33 67.41 -17.15 36.15
CA SER D 33 68.04 -15.86 36.44
C SER D 33 68.31 -15.07 35.17
N VAL D 34 68.07 -13.77 35.20
CA VAL D 34 68.29 -12.90 34.04
C VAL D 34 68.77 -11.47 34.37
N HIS D 35 69.73 -10.97 33.58
CA HIS D 35 70.07 -9.55 33.63
C HIS D 35 70.07 -8.89 32.25
N GLN D 36 69.81 -7.57 32.24
CA GLN D 36 69.63 -6.82 30.99
C GLN D 36 70.40 -5.50 30.99
N VAL D 37 71.16 -5.26 29.92
CA VAL D 37 71.95 -4.04 29.77
C VAL D 37 71.86 -3.51 28.35
N PRO D 38 71.42 -2.24 28.19
CA PRO D 38 71.24 -1.57 26.89
C PRO D 38 72.49 -0.90 26.36
N HIS D 39 72.52 -0.63 25.06
CA HIS D 39 73.67 -0.03 24.43
C HIS D 39 73.30 1.24 23.68
N THR D 40 74.32 2.00 23.26
CA THR D 40 74.08 3.30 22.66
C THR D 40 73.70 3.22 21.19
N GLN D 41 72.54 3.82 20.88
CA GLN D 41 71.98 3.87 19.54
C GLN D 41 72.46 5.15 18.82
N HIS D 42 73.52 4.98 18.02
CA HIS D 42 74.17 6.09 17.31
C HIS D 42 73.53 6.38 15.94
N THR D 43 72.96 7.59 15.79
CA THR D 43 72.30 7.98 14.51
C THR D 43 72.82 9.28 13.87
N PRO D 44 74.08 9.27 13.35
CA PRO D 44 74.68 10.45 12.72
C PRO D 44 73.78 11.17 11.70
N HIS D 45 73.60 10.56 10.53
CA HIS D 45 72.85 11.14 9.43
C HIS D 45 71.52 10.40 9.29
N PRO D 46 70.39 11.14 9.23
CA PRO D 46 69.04 10.58 9.28
C PRO D 46 68.91 9.25 8.54
N GLY D 47 68.45 8.21 9.24
CA GLY D 47 68.34 6.85 8.67
C GLY D 47 69.59 5.99 8.77
N TRP D 48 70.57 6.44 9.55
CA TRP D 48 71.80 5.68 9.80
C TRP D 48 71.79 5.18 11.23
N LEU D 49 71.88 3.87 11.40
CA LEU D 49 72.06 3.33 12.75
C LEU D 49 73.37 2.56 12.81
N GLU D 50 74.09 2.74 13.91
CA GLU D 50 75.33 2.02 14.15
C GLU D 50 75.48 1.76 15.63
N HIS D 51 76.33 0.78 15.97
CA HIS D 51 76.51 0.36 17.36
C HIS D 51 77.96 0.35 17.79
N ASP D 52 78.17 0.38 19.10
CA ASP D 52 79.50 0.33 19.69
C ASP D 52 79.82 -1.14 20.04
N PRO D 53 80.71 -1.77 19.25
CA PRO D 53 80.99 -3.19 19.40
C PRO D 53 81.56 -3.55 20.78
N MET D 54 82.52 -2.77 21.24
CA MET D 54 83.07 -2.96 22.58
C MET D 54 82.02 -2.75 23.67
N GLU D 55 80.97 -2.00 23.35
CA GLU D 55 79.86 -1.84 24.28
C GLU D 55 79.03 -3.12 24.32
N ILE D 56 78.67 -3.61 23.13
CA ILE D 56 77.95 -4.86 22.94
C ILE D 56 78.61 -6.04 23.68
N PHE D 57 79.93 -6.13 23.57
CA PHE D 57 80.67 -7.17 24.28
C PHE D 57 80.71 -6.89 25.78
N ARG D 58 80.91 -5.62 26.18
CA ARG D 58 80.84 -5.24 27.59
C ARG D 58 79.48 -5.48 28.23
N SER D 59 78.41 -5.33 27.43
CA SER D 59 77.05 -5.55 27.93
C SER D 59 76.80 -7.01 28.27
N ALA D 60 77.17 -7.90 27.36
CA ALA D 60 76.98 -9.34 27.55
C ALA D 60 77.79 -9.86 28.73
N CYS D 61 79.02 -9.39 28.84
CA CYS D 61 79.91 -9.80 29.92
C CYS D 61 79.40 -9.31 31.27
N LYS D 62 78.86 -8.10 31.30
CA LYS D 62 78.19 -7.63 32.50
C LYS D 62 77.05 -8.58 32.85
N CYS D 63 76.19 -8.84 31.86
CA CYS D 63 75.03 -9.70 32.00
C CYS D 63 75.35 -11.07 32.60
N MET D 64 76.44 -11.68 32.13
CA MET D 64 76.86 -12.99 32.62
C MET D 64 77.33 -12.96 34.07
N SER D 65 78.02 -11.91 34.47
CA SER D 65 78.49 -11.79 35.84
C SER D 65 77.36 -11.61 36.85
N VAL D 66 76.41 -10.74 36.52
CA VAL D 66 75.30 -10.41 37.43
C VAL D 66 74.30 -11.56 37.49
N ALA D 67 73.95 -12.12 36.34
CA ALA D 67 73.04 -13.27 36.27
C ALA D 67 73.56 -14.48 37.04
N ILE D 68 74.87 -14.71 36.99
CA ILE D 68 75.53 -15.72 37.80
C ILE D 68 75.19 -15.60 39.29
N ALA D 69 75.61 -14.50 39.93
CA ALA D 69 75.36 -14.27 41.36
C ALA D 69 73.90 -14.42 41.78
N LYS D 70 72.98 -14.03 40.90
CA LYS D 70 71.55 -14.16 41.17
C LYS D 70 71.08 -15.62 41.09
N LEU D 71 71.91 -16.49 40.53
CA LEU D 71 71.64 -17.93 40.59
C LEU D 71 72.40 -18.54 41.77
N ARG D 72 73.67 -18.16 41.92
CA ARG D 72 74.53 -18.62 43.01
C ARG D 72 73.88 -18.43 44.39
N GLN D 73 73.00 -17.44 44.49
CA GLN D 73 72.39 -17.13 45.78
C GLN D 73 71.00 -17.75 45.98
N LYS D 74 70.26 -18.02 44.90
CA LYS D 74 69.01 -18.76 45.03
C LYS D 74 69.23 -20.27 44.87
N ASP D 75 70.44 -20.65 44.44
CA ASP D 75 70.92 -22.03 44.41
C ASP D 75 72.44 -22.08 44.67
N ALA D 76 72.81 -22.08 45.94
CA ALA D 76 74.19 -22.11 46.42
C ALA D 76 75.07 -23.25 45.89
N SER D 77 74.48 -24.25 45.24
CA SER D 77 75.23 -25.43 44.79
C SER D 77 75.66 -25.42 43.31
N PHE D 78 75.16 -24.44 42.55
CA PHE D 78 75.56 -24.25 41.16
C PHE D 78 77.08 -24.07 41.10
N ARG D 79 77.73 -24.65 40.10
CA ARG D 79 79.18 -24.48 39.92
C ARG D 79 79.59 -24.10 38.48
N LYS D 80 78.79 -24.54 37.51
CA LYS D 80 79.12 -24.36 36.10
C LYS D 80 77.85 -24.28 35.23
N ILE D 81 77.98 -23.58 34.12
CA ILE D 81 76.93 -23.56 33.11
C ILE D 81 77.36 -24.56 32.05
N GLU D 82 76.59 -25.63 31.92
CA GLU D 82 76.93 -26.73 31.01
C GLU D 82 77.35 -26.22 29.62
N ALA D 83 76.61 -25.24 29.10
CA ALA D 83 76.85 -24.70 27.76
C ALA D 83 76.30 -23.29 27.58
N ILE D 84 77.04 -22.46 26.84
CA ILE D 84 76.57 -21.13 26.50
C ILE D 84 76.16 -21.05 25.02
N GLY D 85 74.93 -20.56 24.80
CA GLY D 85 74.41 -20.33 23.45
C GLY D 85 74.24 -18.87 23.11
N ILE D 86 74.31 -18.55 21.81
CA ILE D 86 74.22 -17.16 21.34
C ILE D 86 73.03 -16.95 20.43
N THR D 87 72.21 -15.95 20.78
CA THR D 87 71.25 -15.43 19.82
C THR D 87 71.51 -13.94 19.61
N ASN D 88 71.37 -13.49 18.37
CA ASN D 88 71.76 -12.12 18.01
C ASN D 88 70.89 -11.51 16.94
N GLN D 89 70.73 -10.18 17.02
CA GLN D 89 70.25 -9.36 15.90
C GLN D 89 70.99 -9.73 14.62
N ARG D 90 70.26 -9.90 13.53
CA ARG D 90 70.87 -10.28 12.25
C ARG D 90 71.37 -9.06 11.47
N GLU D 91 71.94 -9.31 10.28
CA GLU D 91 72.46 -8.27 9.39
C GLU D 91 73.65 -7.51 9.96
N THR D 92 73.49 -6.92 11.14
CA THR D 92 74.50 -6.06 11.77
C THR D 92 75.92 -6.61 11.55
N THR D 93 76.82 -5.75 11.09
CA THR D 93 78.15 -6.21 10.68
C THR D 93 79.31 -5.45 11.34
N VAL D 94 80.30 -6.21 11.80
CA VAL D 94 81.47 -5.63 12.43
C VAL D 94 82.74 -5.87 11.60
N ALA D 95 83.64 -4.89 11.65
CA ALA D 95 84.98 -5.03 11.10
C ALA D 95 85.99 -4.76 12.22
N TRP D 96 86.93 -5.68 12.42
CA TRP D 96 87.96 -5.47 13.44
C TRP D 96 89.37 -5.90 13.03
N ASP D 97 90.28 -5.91 14.00
CA ASP D 97 91.70 -6.02 13.73
C ASP D 97 92.27 -7.27 14.39
N ARG D 98 92.73 -8.18 13.54
CA ARG D 98 93.25 -9.49 13.95
C ARG D 98 94.35 -9.38 15.01
N VAL D 99 95.17 -8.33 14.90
CA VAL D 99 96.35 -8.15 15.76
C VAL D 99 96.14 -7.19 16.95
N THR D 100 95.15 -6.30 16.85
CA THR D 100 94.83 -5.38 17.97
C THR D 100 93.51 -5.70 18.66
N LYS D 101 92.72 -6.61 18.09
CA LYS D 101 91.52 -7.15 18.75
C LYS D 101 90.47 -6.08 19.10
N GLU D 102 90.29 -5.09 18.21
CA GLU D 102 89.36 -4.00 18.47
C GLU D 102 88.78 -3.40 17.18
N PRO D 103 87.59 -2.76 17.26
CA PRO D 103 86.88 -2.30 16.07
C PRO D 103 87.58 -1.18 15.33
N LEU D 104 87.45 -1.18 14.02
CA LEU D 104 88.05 -0.19 13.13
C LEU D 104 87.02 0.90 12.81
N CYS D 105 85.86 0.77 13.44
CA CYS D 105 84.68 1.61 13.20
C CYS D 105 83.54 1.08 14.05
N TYR D 106 82.39 1.73 13.95
CA TYR D 106 81.17 1.27 14.59
C TYR D 106 80.36 0.41 13.62
N ALA D 107 79.58 -0.51 14.18
CA ALA D 107 78.85 -1.50 13.40
C ALA D 107 77.58 -0.92 12.79
N PRO D 108 77.47 -0.93 11.44
CA PRO D 108 76.18 -0.67 10.83
C PRO D 108 75.19 -1.70 11.33
N VAL D 109 73.95 -1.27 11.51
CA VAL D 109 72.91 -2.09 12.12
C VAL D 109 71.90 -2.45 11.03
N TRP D 110 71.15 -3.54 11.24
CA TRP D 110 70.37 -4.10 10.14
C TRP D 110 69.68 -3.06 9.27
N ASN D 111 68.75 -2.32 9.86
CA ASN D 111 67.91 -1.37 9.12
C ASN D 111 68.57 -0.01 8.89
N ASP D 112 69.89 0.02 8.78
CA ASP D 112 70.66 1.23 8.47
C ASP D 112 70.69 1.38 6.96
N LEU D 113 70.50 2.62 6.49
CA LEU D 113 70.23 2.87 5.08
C LEU D 113 71.42 3.39 4.27
N ARG D 114 72.56 3.63 4.92
CA ARG D 114 73.71 4.24 4.21
C ARG D 114 74.05 3.47 2.94
N THR D 115 73.65 2.20 2.93
CA THR D 115 73.88 1.28 1.81
C THR D 115 72.80 1.39 0.72
N TYR D 116 72.04 2.50 0.73
CA TYR D 116 70.97 2.80 -0.24
C TYR D 116 71.47 2.92 -1.68
N ASP D 117 72.55 3.67 -1.90
CA ASP D 117 73.15 3.82 -3.24
C ASP D 117 73.65 2.48 -3.75
N ILE D 118 74.53 1.84 -2.97
CA ILE D 118 75.08 0.54 -3.34
C ILE D 118 74.02 -0.59 -3.20
N THR D 119 72.75 -0.19 -3.15
CA THR D 119 71.61 -1.09 -3.24
C THR D 119 70.92 -0.84 -4.58
N LYS D 120 71.17 0.35 -5.12
CA LYS D 120 70.63 0.74 -6.40
C LYS D 120 71.64 0.48 -7.50
N LYS D 121 72.92 0.59 -7.14
CA LYS D 121 74.02 0.25 -8.03
C LYS D 121 74.08 -1.27 -8.25
N VAL D 122 73.83 -2.03 -7.19
CA VAL D 122 73.86 -3.50 -7.22
C VAL D 122 72.75 -4.15 -8.08
N THR D 123 71.54 -3.61 -8.05
CA THR D 123 70.45 -4.11 -8.91
C THR D 123 70.58 -3.65 -10.36
N ALA D 124 71.71 -3.01 -10.70
CA ALA D 124 72.02 -2.57 -12.06
C ALA D 124 73.20 -3.33 -12.64
N GLU D 125 74.40 -2.93 -12.20
CA GLU D 125 75.69 -3.54 -12.59
C GLU D 125 75.72 -5.08 -12.60
N LEU D 126 75.05 -5.69 -11.63
CA LEU D 126 74.91 -7.15 -11.55
C LEU D 126 73.44 -7.53 -11.66
N GLY D 127 72.57 -6.63 -11.22
CA GLY D 127 71.14 -6.92 -11.13
C GLY D 127 70.43 -6.80 -12.45
N GLY D 128 70.55 -5.63 -13.07
CA GLY D 128 69.91 -5.34 -14.35
C GLY D 128 68.41 -5.41 -14.21
N GLY D 129 67.86 -4.48 -13.43
CA GLY D 129 66.44 -4.48 -13.12
C GLY D 129 66.12 -5.28 -11.88
N ASP D 130 65.75 -6.55 -12.05
CA ASP D 130 65.21 -7.41 -10.99
C ASP D 130 66.04 -7.39 -9.70
N SER D 131 65.49 -6.74 -8.68
CA SER D 131 66.11 -6.72 -7.36
C SER D 131 66.19 -8.13 -6.78
N MET D 132 65.47 -9.07 -7.41
CA MET D 132 65.46 -10.49 -7.03
C MET D 132 66.48 -11.34 -7.79
N PHE D 133 67.42 -10.71 -8.50
CA PHE D 133 68.34 -11.43 -9.41
C PHE D 133 69.17 -12.54 -8.76
N ALA D 134 69.26 -12.52 -7.43
CA ALA D 134 70.08 -13.49 -6.71
C ALA D 134 69.24 -14.42 -5.84
N SER D 135 67.92 -14.36 -6.02
CA SER D 135 66.96 -15.01 -5.11
C SER D 135 67.08 -16.53 -5.08
N LYS D 136 67.09 -17.16 -6.24
CA LYS D 136 67.28 -18.62 -6.37
C LYS D 136 68.61 -19.12 -5.81
N ILE D 137 69.35 -18.24 -5.13
CA ILE D 137 70.66 -18.54 -4.57
C ILE D 137 70.68 -18.25 -3.06
N THR D 138 70.23 -17.05 -2.67
CA THR D 138 70.35 -16.59 -1.28
C THR D 138 69.04 -16.68 -0.51
N GLY D 139 67.93 -16.77 -1.24
CA GLY D 139 66.59 -16.72 -0.68
C GLY D 139 66.08 -15.30 -0.48
N LEU D 140 66.92 -14.32 -0.79
CA LEU D 140 66.67 -12.91 -0.47
C LEU D 140 66.66 -12.00 -1.70
N PRO D 141 65.89 -10.89 -1.64
CA PRO D 141 66.01 -9.82 -2.62
C PRO D 141 67.18 -8.92 -2.23
N VAL D 142 67.55 -7.99 -3.09
CA VAL D 142 68.53 -6.95 -2.73
C VAL D 142 67.82 -5.83 -1.96
N SER D 143 68.27 -5.60 -0.73
CA SER D 143 67.87 -4.43 0.06
C SER D 143 68.96 -4.00 1.05
N THR D 144 68.78 -2.82 1.66
CA THR D 144 69.76 -2.21 2.54
C THR D 144 70.18 -3.11 3.69
N TYR D 145 69.32 -4.08 3.99
CA TYR D 145 69.49 -4.91 5.17
C TYR D 145 70.71 -5.82 5.15
N PHE D 146 70.84 -6.64 4.12
CA PHE D 146 71.77 -7.78 4.22
C PHE D 146 73.24 -7.41 4.31
N ALA D 147 74.02 -8.28 4.93
CA ALA D 147 75.37 -7.94 5.37
C ALA D 147 76.41 -7.69 4.28
N ALA D 148 76.20 -8.30 3.10
CA ALA D 148 77.15 -8.14 1.99
C ALA D 148 77.44 -6.67 1.74
N PHE D 149 76.37 -5.87 1.70
CA PHE D 149 76.44 -4.47 1.35
C PHE D 149 76.99 -3.58 2.46
N LYS D 150 76.91 -4.05 3.71
CA LYS D 150 77.44 -3.28 4.84
C LYS D 150 78.97 -3.27 4.78
N MET D 151 79.55 -4.44 4.49
CA MET D 151 81.00 -4.55 4.28
C MET D 151 81.35 -3.85 2.98
N ARG D 152 80.47 -3.99 1.99
CA ARG D 152 80.61 -3.32 0.70
C ARG D 152 80.73 -1.81 0.88
N TRP D 153 79.81 -1.23 1.65
CA TRP D 153 79.90 0.19 2.01
C TRP D 153 81.09 0.49 2.92
N MET D 154 81.35 -0.41 3.88
CA MET D 154 82.44 -0.16 4.84
C MET D 154 83.80 -0.08 4.15
N LEU D 155 84.16 -1.13 3.40
CA LEU D 155 85.39 -1.16 2.59
C LEU D 155 85.56 0.13 1.77
N GLU D 156 84.47 0.58 1.16
CA GLU D 156 84.47 1.76 0.29
C GLU D 156 84.44 3.12 1.00
N ASN D 157 84.26 3.13 2.33
CA ASN D 157 84.10 4.42 3.02
C ASN D 157 84.88 4.59 4.32
N VAL D 158 85.47 3.50 4.82
CA VAL D 158 86.13 3.55 6.12
C VAL D 158 87.60 3.14 6.00
N PRO D 159 88.51 4.14 5.97
CA PRO D 159 89.95 3.96 5.68
C PRO D 159 90.57 2.90 6.58
N ALA D 160 90.23 2.95 7.87
CA ALA D 160 90.68 1.97 8.85
C ALA D 160 90.39 0.52 8.43
N VAL D 161 89.36 0.34 7.63
CA VAL D 161 88.95 -0.99 7.14
C VAL D 161 89.56 -1.22 5.75
N ALA D 162 89.75 -0.14 5.01
CA ALA D 162 90.47 -0.20 3.75
C ALA D 162 91.90 -0.65 4.01
N ASP D 163 92.50 -0.15 5.08
CA ASP D 163 93.86 -0.50 5.47
C ASP D 163 94.02 -1.88 6.10
N ALA D 164 93.01 -2.33 6.84
CA ALA D 164 93.05 -3.65 7.48
C ALA D 164 93.07 -4.76 6.43
N CYS D 165 92.41 -4.51 5.31
CA CYS D 165 92.39 -5.41 4.16
C CYS D 165 93.58 -5.13 3.24
N ARG D 166 94.29 -4.05 3.53
CA ARG D 166 95.51 -3.68 2.81
C ARG D 166 96.69 -4.39 3.44
N ARG D 167 96.45 -4.94 4.64
CA ARG D 167 97.48 -5.50 5.50
C ARG D 167 97.24 -6.98 5.79
N GLY D 168 95.97 -7.38 5.83
CA GLY D 168 95.60 -8.73 6.21
C GLY D 168 95.30 -8.90 7.69
N THR D 169 94.64 -7.90 8.28
CA THR D 169 94.20 -7.94 9.68
C THR D 169 92.67 -7.82 9.82
N LEU D 170 91.97 -7.80 8.68
CA LEU D 170 90.53 -7.57 8.65
C LEU D 170 89.75 -8.81 9.08
N CYS D 171 88.55 -8.58 9.60
CA CYS D 171 87.60 -9.64 9.92
C CYS D 171 86.18 -9.10 9.76
N PHE D 172 85.36 -9.80 8.98
CA PHE D 172 83.96 -9.42 8.84
C PHE D 172 83.06 -10.39 9.59
N GLY D 173 82.25 -9.87 10.49
CA GLY D 173 81.33 -10.70 11.25
C GLY D 173 79.99 -10.06 11.53
N THR D 174 78.98 -10.92 11.64
CA THR D 174 77.73 -10.58 12.29
C THR D 174 77.94 -10.69 13.81
N ILE D 175 76.96 -10.25 14.61
CA ILE D 175 77.14 -10.13 16.06
C ILE D 175 77.41 -11.46 16.79
N ASP D 176 76.98 -12.58 16.19
CA ASP D 176 77.33 -13.92 16.69
C ASP D 176 78.84 -14.15 16.65
N THR D 177 79.47 -13.67 15.57
CA THR D 177 80.89 -13.81 15.34
C THR D 177 81.64 -12.90 16.30
N TRP D 178 81.29 -11.61 16.28
CA TRP D 178 81.89 -10.65 17.18
C TRP D 178 81.77 -11.11 18.64
N LEU D 179 80.62 -11.72 18.96
CA LEU D 179 80.37 -12.25 20.29
C LEU D 179 81.17 -13.51 20.58
N MET D 180 81.31 -14.36 19.58
CA MET D 180 82.06 -15.62 19.77
C MET D 180 83.59 -15.45 19.68
N TYR D 181 84.05 -14.61 18.76
CA TYR D 181 85.48 -14.29 18.68
C TYR D 181 85.98 -13.69 19.99
N LYS D 182 85.41 -12.56 20.38
CA LYS D 182 85.81 -11.88 21.61
C LYS D 182 85.68 -12.81 22.82
N LEU D 183 84.44 -13.18 23.13
CA LEU D 183 84.11 -14.07 24.24
C LEU D 183 85.14 -15.18 24.47
N SER D 184 85.69 -15.67 23.35
CA SER D 184 86.62 -16.80 23.35
C SER D 184 88.08 -16.35 23.30
N GLY D 185 88.39 -15.26 24.01
CA GLY D 185 89.76 -14.69 24.08
C GLY D 185 90.17 -14.02 22.78
N GLY D 186 90.25 -14.82 21.72
CA GLY D 186 90.52 -14.35 20.37
C GLY D 186 90.70 -15.58 19.50
N LYS D 187 90.40 -16.73 20.08
CA LYS D 187 90.75 -18.03 19.50
C LYS D 187 89.62 -18.74 18.75
N ALA D 188 88.64 -17.98 18.27
CA ALA D 188 87.57 -18.51 17.43
C ALA D 188 87.13 -17.47 16.42
N PHE D 189 86.79 -17.91 15.22
CA PHE D 189 86.34 -17.00 14.17
C PHE D 189 85.33 -17.70 13.28
N VAL D 190 84.12 -17.85 13.82
CA VAL D 190 83.06 -18.60 13.14
C VAL D 190 81.70 -17.96 13.25
N THR D 191 80.75 -18.55 12.53
CA THR D 191 79.36 -18.12 12.54
C THR D 191 78.50 -19.34 12.25
N ASP D 192 77.19 -19.23 12.51
CA ASP D 192 76.26 -20.34 12.29
C ASP D 192 75.71 -20.31 10.85
N VAL D 193 74.59 -21.01 10.61
CA VAL D 193 73.99 -21.11 9.27
C VAL D 193 72.83 -20.16 9.03
N THR D 194 72.15 -19.75 10.09
CA THR D 194 71.03 -18.83 9.98
C THR D 194 71.54 -17.41 9.81
N ASN D 195 72.57 -17.07 10.58
CA ASN D 195 73.21 -15.77 10.50
C ASN D 195 74.01 -15.60 9.22
N ALA D 196 74.28 -16.73 8.55
CA ALA D 196 74.95 -16.75 7.25
C ALA D 196 73.98 -16.42 6.13
N SER D 197 72.78 -17.00 6.19
CA SER D 197 71.75 -16.81 5.15
C SER D 197 71.22 -15.37 5.01
N ARG D 198 71.81 -14.45 5.77
CA ARG D 198 71.41 -13.04 5.80
C ARG D 198 72.56 -12.11 5.40
N THR D 199 73.65 -12.71 4.94
CA THR D 199 74.82 -11.95 4.51
C THR D 199 74.88 -11.73 3.00
N PHE D 200 73.89 -12.23 2.27
CA PHE D 200 73.87 -12.16 0.80
C PHE D 200 75.17 -12.72 0.20
N LEU D 201 75.80 -13.64 0.93
CA LEU D 201 76.98 -14.34 0.44
C LEU D 201 76.76 -15.84 0.33
N MET D 202 76.14 -16.40 1.36
CA MET D 202 75.82 -17.82 1.41
C MET D 202 74.85 -18.18 0.30
N ASP D 203 74.92 -19.45 -0.13
CA ASP D 203 73.87 -20.07 -0.94
C ASP D 203 72.94 -20.81 0.01
N LEU D 204 71.66 -20.50 -0.08
CA LEU D 204 70.63 -21.06 0.80
C LEU D 204 70.68 -22.58 0.84
N ARG D 205 70.64 -23.21 -0.33
CA ARG D 205 70.53 -24.66 -0.47
C ARG D 205 71.79 -25.43 -0.06
N THR D 206 72.95 -24.92 -0.45
CA THR D 206 74.22 -25.58 -0.16
C THR D 206 74.81 -25.13 1.18
N ARG D 207 74.17 -24.14 1.81
CA ARG D 207 74.65 -23.53 3.05
C ARG D 207 76.17 -23.37 3.05
N LYS D 208 76.69 -22.81 1.96
CA LYS D 208 78.13 -22.68 1.71
C LYS D 208 78.45 -21.32 1.13
N TRP D 209 79.62 -20.80 1.51
CA TRP D 209 80.14 -19.56 0.95
C TRP D 209 80.49 -19.74 -0.53
N SER D 210 79.73 -19.06 -1.39
CA SER D 210 79.96 -19.14 -2.84
C SER D 210 80.93 -18.05 -3.27
N PRO D 211 82.21 -18.42 -3.51
CA PRO D 211 83.27 -17.46 -3.86
C PRO D 211 82.89 -16.53 -5.01
N GLU D 212 81.84 -16.90 -5.75
CA GLU D 212 81.29 -16.08 -6.82
C GLU D 212 80.85 -14.72 -6.29
N LEU D 213 79.93 -14.75 -5.33
CA LEU D 213 79.27 -13.53 -4.88
C LEU D 213 80.21 -12.61 -4.10
N CYS D 214 81.20 -13.20 -3.42
CA CYS D 214 82.26 -12.43 -2.74
C CYS D 214 83.01 -11.54 -3.74
N GLU D 215 83.67 -12.18 -4.70
CA GLU D 215 84.44 -11.50 -5.75
C GLU D 215 83.58 -10.59 -6.62
N LYS D 216 82.36 -11.03 -6.94
CA LYS D 216 81.45 -10.24 -7.78
C LYS D 216 80.63 -9.23 -6.99
N LEU D 217 80.80 -9.20 -5.67
CA LEU D 217 80.39 -8.07 -4.83
C LEU D 217 81.66 -7.45 -4.20
N LYS D 218 82.81 -7.85 -4.75
CA LYS D 218 84.15 -7.38 -4.35
C LYS D 218 84.51 -7.47 -2.85
N ILE D 219 84.27 -8.62 -2.22
CA ILE D 219 84.67 -8.83 -0.82
C ILE D 219 85.56 -10.05 -0.64
N PRO D 220 86.86 -9.84 -0.33
CA PRO D 220 87.82 -10.90 -0.01
C PRO D 220 87.22 -12.01 0.86
N MET D 221 87.42 -13.26 0.46
CA MET D 221 86.90 -14.41 1.19
C MET D 221 87.57 -14.71 2.53
N GLU D 222 88.83 -14.29 2.66
CA GLU D 222 89.58 -14.55 3.90
C GLU D 222 89.31 -13.50 4.97
N THR D 223 88.28 -12.68 4.75
CA THR D 223 87.79 -11.76 5.77
C THR D 223 86.46 -12.28 6.33
N LEU D 224 85.95 -13.34 5.70
CA LEU D 224 84.79 -14.07 6.19
C LEU D 224 85.18 -15.04 7.31
N PRO D 225 84.19 -15.52 8.07
CA PRO D 225 84.45 -16.61 9.01
C PRO D 225 84.02 -17.99 8.46
N GLU D 226 84.12 -19.02 9.29
CA GLU D 226 83.78 -20.38 8.90
C GLU D 226 82.40 -20.77 9.42
N ILE D 227 81.52 -21.26 8.53
CA ILE D 227 80.18 -21.72 8.92
C ILE D 227 80.22 -23.00 9.77
N ARG D 228 79.15 -23.21 10.54
CA ARG D 228 78.83 -24.46 11.22
C ARG D 228 77.30 -24.41 11.39
N SER D 229 76.69 -25.45 11.95
CA SER D 229 75.23 -25.44 12.19
C SER D 229 74.77 -24.46 13.28
N ASN D 230 73.63 -24.72 13.88
CA ASN D 230 73.14 -23.91 15.01
C ASN D 230 73.40 -24.53 16.38
N SER D 231 74.11 -25.66 16.41
CA SER D 231 74.32 -26.43 17.65
C SER D 231 75.43 -27.46 17.50
N GLU D 232 76.60 -27.17 18.04
CA GLU D 232 77.71 -28.13 18.05
C GLU D 232 78.88 -27.78 18.98
N LEU D 233 79.44 -26.59 18.81
CA LEU D 233 80.67 -26.15 19.47
C LEU D 233 81.31 -25.16 18.53
N PHE D 234 81.59 -23.97 19.04
CA PHE D 234 82.19 -22.92 18.23
C PHE D 234 83.49 -22.49 18.89
N GLY D 235 83.67 -22.94 20.13
CA GLY D 235 84.79 -22.53 20.97
C GLY D 235 84.40 -22.45 22.44
N TYR D 236 85.22 -21.78 23.23
CA TYR D 236 85.01 -21.73 24.67
C TYR D 236 85.00 -20.28 25.13
N VAL D 237 84.69 -20.04 26.39
CA VAL D 237 84.75 -18.69 26.94
C VAL D 237 86.05 -18.53 27.71
N GLU D 238 86.86 -17.54 27.34
CA GLU D 238 88.17 -17.34 27.98
C GLU D 238 88.36 -16.05 28.78
N THR D 239 87.90 -14.93 28.22
CA THR D 239 88.20 -13.59 28.74
C THR D 239 87.76 -13.37 30.18
N ASP D 240 88.09 -12.20 30.72
CA ASP D 240 87.60 -11.81 32.03
C ASP D 240 87.24 -10.31 32.10
N GLU D 241 86.57 -9.83 31.04
CA GLU D 241 85.80 -8.60 31.12
C GLU D 241 84.70 -8.82 32.15
N CYS D 242 84.50 -7.84 33.04
CA CYS D 242 83.56 -7.93 34.17
C CYS D 242 83.78 -9.17 35.03
N GLY D 243 85.01 -9.72 34.98
CA GLY D 243 85.41 -10.89 35.77
C GLY D 243 84.67 -12.17 35.46
N VAL D 244 84.35 -12.37 34.18
CA VAL D 244 83.45 -13.46 33.72
C VAL D 244 83.95 -14.89 33.92
N ALA D 245 85.09 -15.24 33.32
CA ALA D 245 85.64 -16.60 33.40
C ALA D 245 85.67 -17.14 34.82
N ALA D 246 86.06 -16.28 35.77
CA ALA D 246 86.07 -16.61 37.19
C ALA D 246 84.69 -17.03 37.68
N ALA D 247 83.70 -16.18 37.43
CA ALA D 247 82.34 -16.42 37.90
C ALA D 247 81.72 -17.66 37.26
N LEU D 248 82.21 -18.02 36.07
CA LEU D 248 81.82 -19.26 35.38
C LEU D 248 82.43 -20.49 36.06
N ASN D 249 83.60 -20.29 36.69
CA ASN D 249 84.23 -21.29 37.57
C ASN D 249 84.70 -22.56 36.83
N GLU D 250 84.99 -22.41 35.54
CA GLU D 250 85.30 -23.54 34.65
C GLU D 250 85.32 -23.05 33.20
N ARG D 251 86.34 -23.45 32.46
CA ARG D 251 86.38 -23.18 31.03
C ARG D 251 85.11 -23.72 30.36
N THR D 252 84.19 -22.81 30.08
CA THR D 252 82.85 -23.17 29.63
C THR D 252 82.73 -23.03 28.12
N PRO D 253 82.08 -24.01 27.46
CA PRO D 253 81.95 -23.97 26.01
C PRO D 253 80.81 -23.10 25.47
N ILE D 254 81.11 -22.33 24.42
CA ILE D 254 80.09 -21.78 23.52
C ILE D 254 79.67 -22.91 22.57
N MET D 255 78.41 -23.31 22.63
CA MET D 255 77.94 -24.46 21.85
C MET D 255 76.59 -24.26 21.16
N GLY D 256 76.09 -23.03 21.17
CA GLY D 256 74.89 -22.67 20.44
C GLY D 256 75.04 -21.32 19.77
N SER D 257 74.44 -21.18 18.58
CA SER D 257 74.40 -19.91 17.86
C SER D 257 73.24 -19.91 16.86
N ILE D 258 72.33 -18.95 17.00
CA ILE D 258 71.16 -18.85 16.11
C ILE D 258 70.68 -17.39 15.98
N GLY D 259 70.41 -16.95 14.76
CA GLY D 259 69.89 -15.60 14.51
C GLY D 259 68.57 -15.32 15.22
N ASP D 260 68.47 -14.15 15.85
CA ASP D 260 67.34 -13.79 16.73
C ASP D 260 65.92 -14.16 16.26
N GLN D 261 65.73 -14.34 14.97
CA GLN D 261 64.40 -14.70 14.49
C GLN D 261 64.22 -16.22 14.40
N GLN D 262 65.18 -16.92 13.79
CA GLN D 262 65.14 -18.38 13.82
C GLN D 262 65.13 -18.92 15.26
N SER D 263 65.84 -18.22 16.16
CA SER D 263 65.90 -18.55 17.57
C SER D 263 64.51 -18.63 18.17
N ALA D 264 63.63 -17.74 17.73
CA ALA D 264 62.27 -17.65 18.24
C ALA D 264 61.50 -18.83 17.72
N LEU D 265 61.64 -19.05 16.41
CA LEU D 265 61.13 -20.24 15.74
C LEU D 265 61.51 -21.46 16.58
N PHE D 266 62.80 -21.58 16.87
CA PHE D 266 63.36 -22.70 17.63
C PHE D 266 62.82 -22.81 19.05
N GLY D 267 62.72 -21.68 19.74
CA GLY D 267 62.28 -21.65 21.14
C GLY D 267 60.77 -21.78 21.36
N ASN D 268 59.99 -21.65 20.31
CA ASN D 268 58.55 -21.92 20.40
C ASN D 268 58.19 -23.28 19.77
N MET D 269 59.22 -24.11 19.56
CA MET D 269 59.06 -25.52 19.18
C MET D 269 58.63 -25.77 17.72
N CYS D 270 58.84 -24.78 16.85
CA CYS D 270 58.38 -24.87 15.45
C CYS D 270 59.31 -25.70 14.54
N PHE D 271 59.31 -27.02 14.77
CA PHE D 271 60.16 -27.93 14.01
C PHE D 271 59.50 -28.45 12.75
N GLU D 272 58.18 -28.61 12.79
CA GLU D 272 57.48 -29.22 11.67
C GLU D 272 57.36 -28.19 10.57
N LYS D 273 57.32 -28.66 9.32
CA LYS D 273 56.99 -27.78 8.21
C LYS D 273 55.55 -27.31 8.35
N GLY D 274 55.34 -26.00 8.35
CA GLY D 274 54.01 -25.41 8.53
C GLY D 274 53.82 -24.78 9.90
N GLU D 275 54.76 -25.07 10.81
CA GLU D 275 54.80 -24.44 12.13
C GLU D 275 55.47 -23.07 12.00
N ALA D 276 54.78 -22.03 12.47
CA ALA D 276 55.22 -20.65 12.27
C ALA D 276 55.26 -19.84 13.58
N LYS D 277 55.77 -18.61 13.49
CA LYS D 277 55.86 -17.72 14.64
C LYS D 277 56.03 -16.27 14.19
N ASN D 278 55.27 -15.37 14.83
CA ASN D 278 55.41 -13.92 14.66
C ASN D 278 55.97 -13.29 15.95
N THR D 279 57.01 -12.47 15.81
CA THR D 279 57.63 -11.85 16.98
C THR D 279 57.59 -10.32 16.90
N TYR D 280 57.04 -9.69 17.94
CA TYR D 280 57.03 -8.22 18.08
C TYR D 280 58.37 -7.75 18.64
N GLY D 281 59.32 -7.42 17.78
CA GLY D 281 60.62 -6.92 18.24
C GLY D 281 60.73 -5.42 18.09
N THR D 282 61.96 -4.92 17.89
CA THR D 282 62.20 -3.52 17.52
C THR D 282 61.66 -3.38 16.10
N GLY D 283 61.92 -4.42 15.32
CA GLY D 283 61.18 -4.71 14.09
C GLY D 283 60.36 -5.97 14.31
N CYS D 284 59.19 -6.05 13.68
CA CYS D 284 58.33 -7.22 13.80
C CYS D 284 58.51 -8.20 12.65
N PHE D 285 58.49 -9.50 12.97
CA PHE D 285 58.82 -10.58 12.00
C PHE D 285 58.01 -11.88 12.18
N LEU D 286 57.57 -12.46 11.06
CA LEU D 286 56.93 -13.77 11.08
C LEU D 286 57.77 -14.75 10.27
N LEU D 287 58.13 -15.88 10.87
CA LEU D 287 58.85 -16.96 10.15
C LEU D 287 58.04 -18.27 10.01
N MET D 288 58.41 -19.09 9.04
CA MET D 288 57.79 -20.39 8.84
C MET D 288 58.78 -21.45 8.39
N ASN D 289 58.95 -22.47 9.24
CA ASN D 289 59.66 -23.71 8.89
C ASN D 289 59.04 -24.34 7.65
N VAL D 290 59.87 -24.76 6.70
CA VAL D 290 59.36 -25.39 5.47
C VAL D 290 59.94 -26.78 5.14
N GLY D 291 60.72 -27.35 6.05
CA GLY D 291 61.29 -28.69 5.88
C GLY D 291 62.78 -28.73 5.58
N GLU D 292 63.22 -29.68 4.75
CA GLU D 292 64.63 -29.83 4.40
C GLU D 292 64.99 -29.31 3.02
N GLU D 293 63.99 -29.07 2.19
CA GLU D 293 64.21 -28.52 0.85
C GLU D 293 64.12 -27.01 0.93
N ALA D 294 65.13 -26.34 0.37
CA ALA D 294 65.19 -24.88 0.39
C ALA D 294 64.13 -24.28 -0.54
N ARG D 295 63.29 -23.41 0.04
CA ARG D 295 62.22 -22.73 -0.69
C ARG D 295 62.69 -21.44 -1.35
N PHE D 296 61.89 -20.94 -2.29
CA PHE D 296 62.12 -19.61 -2.88
C PHE D 296 60.78 -18.90 -3.07
N SER D 297 60.82 -17.61 -3.40
CA SER D 297 59.58 -16.83 -3.42
C SER D 297 59.29 -16.04 -4.70
N LYS D 298 58.00 -15.74 -4.87
CA LYS D 298 57.49 -14.86 -5.92
C LYS D 298 56.83 -13.65 -5.26
N HIS D 299 56.18 -13.90 -4.12
CA HIS D 299 55.43 -12.90 -3.35
C HIS D 299 56.32 -11.86 -2.67
N GLY D 300 57.64 -12.07 -2.72
CA GLY D 300 58.56 -11.11 -2.17
C GLY D 300 59.05 -11.50 -0.79
N LEU D 301 58.37 -12.47 -0.17
CA LEU D 301 58.77 -13.01 1.14
C LEU D 301 60.20 -13.55 1.11
N LEU D 302 60.79 -13.63 2.29
CA LEU D 302 62.15 -14.10 2.44
C LEU D 302 62.14 -15.60 2.62
N SER D 303 63.15 -16.26 2.06
CA SER D 303 63.39 -17.67 2.32
C SER D 303 64.76 -17.85 2.96
N THR D 304 64.78 -18.43 4.16
CA THR D 304 65.99 -18.48 4.99
C THR D 304 66.25 -19.87 5.58
N VAL D 305 67.44 -20.04 6.17
CA VAL D 305 67.78 -21.27 6.89
C VAL D 305 67.09 -21.25 8.25
N GLY D 306 66.20 -22.22 8.47
CA GLY D 306 65.45 -22.31 9.71
C GLY D 306 66.37 -22.70 10.85
N PHE D 307 66.73 -23.98 10.89
CA PHE D 307 67.77 -24.45 11.82
C PHE D 307 68.47 -25.72 11.33
N GLN D 308 69.71 -25.90 11.78
CA GLN D 308 70.45 -27.15 11.61
C GLN D 308 71.10 -27.50 12.95
N VAL D 309 71.09 -28.79 13.30
CA VAL D 309 71.64 -29.27 14.57
C VAL D 309 72.79 -30.25 14.35
N GLY D 310 74.03 -29.74 14.40
CA GLY D 310 75.24 -30.57 14.29
C GLY D 310 75.98 -30.50 12.96
N ARG D 311 77.24 -30.95 12.97
CA ARG D 311 78.09 -30.97 11.78
C ARG D 311 77.37 -31.47 10.52
N ASP D 312 76.61 -32.55 10.65
CA ASP D 312 75.95 -33.17 9.51
C ASP D 312 74.42 -33.19 9.64
N GLY D 313 73.89 -32.53 10.67
CA GLY D 313 72.45 -32.51 10.93
C GLY D 313 71.66 -31.99 9.74
N PRO D 314 70.34 -32.31 9.69
CA PRO D 314 69.57 -31.80 8.56
C PRO D 314 69.43 -30.27 8.63
N CYS D 315 69.57 -29.60 7.49
CA CYS D 315 69.36 -28.17 7.44
C CYS D 315 67.88 -27.91 7.23
N TYR D 316 67.29 -27.06 8.06
CA TYR D 316 65.92 -26.63 7.85
C TYR D 316 65.84 -25.25 7.18
N TYR D 317 64.66 -24.95 6.64
CA TYR D 317 64.47 -23.78 5.81
C TYR D 317 63.18 -23.07 6.18
N ALA D 318 63.18 -21.75 6.02
CA ALA D 318 62.07 -20.94 6.51
C ALA D 318 61.57 -19.90 5.52
N LEU D 319 60.35 -19.41 5.76
CA LEU D 319 59.81 -18.26 5.03
C LEU D 319 59.56 -17.10 6.00
N GLU D 320 59.92 -15.87 5.59
CA GLU D 320 59.83 -14.70 6.49
C GLU D 320 59.36 -13.36 5.87
N GLY D 321 58.39 -12.74 6.52
CA GLY D 321 57.97 -11.39 6.19
C GLY D 321 58.00 -10.49 7.40
N ALA D 322 58.03 -9.18 7.17
CA ALA D 322 58.07 -8.17 8.22
C ALA D 322 56.84 -7.26 8.21
N ILE D 323 56.19 -7.06 9.35
CA ILE D 323 55.04 -6.15 9.42
C ILE D 323 55.46 -4.71 9.75
N ALA D 324 55.22 -3.82 8.78
CA ALA D 324 55.59 -2.40 8.81
C ALA D 324 55.79 -1.71 10.18
N CYS D 325 54.86 -1.92 11.12
CA CYS D 325 54.87 -1.23 12.40
C CYS D 325 54.08 -1.97 13.49
N ALA D 326 54.04 -3.30 13.41
CA ALA D 326 53.15 -4.05 14.29
C ALA D 326 53.19 -3.49 15.71
N GLY D 327 54.41 -3.25 16.21
CA GLY D 327 54.63 -2.71 17.54
C GLY D 327 54.66 -1.19 17.60
N ALA D 328 55.24 -0.58 16.57
CA ALA D 328 55.50 0.87 16.52
C ALA D 328 54.23 1.72 16.53
N THR D 329 53.24 1.30 15.75
CA THR D 329 52.01 2.06 15.53
C THR D 329 51.33 2.40 16.85
N VAL D 330 51.14 1.37 17.67
CA VAL D 330 50.46 1.49 18.95
C VAL D 330 51.08 2.58 19.83
N GLU D 331 52.41 2.63 19.85
CA GLU D 331 53.13 3.68 20.58
C GLU D 331 52.95 5.02 19.84
N TRP D 332 53.05 4.99 18.52
CA TRP D 332 52.94 6.21 17.71
C TRP D 332 51.63 6.95 17.95
N MET D 333 50.54 6.21 18.10
CA MET D 333 49.23 6.80 18.38
C MET D 333 49.23 7.42 19.78
N ARG D 334 49.57 6.59 20.76
CA ARG D 334 49.86 7.01 22.13
C ARG D 334 50.65 8.32 22.13
N ARG D 335 51.78 8.29 21.44
CA ARG D 335 52.86 9.26 21.56
C ARG D 335 52.72 10.50 20.68
N ASN D 336 52.22 10.33 19.46
CA ASN D 336 52.29 11.38 18.45
C ASN D 336 51.00 12.11 18.07
N MET D 337 49.85 11.57 18.46
CA MET D 337 48.57 12.18 18.13
C MET D 337 47.70 12.42 19.37
N ASN D 338 48.25 12.16 20.55
CA ASN D 338 47.49 12.14 21.81
C ASN D 338 46.24 11.27 21.73
N LEU D 339 46.19 10.39 20.73
CA LEU D 339 45.03 9.54 20.49
C LEU D 339 44.52 8.90 21.78
N PHE D 340 45.44 8.40 22.60
CA PHE D 340 45.09 7.94 23.95
C PHE D 340 46.23 8.08 24.97
N SER D 341 45.98 7.65 26.21
CA SER D 341 47.00 7.60 27.25
C SER D 341 46.79 6.32 28.04
N HIS D 342 47.88 5.72 28.51
CA HIS D 342 47.87 4.41 29.18
C HIS D 342 47.41 3.31 28.23
N ILE D 343 48.30 2.36 27.96
CA ILE D 343 48.05 1.29 26.98
C ILE D 343 46.73 0.53 27.19
N THR D 344 46.26 0.51 28.44
CA THR D 344 45.05 -0.22 28.83
C THR D 344 43.74 0.33 28.20
N GLU D 345 43.63 1.66 28.13
CA GLU D 345 42.47 2.31 27.50
C GLU D 345 42.31 1.91 26.03
N CYS D 346 43.44 1.62 25.39
CA CYS D 346 43.47 1.09 24.03
C CYS D 346 43.03 -0.38 24.01
N GLU D 347 43.26 -1.10 25.11
CA GLU D 347 42.84 -2.51 25.18
C GLU D 347 41.30 -2.59 25.11
N LYS D 348 40.64 -2.17 26.18
CA LYS D 348 39.18 -2.25 26.24
C LYS D 348 38.46 -1.15 25.44
N LEU D 349 38.63 0.11 25.83
CA LEU D 349 37.79 1.19 25.29
C LEU D 349 37.83 1.31 23.77
N ALA D 350 39.03 1.21 23.18
CA ALA D 350 39.18 1.25 21.73
C ALA D 350 38.46 0.10 20.99
N ARG D 351 37.81 -0.78 21.74
CA ARG D 351 37.09 -1.92 21.17
C ARG D 351 35.59 -1.59 21.01
N SER D 352 35.14 -0.54 21.72
CA SER D 352 33.73 -0.11 21.76
C SER D 352 32.92 -0.28 20.46
N VAL D 353 33.47 0.20 19.34
CA VAL D 353 32.79 0.08 18.04
C VAL D 353 32.94 -1.32 17.44
N PRO D 354 31.86 -1.85 16.82
CA PRO D 354 31.86 -3.25 16.40
C PRO D 354 32.51 -3.45 15.04
N GLY D 355 33.83 -3.27 15.00
CA GLY D 355 34.56 -3.25 13.74
C GLY D 355 34.58 -1.87 13.11
N THR D 356 35.52 -1.65 12.19
CA THR D 356 35.60 -0.37 11.49
C THR D 356 34.40 -0.15 10.56
N GLN D 357 33.87 1.08 10.59
CA GLN D 357 32.77 1.49 9.71
C GLN D 357 33.32 1.99 8.36
N GLY D 358 34.12 1.14 7.72
CA GLY D 358 34.70 1.45 6.42
C GLY D 358 35.88 2.43 6.39
N ILE D 359 36.50 2.66 7.55
CA ILE D 359 37.69 3.51 7.67
C ILE D 359 38.97 2.69 7.76
N VAL D 360 39.65 2.49 6.63
CA VAL D 360 40.95 1.81 6.60
C VAL D 360 42.09 2.77 6.96
N PHE D 361 43.08 2.23 7.69
CA PHE D 361 44.25 2.97 8.12
C PHE D 361 45.52 2.15 7.91
N VAL D 362 46.20 2.40 6.81
CA VAL D 362 47.44 1.67 6.47
C VAL D 362 48.67 2.38 7.03
N PRO D 363 49.40 1.72 7.97
CA PRO D 363 50.54 2.30 8.66
C PRO D 363 51.87 2.16 7.92
N ALA D 364 51.90 2.58 6.65
CA ALA D 364 53.10 2.47 5.81
C ALA D 364 54.11 3.61 5.98
N PHE D 365 54.27 4.11 7.21
CA PHE D 365 55.20 5.23 7.47
C PHE D 365 56.57 5.00 6.87
N SER D 366 57.14 3.82 7.12
CA SER D 366 58.43 3.42 6.54
C SER D 366 58.26 2.79 5.16
N GLY D 367 57.09 3.02 4.54
CA GLY D 367 56.73 2.30 3.33
C GLY D 367 56.13 0.94 3.64
N LEU D 368 55.73 0.23 2.61
CA LEU D 368 55.15 -1.10 2.78
C LEU D 368 56.23 -2.15 3.00
N LEU D 369 56.19 -2.75 4.19
CA LEU D 369 56.99 -3.92 4.49
C LEU D 369 56.17 -5.12 4.05
N ALA D 370 55.81 -5.98 5.01
CA ALA D 370 55.00 -7.20 4.78
C ALA D 370 55.44 -7.99 3.52
N PRO D 371 54.51 -8.32 2.59
CA PRO D 371 54.90 -9.01 1.34
C PRO D 371 54.97 -8.13 0.08
N TYR D 372 54.10 -7.14 -0.02
CA TYR D 372 54.03 -6.24 -1.18
C TYR D 372 55.22 -5.29 -1.33
N TRP D 373 56.13 -5.32 -0.35
CA TRP D 373 57.30 -4.43 -0.29
C TRP D 373 57.37 -3.29 -1.32
N ASP D 374 56.77 -2.15 -0.98
CA ASP D 374 56.83 -0.93 -1.80
C ASP D 374 57.22 0.31 -0.98
N PRO D 375 58.44 0.84 -1.23
CA PRO D 375 59.01 1.88 -0.36
C PRO D 375 58.42 3.27 -0.58
N SER D 376 57.72 3.47 -1.70
CA SER D 376 57.04 4.72 -2.04
C SER D 376 55.71 4.92 -1.31
N ALA D 377 55.36 3.99 -0.41
CA ALA D 377 54.10 4.07 0.31
C ALA D 377 54.25 4.82 1.62
N ARG D 378 53.19 5.52 2.03
CA ARG D 378 53.20 6.26 3.30
C ARG D 378 51.92 6.05 4.11
N GLY D 379 52.00 6.32 5.42
CA GLY D 379 50.86 6.26 6.34
C GLY D 379 49.66 7.01 5.84
N THR D 380 48.47 6.41 6.00
CA THR D 380 47.28 6.82 5.25
C THR D 380 45.95 6.32 5.83
N ILE D 381 44.96 7.21 5.91
CA ILE D 381 43.62 6.86 6.37
C ILE D 381 42.55 7.32 5.40
N VAL D 382 41.56 6.45 5.18
CA VAL D 382 40.50 6.68 4.20
C VAL D 382 39.10 6.36 4.74
N GLY D 383 38.08 6.82 4.03
CA GLY D 383 36.69 6.53 4.36
C GLY D 383 36.07 7.27 5.54
N MET D 384 36.76 8.30 6.03
CA MET D 384 36.31 9.02 7.22
C MET D 384 35.09 9.89 6.96
N THR D 385 34.17 9.90 7.92
CA THR D 385 32.99 10.77 7.88
C THR D 385 32.99 11.62 9.15
N LEU D 386 31.91 12.36 9.41
CA LEU D 386 31.77 13.08 10.68
C LEU D 386 31.44 12.10 11.80
N LYS D 387 31.13 10.86 11.42
CA LYS D 387 30.93 9.79 12.38
C LYS D 387 32.28 9.25 12.92
N THR D 388 33.26 9.08 12.03
CA THR D 388 34.57 8.53 12.39
C THR D 388 35.17 9.15 13.66
N THR D 389 35.38 8.32 14.68
CA THR D 389 36.04 8.73 15.92
C THR D 389 37.35 7.96 16.09
N ARG D 390 38.16 8.36 17.08
CA ARG D 390 39.47 7.75 17.33
C ARG D 390 39.47 6.23 17.50
N ALA D 391 38.43 5.69 18.12
CA ALA D 391 38.33 4.25 18.36
C ALA D 391 38.31 3.43 17.07
N HIS D 392 37.65 3.96 16.02
CA HIS D 392 37.65 3.34 14.70
C HIS D 392 39.08 3.30 14.16
N VAL D 393 39.71 4.48 14.11
CA VAL D 393 41.08 4.66 13.59
C VAL D 393 42.09 3.74 14.28
N ILE D 394 41.92 3.58 15.60
CA ILE D 394 42.74 2.65 16.35
C ILE D 394 42.53 1.23 15.83
N ARG D 395 41.29 0.75 15.80
CA ARG D 395 41.04 -0.63 15.41
C ARG D 395 41.35 -0.88 13.94
N ALA D 396 41.43 0.21 13.17
CA ALA D 396 41.88 0.14 11.79
C ALA D 396 43.36 -0.23 11.73
N ALA D 397 44.15 0.38 12.64
CA ALA D 397 45.56 0.03 12.80
C ALA D 397 45.65 -1.44 13.15
N LEU D 398 44.82 -1.84 14.11
CA LEU D 398 44.77 -3.21 14.58
C LEU D 398 44.30 -4.15 13.48
N GLN D 399 43.29 -3.75 12.71
CA GLN D 399 42.93 -4.48 11.48
C GLN D 399 44.14 -4.58 10.55
N ALA D 400 44.67 -3.41 10.16
CA ALA D 400 45.86 -3.28 9.33
C ALA D 400 47.00 -4.20 9.78
N ILE D 401 47.21 -4.28 11.10
CA ILE D 401 48.18 -5.21 11.66
C ILE D 401 47.77 -6.65 11.37
N ALA D 402 46.49 -6.97 11.59
CA ALA D 402 45.97 -8.31 11.29
C ALA D 402 46.01 -8.60 9.80
N LEU D 403 45.75 -7.58 8.99
CA LEU D 403 45.73 -7.75 7.54
C LEU D 403 47.14 -7.87 6.93
N GLN D 404 48.11 -7.14 7.47
CA GLN D 404 49.49 -7.35 7.04
C GLN D 404 49.94 -8.73 7.51
N LEU D 405 49.43 -9.14 8.66
CA LEU D 405 49.60 -10.48 9.18
C LEU D 405 48.96 -11.50 8.22
N ASN D 406 47.63 -11.44 8.07
CA ASN D 406 46.91 -12.40 7.20
C ASN D 406 47.41 -12.43 5.77
N ASP D 407 47.79 -11.27 5.25
CA ASP D 407 48.31 -11.18 3.88
C ASP D 407 49.63 -11.92 3.75
N VAL D 408 50.56 -11.66 4.68
CA VAL D 408 51.82 -12.42 4.75
C VAL D 408 51.52 -13.92 4.71
N VAL D 409 50.63 -14.35 5.59
CA VAL D 409 50.17 -15.75 5.65
C VAL D 409 49.59 -16.23 4.31
N GLY D 410 48.66 -15.46 3.75
CA GLY D 410 47.99 -15.82 2.50
C GLY D 410 48.98 -16.02 1.37
N SER D 411 49.95 -15.14 1.31
CA SER D 411 51.00 -15.18 0.30
C SER D 411 52.08 -16.20 0.68
N MET D 412 52.00 -16.70 1.91
CA MET D 412 52.92 -17.73 2.39
C MET D 412 52.37 -19.09 2.01
N LYS D 413 51.05 -19.17 1.91
CA LYS D 413 50.34 -20.36 1.46
C LYS D 413 50.36 -20.47 -0.07
N ARG D 414 51.47 -20.06 -0.68
CA ARG D 414 51.59 -20.05 -2.16
C ARG D 414 53.03 -20.20 -2.66
N ASP D 415 54.01 -19.93 -1.80
CA ASP D 415 55.43 -20.05 -2.18
C ASP D 415 56.01 -21.42 -1.82
N ALA D 416 55.58 -21.95 -0.67
CA ALA D 416 55.96 -23.30 -0.25
C ALA D 416 54.77 -24.26 -0.34
N GLY D 417 53.59 -23.70 -0.65
CA GLY D 417 52.38 -24.48 -0.90
C GLY D 417 51.65 -24.89 0.37
N LEU D 418 52.40 -25.46 1.31
CA LEU D 418 51.87 -25.90 2.60
C LEU D 418 51.21 -24.74 3.34
N ASN D 419 50.09 -25.06 3.99
CA ASN D 419 49.41 -24.12 4.87
C ASN D 419 50.13 -24.06 6.24
N LEU D 420 49.46 -23.58 7.28
CA LEU D 420 50.12 -23.34 8.57
C LEU D 420 49.57 -24.15 9.73
N SER D 421 50.39 -25.07 10.26
CA SER D 421 50.03 -25.83 11.45
C SER D 421 49.29 -24.95 12.43
N SER D 422 49.97 -23.89 12.88
CA SER D 422 49.41 -22.87 13.76
C SER D 422 50.34 -21.67 13.77
N LEU D 423 49.99 -20.67 14.58
CA LEU D 423 50.83 -19.48 14.73
C LEU D 423 51.16 -19.22 16.20
N ARG D 424 52.40 -18.86 16.47
CA ARG D 424 52.84 -18.48 17.82
C ARG D 424 53.26 -17.02 17.89
N VAL D 425 52.79 -16.32 18.92
CA VAL D 425 53.12 -14.90 19.13
C VAL D 425 53.41 -14.58 20.59
N ASP D 426 54.32 -13.62 20.82
CA ASP D 426 54.50 -12.99 22.14
C ASP D 426 55.44 -11.79 22.08
N GLY D 427 55.47 -11.02 23.17
CA GLY D 427 56.33 -9.83 23.30
C GLY D 427 55.96 -9.00 24.52
N GLY D 428 55.73 -7.71 24.31
CA GLY D 428 55.09 -6.86 25.32
C GLY D 428 53.59 -7.11 25.29
N LEU D 429 53.20 -7.94 24.33
CA LEU D 429 51.82 -8.35 24.15
C LEU D 429 51.73 -9.86 23.99
N SER D 430 52.23 -10.58 24.99
CA SER D 430 52.05 -12.01 24.97
C SER D 430 50.97 -12.29 25.98
N LYS D 431 51.10 -11.65 27.12
CA LYS D 431 50.15 -11.81 28.21
C LYS D 431 48.99 -10.86 28.00
N ASN D 432 49.25 -9.91 27.10
CA ASN D 432 48.39 -8.78 26.83
C ASN D 432 47.09 -9.12 26.13
N GLY D 433 46.13 -8.22 26.30
CA GLY D 433 44.76 -8.32 25.84
C GLY D 433 44.10 -8.33 24.46
N LEU D 434 44.52 -7.51 23.50
CA LEU D 434 43.66 -7.40 22.32
C LEU D 434 44.20 -7.54 20.90
N LEU D 435 43.37 -7.99 19.98
CA LEU D 435 43.72 -8.02 18.56
C LEU D 435 44.32 -9.31 18.10
N MET D 436 44.79 -10.08 19.04
CA MET D 436 45.35 -11.35 18.73
C MET D 436 44.21 -12.11 18.14
N GLU D 437 43.06 -11.92 18.74
CA GLU D 437 41.82 -12.55 18.33
C GLU D 437 41.36 -11.98 17.03
N ILE D 438 41.48 -10.68 16.91
CA ILE D 438 41.24 -10.05 15.62
C ILE D 438 42.06 -10.78 14.54
N GLN D 439 43.33 -11.07 14.85
CA GLN D 439 44.22 -11.75 13.91
C GLN D 439 43.70 -13.14 13.52
N ALA D 440 43.61 -14.05 14.51
CA ALA D 440 43.21 -15.45 14.30
C ALA D 440 41.96 -15.63 13.45
N SER D 441 40.96 -14.78 13.73
CA SER D 441 39.73 -14.73 12.96
C SER D 441 40.01 -14.72 11.46
N LEU D 442 40.66 -13.66 10.98
CA LEU D 442 40.99 -13.50 9.57
C LEU D 442 42.00 -14.55 9.12
N LEU D 443 42.82 -15.00 10.07
CA LEU D 443 43.92 -15.92 9.76
C LEU D 443 43.49 -17.25 9.12
N GLY D 444 42.66 -18.00 9.84
CA GLY D 444 42.21 -19.32 9.37
C GLY D 444 42.92 -20.46 10.06
N VAL D 445 44.15 -20.23 10.49
CA VAL D 445 44.89 -21.20 11.29
C VAL D 445 44.76 -20.85 12.80
N ASP D 446 45.31 -21.70 13.65
CA ASP D 446 45.30 -21.46 15.09
C ASP D 446 46.26 -20.34 15.48
N ILE D 447 46.10 -19.78 16.68
CA ILE D 447 47.00 -18.75 17.18
C ILE D 447 47.39 -18.97 18.64
N LEU D 448 48.65 -19.31 18.86
CA LEU D 448 49.19 -19.70 20.16
C LEU D 448 50.09 -18.64 20.80
N VAL D 449 49.89 -18.40 22.09
CA VAL D 449 50.72 -17.46 22.85
C VAL D 449 51.36 -18.21 24.03
N PRO D 450 52.70 -18.09 24.18
CA PRO D 450 53.33 -18.58 25.39
C PRO D 450 53.23 -17.57 26.53
N SER D 451 53.03 -18.06 27.76
CA SER D 451 53.04 -17.20 28.94
C SER D 451 54.46 -16.66 29.19
N MET D 452 55.45 -17.44 28.76
CA MET D 452 56.87 -17.13 28.96
C MET D 452 57.37 -16.02 28.01
N HIS D 453 58.37 -15.28 28.48
CA HIS D 453 58.89 -14.10 27.79
C HIS D 453 60.16 -14.40 26.99
N GLU D 454 60.83 -15.50 27.35
CA GLU D 454 62.21 -15.72 26.94
C GLU D 454 62.42 -16.85 25.92
N THR D 455 61.42 -17.10 25.07
CA THR D 455 61.54 -18.12 24.03
C THR D 455 62.53 -17.73 22.92
N THR D 456 62.91 -16.46 22.86
CA THR D 456 63.93 -16.05 21.91
C THR D 456 65.30 -16.51 22.40
N ALA D 457 65.59 -16.26 23.68
CA ALA D 457 66.83 -16.71 24.26
C ALA D 457 66.77 -18.21 24.57
N LEU D 458 65.62 -18.82 24.30
CA LEU D 458 65.45 -20.25 24.47
C LEU D 458 66.00 -20.99 23.26
N GLY D 459 66.02 -20.32 22.11
CA GLY D 459 66.58 -20.88 20.91
C GLY D 459 67.99 -21.31 21.19
N ALA D 460 68.83 -20.36 21.57
CA ALA D 460 70.26 -20.63 21.74
C ALA D 460 70.53 -21.49 22.98
N ALA D 461 69.54 -21.58 23.86
CA ALA D 461 69.65 -22.43 25.05
C ALA D 461 69.43 -23.88 24.66
N LEU D 462 68.40 -24.12 23.85
CA LEU D 462 68.03 -25.47 23.47
C LEU D 462 69.06 -26.03 22.50
N CYS D 463 69.51 -25.20 21.57
CA CYS D 463 70.56 -25.53 20.63
C CYS D 463 71.80 -26.02 21.37
N ALA D 464 72.47 -25.11 22.08
CA ALA D 464 73.62 -25.46 22.93
C ALA D 464 73.34 -26.67 23.84
N GLY D 465 72.19 -26.66 24.50
CA GLY D 465 71.76 -27.70 25.42
C GLY D 465 71.70 -29.08 24.80
N LEU D 466 71.27 -29.15 23.55
CA LEU D 466 71.32 -30.39 22.79
C LEU D 466 72.76 -30.78 22.53
N ALA D 467 73.58 -29.84 22.06
CA ALA D 467 74.96 -30.13 21.75
C ALA D 467 75.71 -30.69 22.96
N ALA D 468 75.32 -30.24 24.16
CA ALA D 468 76.03 -30.61 25.37
C ALA D 468 75.42 -31.80 26.15
N GLY D 469 74.18 -32.15 25.81
CA GLY D 469 73.51 -33.30 26.42
C GLY D 469 72.62 -32.99 27.62
N VAL D 470 72.14 -31.75 27.70
CA VAL D 470 71.15 -31.37 28.73
C VAL D 470 69.80 -32.02 28.38
N TRP D 471 69.40 -31.84 27.11
CA TRP D 471 68.30 -32.57 26.49
C TRP D 471 68.93 -33.37 25.36
N THR D 472 68.21 -34.39 24.88
CA THR D 472 68.86 -35.40 24.03
C THR D 472 68.34 -35.49 22.59
N SER D 473 67.10 -35.07 22.37
CA SER D 473 66.56 -34.98 21.02
C SER D 473 65.57 -33.83 20.97
N LEU D 474 65.06 -33.54 19.77
CA LEU D 474 63.96 -32.57 19.65
C LEU D 474 62.75 -33.02 20.46
N GLU D 475 62.52 -34.33 20.52
CA GLU D 475 61.38 -34.91 21.23
C GLU D 475 61.36 -34.57 22.73
N GLU D 476 62.49 -34.77 23.40
CA GLU D 476 62.61 -34.44 24.81
C GLU D 476 62.36 -32.94 25.01
N VAL D 477 62.85 -32.13 24.07
CA VAL D 477 62.68 -30.68 24.06
C VAL D 477 61.20 -30.26 24.01
N LYS D 478 60.41 -30.87 23.12
CA LYS D 478 58.99 -30.53 22.99
C LYS D 478 58.17 -30.92 24.22
N ALA D 479 58.54 -32.04 24.86
CA ALA D 479 57.79 -32.58 26.01
C ALA D 479 57.91 -31.68 27.24
N VAL D 480 59.14 -31.42 27.65
CA VAL D 480 59.43 -30.44 28.71
C VAL D 480 58.81 -29.07 28.36
N SER D 481 58.72 -28.74 27.08
CA SER D 481 58.12 -27.49 26.68
C SER D 481 56.60 -27.51 26.84
N ARG D 482 55.99 -28.67 26.60
CA ARG D 482 54.55 -28.86 26.76
C ARG D 482 54.20 -28.95 28.25
N ARG D 483 55.10 -29.57 29.02
CA ARG D 483 54.88 -29.80 30.44
C ARG D 483 54.96 -28.51 31.25
N GLU D 484 56.19 -28.02 31.44
CA GLU D 484 56.48 -26.91 32.36
C GLU D 484 55.90 -25.57 31.91
N ASN D 485 56.42 -25.05 30.80
CA ASN D 485 56.00 -23.75 30.32
C ASN D 485 54.59 -23.85 29.75
N SER D 486 53.67 -23.07 30.32
CA SER D 486 52.26 -23.14 29.94
C SER D 486 51.99 -22.59 28.54
N TRP D 487 51.08 -23.26 27.84
CA TRP D 487 50.70 -22.91 26.48
C TRP D 487 49.25 -22.44 26.37
N LYS D 488 49.09 -21.14 26.12
CA LYS D 488 47.77 -20.54 25.93
C LYS D 488 47.36 -20.67 24.46
N THR D 489 46.32 -21.45 24.18
CA THR D 489 45.82 -21.67 22.81
C THR D 489 44.55 -20.87 22.51
N VAL D 490 44.61 -20.00 21.50
CA VAL D 490 43.43 -19.24 21.05
C VAL D 490 42.95 -19.69 19.66
N SER D 491 41.68 -20.11 19.60
CA SER D 491 41.02 -20.45 18.33
C SER D 491 40.35 -19.21 17.72
N PRO D 492 40.21 -19.18 16.39
CA PRO D 492 39.36 -18.14 15.77
C PRO D 492 37.86 -18.33 16.08
N SER D 493 37.22 -17.28 16.57
CA SER D 493 35.77 -17.30 16.85
C SER D 493 34.99 -16.76 15.67
N GLY D 494 35.66 -15.98 14.83
CA GLY D 494 35.03 -15.37 13.66
C GLY D 494 34.82 -16.35 12.52
N SER D 495 33.66 -16.22 11.86
CA SER D 495 33.26 -17.12 10.77
C SER D 495 33.77 -16.63 9.42
N ALA D 496 32.90 -15.95 8.66
CA ALA D 496 33.26 -15.42 7.35
C ALA D 496 32.55 -14.09 7.06
N MET D 497 31.56 -13.72 7.87
CA MET D 497 30.67 -12.59 7.61
C MET D 497 31.37 -11.24 7.34
N GLU D 498 31.72 -10.53 8.40
CA GLU D 498 32.42 -9.25 8.30
C GLU D 498 33.84 -9.46 7.79
N ARG D 499 34.30 -10.70 7.86
CA ARG D 499 35.64 -11.10 7.44
C ARG D 499 35.83 -10.93 5.95
N GLU D 500 34.78 -11.15 5.17
CA GLU D 500 34.80 -10.90 3.73
C GLU D 500 34.94 -9.39 3.44
N ALA D 501 34.31 -8.58 4.31
CA ALA D 501 34.35 -7.12 4.19
C ALA D 501 35.70 -6.51 4.59
N MET D 502 36.41 -7.21 5.49
CA MET D 502 37.81 -6.89 5.80
C MET D 502 38.70 -7.35 4.65
N ILE D 503 38.46 -8.59 4.21
CA ILE D 503 39.04 -9.13 2.98
C ILE D 503 38.90 -8.05 1.91
N ALA D 504 37.69 -7.47 1.80
CA ALA D 504 37.40 -6.36 0.87
C ALA D 504 38.23 -5.10 1.17
N GLU D 505 37.69 -4.21 2.02
CA GLU D 505 38.35 -2.98 2.45
C GLU D 505 39.84 -2.88 2.15
N TRP D 506 40.62 -3.81 2.70
CA TRP D 506 42.07 -3.71 2.77
C TRP D 506 42.77 -3.55 1.43
N ARG D 507 42.56 -4.47 0.50
CA ARG D 507 43.30 -4.46 -0.77
C ARG D 507 42.85 -3.32 -1.68
N GLU D 508 41.76 -2.67 -1.30
CA GLU D 508 41.32 -1.48 -1.99
C GLU D 508 42.25 -0.32 -1.67
N ALA D 509 42.56 -0.15 -0.39
CA ALA D 509 43.35 0.98 0.09
C ALA D 509 44.82 0.97 -0.34
N LEU D 510 45.36 -0.22 -0.63
CA LEU D 510 46.73 -0.31 -1.13
C LEU D 510 46.90 0.36 -2.50
N LYS D 511 45.78 0.69 -3.14
CA LYS D 511 45.77 1.54 -4.33
C LYS D 511 46.11 2.96 -3.95
N ARG D 512 45.76 3.34 -2.72
CA ARG D 512 45.85 4.72 -2.25
C ARG D 512 47.08 5.06 -1.40
N THR D 513 47.98 4.11 -1.18
CA THR D 513 49.13 4.33 -0.28
C THR D 513 50.37 4.93 -0.94
N LYS D 514 50.43 4.91 -2.27
CA LYS D 514 51.56 5.51 -2.99
C LYS D 514 51.63 7.01 -2.73
N TRP D 515 52.79 7.56 -2.53
CA TRP D 515 52.81 8.97 -2.25
C TRP D 515 54.11 9.64 -2.28
N ALA D 516 55.07 9.15 -3.02
CA ALA D 516 56.41 9.70 -2.91
C ALA D 516 57.05 9.81 -4.23
N LYS D 517 58.17 10.51 -4.26
CA LYS D 517 58.96 10.73 -5.46
C LYS D 517 58.20 11.51 -6.51
#